data_5SDM
#
_entry.id   5SDM
#
_cell.length_a   101.009
_cell.length_b   117.089
_cell.length_c   147.927
_cell.angle_alpha   90.000
_cell.angle_beta   90.000
_cell.angle_gamma   90.000
#
_symmetry.space_group_name_H-M   'P 21 21 21'
#
loop_
_entity.id
_entity.type
_entity.pdbx_description
1 polymer 'Asp/Glu-specific dipeptidyl-peptidase'
2 non-polymer N-(cyclopropylmethyl)-2,2,3,3-tetramethylazetidine-1-carboxamide
3 non-polymer 'CHLORIDE ION'
4 water water
#
_entity_poly.entity_id   1
_entity_poly.type   'polypeptide(L)'
_entity_poly.pdbx_seq_one_letter_code
;MDEGMWLMQQLGRKYAQMKERGLKMKEYDLYNPNGTSLKDAVVLFDGGCTGEVVSDRGLVLTNHHCGYDMIQAHSTLEHN
YLENGFWAMREADELPNKDISVVFIDKIEDVTDYVKKELKAIKDPNSMDYLSPKYLQKLADKKAGKNFSAKNPGLSVEIK
AFYGGNLYLMFTKKTYTDVRLVGAPPSSIGKFGADTDNWIWPRHTGDFSIFRIYADKNGNPAPYSEDNVPLKPKRFFNIS
LGGVQENDYAMIMGFPGTTHRYFTASEVDEWKSIDNDIRIRMRDIRQGVMLREMLADPQIKIMYSAKYAASQNAYKRAIG
ANWAIKTRGLRQNKQAMQDRLIAWGAKQGTPRYEEAVHEIDATVAKRADLRRRYWMIEEGIIRGIEFARSPIPTEDETKA
LQGNDASARKEAIDKIRTRYSKFANKDYSAEVDKKVAVAMLTEYLKEIPYENLPLHLRLVKDRFAGDVQAYVDDIFARSV
FGSEAQFDAFAAVPSVEKLAEDPMVLFASSVFDEYRKLYNELRPYDDPILRAQRTYIAGLLEMDGDQDQFPDANLTLRFT
YGQVKGYSPRDNVYYGHQTTLDGVMEKEDPDNWEFVVDPKLKAVYERKDFGRYADRSGRMPVAFCATTHTTGGNSGSPVM
NANGELIGLNFDRNWEGVGGDIQYLADYQRSIIVDIRYVLLVIDKVGGCQRLLDEMNIVPAHHHHHH
;
_entity_poly.pdbx_strand_id   A,B
#
# COMPACT_ATOMS: atom_id res chain seq x y z
N ASP A 2 -10.33 6.74 -27.11
CA ASP A 2 -10.87 5.75 -28.05
C ASP A 2 -12.33 5.36 -27.80
N GLU A 3 -12.69 4.72 -26.64
CA GLU A 3 -14.07 4.26 -26.37
C GLU A 3 -15.14 5.30 -26.60
N GLY A 4 -14.89 6.54 -26.17
CA GLY A 4 -15.74 7.64 -26.57
C GLY A 4 -16.67 8.36 -25.63
N MET A 5 -16.69 9.66 -25.83
CA MET A 5 -17.61 10.58 -25.18
C MET A 5 -18.33 11.21 -26.34
N TRP A 6 -19.45 10.59 -26.69
CA TRP A 6 -20.18 10.91 -27.89
C TRP A 6 -21.17 12.04 -27.80
N LEU A 7 -21.26 12.82 -28.87
CA LEU A 7 -22.29 13.86 -29.02
C LEU A 7 -23.67 13.19 -29.04
N MET A 8 -24.71 13.89 -28.59
CA MET A 8 -26.07 13.32 -28.61
C MET A 8 -26.50 12.98 -30.06
N GLN A 9 -26.07 13.81 -31.04
CA GLN A 9 -26.30 13.63 -32.49
C GLN A 9 -25.73 12.31 -33.01
N GLN A 10 -24.65 11.81 -32.37
CA GLN A 10 -23.99 10.58 -32.77
C GLN A 10 -24.72 9.31 -32.25
N LEU A 11 -25.79 9.46 -31.44
CA LEU A 11 -26.56 8.31 -30.97
C LEU A 11 -27.11 7.46 -32.12
N GLY A 12 -27.66 8.09 -33.16
CA GLY A 12 -28.17 7.38 -34.32
C GLY A 12 -27.19 6.41 -34.96
N ARG A 13 -25.97 6.86 -35.22
CA ARG A 13 -24.95 6.01 -35.83
C ARG A 13 -24.25 5.05 -34.82
N LYS A 14 -24.47 5.22 -33.50
CA LYS A 14 -23.92 4.28 -32.50
C LYS A 14 -24.96 3.26 -32.01
N TYR A 15 -26.25 3.56 -32.21
CA TYR A 15 -27.38 2.79 -31.70
C TYR A 15 -27.26 1.28 -31.93
N ALA A 16 -26.99 0.85 -33.17
CA ALA A 16 -26.86 -0.58 -33.48
C ALA A 16 -25.73 -1.25 -32.68
N GLN A 17 -24.57 -0.58 -32.49
CA GLN A 17 -23.47 -1.11 -31.67
C GLN A 17 -23.91 -1.22 -30.21
N MET A 18 -24.62 -0.20 -29.72
CA MET A 18 -25.09 -0.19 -28.34
C MET A 18 -26.10 -1.31 -28.09
N LYS A 19 -26.98 -1.57 -29.07
CA LYS A 19 -27.98 -2.63 -29.02
C LYS A 19 -27.27 -3.98 -28.98
N GLU A 20 -26.25 -4.19 -29.84
CA GLU A 20 -25.45 -5.42 -29.88
C GLU A 20 -24.69 -5.62 -28.56
N ARG A 21 -24.31 -4.53 -27.86
CA ARG A 21 -23.66 -4.62 -26.56
C ARG A 21 -24.65 -4.77 -25.38
N GLY A 22 -25.95 -4.75 -25.65
CA GLY A 22 -26.94 -4.98 -24.61
C GLY A 22 -28.05 -3.97 -24.42
N LEU A 23 -27.96 -2.78 -25.03
CA LEU A 23 -29.00 -1.74 -24.89
C LEU A 23 -30.37 -2.22 -25.38
N LYS A 24 -31.41 -2.08 -24.53
CA LYS A 24 -32.76 -2.51 -24.82
C LYS A 24 -33.75 -1.37 -25.09
N MET A 25 -33.44 -0.14 -24.64
CA MET A 25 -34.39 0.96 -24.82
C MET A 25 -34.42 1.47 -26.27
N LYS A 26 -35.57 2.07 -26.68
CA LYS A 26 -35.69 2.64 -28.01
C LYS A 26 -34.79 3.88 -28.11
N GLU A 27 -34.18 4.13 -29.28
CA GLU A 27 -33.26 5.24 -29.50
C GLU A 27 -33.79 6.59 -29.03
N TYR A 28 -35.01 6.92 -29.42
CA TYR A 28 -35.64 8.21 -29.12
C TYR A 28 -36.11 8.35 -27.66
N ASP A 29 -36.17 7.25 -26.91
CA ASP A 29 -36.47 7.33 -25.47
C ASP A 29 -35.20 7.79 -24.70
N LEU A 30 -34.00 7.58 -25.27
CA LEU A 30 -32.74 8.00 -24.67
C LEU A 30 -32.43 9.43 -25.12
N TYR A 31 -32.56 9.70 -26.43
CA TYR A 31 -32.38 11.04 -26.99
C TYR A 31 -33.19 11.27 -28.26
N ASN A 32 -34.05 12.27 -28.22
CA ASN A 32 -34.86 12.67 -29.36
C ASN A 32 -34.64 14.18 -29.53
N PRO A 33 -34.09 14.60 -30.68
CA PRO A 33 -33.93 16.06 -30.88
C PRO A 33 -35.26 16.83 -30.98
N ASN A 34 -36.35 16.13 -31.33
CA ASN A 34 -37.66 16.77 -31.47
C ASN A 34 -38.70 16.28 -30.44
N GLY A 35 -38.27 16.01 -29.21
CA GLY A 35 -39.20 15.53 -28.18
C GLY A 35 -38.59 15.20 -26.84
N THR A 36 -39.41 14.73 -25.90
CA THR A 36 -38.94 14.38 -24.56
C THR A 36 -38.20 13.05 -24.59
N SER A 37 -37.06 13.01 -23.91
CA SER A 37 -36.22 11.81 -23.80
C SER A 37 -35.51 11.84 -22.44
N LEU A 38 -34.80 10.75 -22.12
CA LEU A 38 -34.03 10.60 -20.87
C LEU A 38 -32.95 11.69 -20.70
N LYS A 39 -32.47 12.24 -21.82
CA LYS A 39 -31.54 13.37 -21.85
C LYS A 39 -32.12 14.58 -21.06
N ASP A 40 -33.46 14.73 -21.06
CA ASP A 40 -34.12 15.82 -20.35
C ASP A 40 -34.06 15.71 -18.83
N ALA A 41 -33.65 14.56 -18.31
CA ALA A 41 -33.52 14.37 -16.87
C ALA A 41 -32.06 14.58 -16.38
N VAL A 42 -31.13 14.99 -17.28
CA VAL A 42 -29.73 15.20 -16.96
C VAL A 42 -29.48 16.69 -16.81
N VAL A 43 -28.75 17.09 -15.75
CA VAL A 43 -28.43 18.49 -15.54
C VAL A 43 -26.95 18.70 -15.33
N LEU A 44 -26.49 19.93 -15.62
CA LEU A 44 -25.15 20.36 -15.28
C LEU A 44 -25.39 20.96 -13.88
N PHE A 45 -24.83 20.34 -12.86
CA PHE A 45 -24.99 20.73 -11.47
C PHE A 45 -23.88 21.70 -11.06
N ASP A 46 -24.28 22.93 -10.71
CA ASP A 46 -23.41 23.98 -10.21
C ASP A 46 -22.16 24.25 -11.07
N GLY A 47 -22.36 24.35 -12.38
CA GLY A 47 -21.29 24.68 -13.32
C GLY A 47 -20.16 23.71 -13.57
N GLY A 48 -20.10 22.60 -12.85
CA GLY A 48 -19.03 21.63 -13.03
C GLY A 48 -19.49 20.19 -13.09
N CYS A 49 -20.20 19.77 -12.05
CA CYS A 49 -20.71 18.43 -11.84
C CYS A 49 -21.90 18.09 -12.75
N THR A 50 -22.28 16.83 -12.75
CA THR A 50 -23.47 16.37 -13.41
C THR A 50 -24.46 15.99 -12.30
N GLY A 51 -25.74 16.08 -12.61
CA GLY A 51 -26.82 15.66 -11.74
C GLY A 51 -27.93 15.02 -12.53
N GLU A 52 -28.94 14.50 -11.84
CA GLU A 52 -30.07 13.86 -12.51
C GLU A 52 -31.35 13.99 -11.71
N VAL A 53 -32.46 14.27 -12.42
CA VAL A 53 -33.78 14.40 -11.83
C VAL A 53 -34.34 12.98 -11.65
N VAL A 54 -34.78 12.66 -10.42
CA VAL A 54 -35.26 11.34 -10.04
C VAL A 54 -36.72 11.31 -9.52
N SER A 55 -37.49 12.38 -9.72
CA SER A 55 -38.91 12.39 -9.32
C SER A 55 -39.71 13.45 -10.10
N ASP A 56 -41.05 13.31 -10.13
CA ASP A 56 -41.93 14.30 -10.76
C ASP A 56 -42.05 15.61 -9.93
N ARG A 57 -41.35 15.70 -8.79
CA ARG A 57 -41.29 16.90 -8.00
C ARG A 57 -39.88 17.54 -7.97
N GLY A 58 -39.09 17.30 -9.02
CA GLY A 58 -37.78 17.93 -9.17
C GLY A 58 -36.65 17.53 -8.25
N LEU A 59 -36.73 16.34 -7.63
CA LEU A 59 -35.66 15.84 -6.78
C LEU A 59 -34.45 15.52 -7.68
N VAL A 60 -33.26 15.90 -7.25
CA VAL A 60 -32.02 15.72 -8.00
C VAL A 60 -30.98 14.97 -7.18
N LEU A 61 -30.33 13.97 -7.79
CA LEU A 61 -29.22 13.30 -7.15
C LEU A 61 -27.92 13.77 -7.82
N THR A 62 -26.88 13.95 -7.03
CA THR A 62 -25.53 14.25 -7.49
C THR A 62 -24.55 13.62 -6.45
N ASN A 63 -23.24 13.86 -6.56
CA ASN A 63 -22.29 13.35 -5.60
C ASN A 63 -22.32 14.18 -4.32
N HIS A 64 -21.78 13.61 -3.24
CA HIS A 64 -21.61 14.29 -1.97
C HIS A 64 -20.54 15.35 -2.18
N HIS A 65 -19.45 15.03 -2.92
CA HIS A 65 -18.41 16.03 -3.18
C HIS A 65 -18.88 17.16 -4.09
N CYS A 66 -19.97 16.98 -4.83
CA CYS A 66 -20.56 18.01 -5.68
C CYS A 66 -21.43 18.97 -4.85
N GLY A 67 -22.14 18.42 -3.86
CA GLY A 67 -22.96 19.23 -2.97
C GLY A 67 -22.29 19.61 -1.65
N TYR A 68 -21.00 19.27 -1.50
CA TYR A 68 -20.18 19.52 -0.33
C TYR A 68 -20.23 21.00 0.17
N ASP A 69 -20.01 21.98 -0.72
CA ASP A 69 -20.04 23.40 -0.35
C ASP A 69 -21.39 23.82 0.23
N MET A 70 -22.51 23.33 -0.34
CA MET A 70 -23.83 23.68 0.16
C MET A 70 -24.10 23.03 1.52
N ILE A 71 -23.60 21.80 1.73
CA ILE A 71 -23.75 21.11 3.02
C ILE A 71 -22.95 21.83 4.10
N GLN A 72 -21.74 22.30 3.74
CA GLN A 72 -20.82 23.04 4.61
C GLN A 72 -21.36 24.45 4.95
N ALA A 73 -21.91 25.19 3.97
CA ALA A 73 -22.46 26.52 4.18
C ALA A 73 -23.68 26.52 5.13
N HIS A 74 -24.42 25.42 5.16
CA HIS A 74 -25.56 25.29 6.08
C HIS A 74 -25.19 24.65 7.42
N SER A 75 -23.92 24.25 7.60
CA SER A 75 -23.46 23.60 8.83
C SER A 75 -22.97 24.62 9.86
N THR A 76 -23.33 24.39 11.12
CA THR A 76 -22.93 25.16 12.31
C THR A 76 -22.51 24.16 13.41
N LEU A 77 -21.97 24.64 14.56
CA LEU A 77 -21.62 23.74 15.67
C LEU A 77 -22.89 23.05 16.21
N GLU A 78 -24.04 23.72 16.20
CA GLU A 78 -25.31 23.18 16.68
C GLU A 78 -25.94 22.18 15.71
N HIS A 79 -25.79 22.41 14.41
CA HIS A 79 -26.31 21.48 13.40
C HIS A 79 -25.23 21.21 12.35
N ASN A 80 -24.31 20.29 12.67
CA ASN A 80 -23.23 20.00 11.75
C ASN A 80 -23.69 18.97 10.73
N TYR A 81 -24.21 19.44 9.60
CA TYR A 81 -24.70 18.57 8.54
C TYR A 81 -23.56 17.88 7.81
N LEU A 82 -22.38 18.50 7.73
CA LEU A 82 -21.23 17.89 7.07
C LEU A 82 -20.83 16.60 7.79
N GLU A 83 -20.81 16.63 9.13
CA GLU A 83 -20.42 15.51 9.98
C GLU A 83 -21.53 14.48 10.23
N ASN A 84 -22.78 14.94 10.37
CA ASN A 84 -23.86 14.03 10.74
C ASN A 84 -24.89 13.71 9.66
N GLY A 85 -24.80 14.40 8.53
CA GLY A 85 -25.77 14.28 7.45
C GLY A 85 -26.91 15.27 7.64
N PHE A 86 -27.79 15.36 6.65
CA PHE A 86 -28.94 16.26 6.71
C PHE A 86 -30.10 15.56 6.02
N TRP A 87 -31.27 15.57 6.64
CA TRP A 87 -32.45 14.93 6.06
C TRP A 87 -33.69 15.75 6.33
N ALA A 88 -34.10 16.61 5.38
CA ALA A 88 -35.29 17.44 5.56
C ALA A 88 -36.50 16.53 5.57
N MET A 89 -37.28 16.53 6.69
CA MET A 89 -38.43 15.63 6.80
C MET A 89 -39.71 16.15 6.10
N ARG A 90 -39.66 17.36 5.56
CA ARG A 90 -40.74 17.96 4.77
C ARG A 90 -40.11 18.90 3.74
N GLU A 91 -40.80 19.14 2.63
CA GLU A 91 -40.34 20.03 1.57
C GLU A 91 -40.00 21.43 2.06
N ALA A 92 -40.79 21.95 3.01
CA ALA A 92 -40.57 23.26 3.61
C ALA A 92 -39.26 23.35 4.41
N ASP A 93 -38.73 22.20 4.85
CA ASP A 93 -37.46 22.13 5.58
C ASP A 93 -36.22 22.09 4.69
N GLU A 94 -36.40 22.02 3.36
CA GLU A 94 -35.28 22.00 2.43
C GLU A 94 -34.61 23.37 2.37
N LEU A 95 -33.27 23.38 2.49
CA LEU A 95 -32.49 24.60 2.61
C LEU A 95 -32.09 25.24 1.29
N PRO A 96 -32.41 26.52 1.09
CA PRO A 96 -32.00 27.20 -0.15
C PRO A 96 -30.50 27.45 -0.18
N ASN A 97 -29.93 27.60 -1.37
CA ASN A 97 -28.49 27.82 -1.51
C ASN A 97 -28.21 29.04 -2.36
N LYS A 98 -27.35 29.95 -1.88
CA LYS A 98 -26.98 31.11 -2.67
C LYS A 98 -25.94 30.67 -3.71
N ASP A 99 -26.02 31.25 -4.93
CA ASP A 99 -25.09 31.01 -6.04
C ASP A 99 -25.08 29.58 -6.60
N ILE A 100 -26.22 28.91 -6.55
CA ILE A 100 -26.34 27.56 -7.11
C ILE A 100 -27.11 27.62 -8.44
N SER A 101 -26.89 26.61 -9.28
CA SER A 101 -27.62 26.50 -10.53
C SER A 101 -27.68 25.06 -11.03
N VAL A 102 -28.70 24.79 -11.82
CA VAL A 102 -28.84 23.53 -12.51
C VAL A 102 -29.18 23.90 -13.95
N VAL A 103 -28.48 23.27 -14.88
CA VAL A 103 -28.70 23.56 -16.29
C VAL A 103 -29.26 22.36 -17.06
N PHE A 104 -30.43 22.54 -17.68
CA PHE A 104 -30.99 21.52 -18.54
C PHE A 104 -30.58 21.82 -19.98
N ILE A 105 -30.33 20.78 -20.78
CA ILE A 105 -30.00 20.96 -22.19
C ILE A 105 -31.29 20.73 -22.98
N ASP A 106 -32.07 21.80 -23.15
CA ASP A 106 -33.37 21.80 -23.81
C ASP A 106 -33.35 21.34 -25.26
N LYS A 107 -32.47 21.93 -26.07
CA LYS A 107 -32.30 21.58 -27.47
C LYS A 107 -30.81 21.60 -27.83
N ILE A 108 -30.41 20.81 -28.81
CA ILE A 108 -29.06 20.77 -29.36
C ILE A 108 -29.24 20.79 -30.88
N GLU A 109 -28.53 21.67 -31.56
CA GLU A 109 -28.66 21.81 -33.01
C GLU A 109 -27.30 21.84 -33.66
N ASP A 110 -27.12 21.12 -34.78
CA ASP A 110 -25.90 21.23 -35.55
C ASP A 110 -25.97 22.55 -36.35
N VAL A 111 -25.06 23.49 -36.07
CA VAL A 111 -25.02 24.77 -36.78
C VAL A 111 -23.72 24.95 -37.58
N THR A 112 -23.06 23.84 -37.97
CA THR A 112 -21.79 23.86 -38.68
C THR A 112 -21.82 24.68 -39.97
N ASP A 113 -22.79 24.41 -40.88
CA ASP A 113 -22.91 25.15 -42.15
C ASP A 113 -23.07 26.64 -41.91
N TYR A 114 -23.90 27.02 -40.93
CA TYR A 114 -24.13 28.42 -40.54
C TYR A 114 -22.84 29.08 -40.06
N VAL A 115 -22.15 28.47 -39.07
CA VAL A 115 -20.91 29.05 -38.54
C VAL A 115 -19.83 29.13 -39.63
N LYS A 116 -19.68 28.06 -40.42
CA LYS A 116 -18.70 28.05 -41.51
C LYS A 116 -19.00 29.09 -42.61
N LYS A 117 -20.30 29.40 -42.87
CA LYS A 117 -20.64 30.43 -43.83
C LYS A 117 -20.30 31.81 -43.25
N GLU A 118 -20.58 32.02 -41.94
CA GLU A 118 -20.27 33.30 -41.27
C GLU A 118 -18.77 33.54 -41.21
N LEU A 119 -17.99 32.46 -41.01
CA LEU A 119 -16.53 32.51 -40.94
C LEU A 119 -15.87 32.85 -42.27
N LYS A 120 -16.53 32.52 -43.40
CA LYS A 120 -16.03 32.84 -44.74
C LYS A 120 -15.79 34.35 -44.95
N ALA A 121 -16.35 35.21 -44.08
CA ALA A 121 -16.15 36.66 -44.12
C ALA A 121 -14.83 36.98 -43.38
N ILE A 122 -13.77 36.24 -43.77
CA ILE A 122 -12.38 36.24 -43.31
C ILE A 122 -11.63 37.54 -43.62
N LYS A 123 -11.28 38.28 -42.59
CA LYS A 123 -10.44 39.46 -42.75
C LYS A 123 -8.94 39.03 -42.68
N ASP A 124 -8.65 37.96 -41.90
CA ASP A 124 -7.36 37.37 -41.61
C ASP A 124 -7.52 35.83 -41.62
N PRO A 125 -6.79 35.10 -42.47
CA PRO A 125 -6.90 33.63 -42.46
C PRO A 125 -6.39 33.00 -41.15
N ASN A 126 -5.55 33.73 -40.41
CA ASN A 126 -5.00 33.34 -39.12
C ASN A 126 -5.88 33.71 -37.92
N SER A 127 -7.09 34.23 -38.16
CA SER A 127 -8.05 34.64 -37.13
C SER A 127 -8.45 33.48 -36.21
N MET A 128 -8.49 33.76 -34.90
CA MET A 128 -8.94 32.77 -33.91
C MET A 128 -10.42 32.93 -33.53
N ASP A 129 -11.20 33.71 -34.31
CA ASP A 129 -12.62 33.94 -34.07
C ASP A 129 -13.43 32.64 -34.12
N TYR A 130 -12.99 31.68 -34.94
CA TYR A 130 -13.65 30.38 -35.05
C TYR A 130 -13.69 29.59 -33.70
N LEU A 131 -12.86 29.99 -32.71
CA LEU A 131 -12.84 29.39 -31.36
C LEU A 131 -13.19 30.40 -30.26
N SER A 132 -13.48 31.65 -30.62
CA SER A 132 -13.76 32.72 -29.69
C SER A 132 -15.16 32.64 -29.13
N PRO A 133 -15.29 32.57 -27.79
CA PRO A 133 -16.64 32.58 -27.18
C PRO A 133 -17.42 33.86 -27.50
N LYS A 134 -16.71 35.00 -27.61
CA LYS A 134 -17.35 36.28 -27.95
C LYS A 134 -17.91 36.22 -29.38
N TYR A 135 -17.09 35.78 -30.35
CA TYR A 135 -17.54 35.68 -31.72
C TYR A 135 -18.71 34.69 -31.85
N LEU A 136 -18.55 33.48 -31.30
CA LEU A 136 -19.57 32.45 -31.37
C LEU A 136 -20.88 32.86 -30.67
N GLN A 137 -20.78 33.65 -29.57
CA GLN A 137 -21.98 34.16 -28.89
C GLN A 137 -22.72 35.16 -29.77
N LYS A 138 -21.98 35.98 -30.54
CA LYS A 138 -22.57 36.91 -31.50
C LYS A 138 -23.38 36.13 -32.54
N LEU A 139 -22.85 34.96 -33.00
CA LEU A 139 -23.55 34.12 -33.97
C LEU A 139 -24.75 33.41 -33.36
N ALA A 140 -24.64 33.02 -32.09
CA ALA A 140 -25.71 32.36 -31.36
C ALA A 140 -26.91 33.33 -31.18
N ASP A 141 -26.64 34.59 -30.76
CA ASP A 141 -27.66 35.63 -30.57
C ASP A 141 -28.31 36.00 -31.91
N LYS A 142 -27.51 36.09 -32.97
CA LYS A 142 -28.00 36.41 -34.30
C LYS A 142 -28.98 35.33 -34.77
N LYS A 143 -28.66 34.06 -34.53
CA LYS A 143 -29.53 32.96 -34.93
C LYS A 143 -30.79 32.86 -34.04
N ALA A 144 -30.64 33.02 -32.71
CA ALA A 144 -31.76 32.93 -31.77
C ALA A 144 -32.78 34.06 -31.97
N GLY A 145 -32.31 35.26 -32.31
CA GLY A 145 -33.18 36.40 -32.54
C GLY A 145 -32.98 37.55 -31.57
N LYS A 146 -33.57 38.73 -31.90
CA LYS A 146 -33.49 39.93 -31.08
C LYS A 146 -34.29 39.75 -29.77
N ASN A 147 -33.60 40.00 -28.63
CA ASN A 147 -34.15 39.85 -27.27
C ASN A 147 -34.72 38.44 -27.00
N PHE A 148 -33.94 37.38 -27.29
CA PHE A 148 -34.35 35.98 -27.08
C PHE A 148 -34.51 35.68 -25.58
N SER A 149 -33.62 36.25 -24.75
CA SER A 149 -33.62 36.07 -23.30
C SER A 149 -34.88 36.65 -22.68
N ALA A 150 -35.36 37.79 -23.21
CA ALA A 150 -36.57 38.44 -22.70
C ALA A 150 -37.80 37.72 -23.20
N LYS A 151 -37.80 37.28 -24.47
CA LYS A 151 -38.92 36.54 -25.08
C LYS A 151 -39.10 35.15 -24.49
N ASN A 152 -38.02 34.54 -23.99
CA ASN A 152 -38.03 33.21 -23.38
C ASN A 152 -37.28 33.26 -22.04
N PRO A 153 -37.92 33.74 -20.95
CA PRO A 153 -37.21 33.81 -19.66
C PRO A 153 -36.77 32.44 -19.14
N GLY A 154 -35.54 32.37 -18.66
CA GLY A 154 -34.97 31.12 -18.19
C GLY A 154 -34.13 30.41 -19.23
N LEU A 155 -34.36 30.68 -20.52
CA LEU A 155 -33.63 30.09 -21.62
C LEU A 155 -32.43 30.94 -22.07
N SER A 156 -31.41 30.28 -22.63
CA SER A 156 -30.21 30.92 -23.18
C SER A 156 -29.61 30.04 -24.27
N VAL A 157 -28.90 30.67 -25.20
CA VAL A 157 -28.33 29.97 -26.35
C VAL A 157 -26.78 30.06 -26.34
N GLU A 158 -26.08 28.98 -26.72
CA GLU A 158 -24.63 28.96 -26.74
C GLU A 158 -24.13 28.12 -27.90
N ILE A 159 -23.13 28.62 -28.65
CA ILE A 159 -22.53 27.85 -29.73
C ILE A 159 -21.13 27.42 -29.28
N LYS A 160 -20.78 26.14 -29.48
CA LYS A 160 -19.47 25.63 -29.14
C LYS A 160 -18.84 24.97 -30.37
N ALA A 161 -17.51 25.06 -30.47
CA ALA A 161 -16.73 24.40 -31.50
C ALA A 161 -16.39 22.97 -31.01
N PHE A 162 -16.34 22.04 -31.96
CA PHE A 162 -16.04 20.64 -31.72
C PHE A 162 -15.07 20.20 -32.79
N TYR A 163 -14.32 19.11 -32.51
CA TYR A 163 -13.38 18.55 -33.49
C TYR A 163 -12.38 19.61 -33.97
N GLY A 164 -11.89 20.45 -33.06
CA GLY A 164 -10.95 21.52 -33.37
C GLY A 164 -11.47 22.61 -34.31
N GLY A 165 -12.78 22.82 -34.34
CA GLY A 165 -13.39 23.82 -35.20
C GLY A 165 -13.98 23.27 -36.48
N ASN A 166 -14.19 21.94 -36.56
CA ASN A 166 -14.79 21.33 -37.77
C ASN A 166 -16.30 21.05 -37.64
N LEU A 167 -16.84 21.19 -36.44
CA LEU A 167 -18.25 20.98 -36.19
C LEU A 167 -18.69 21.97 -35.12
N TYR A 168 -19.89 22.54 -35.26
CA TYR A 168 -20.41 23.50 -34.29
C TYR A 168 -21.80 23.10 -33.89
N LEU A 169 -22.11 23.18 -32.58
CA LEU A 169 -23.43 22.88 -32.08
C LEU A 169 -23.96 24.08 -31.29
N MET A 170 -25.25 24.37 -31.42
CA MET A 170 -25.93 25.39 -30.64
C MET A 170 -26.74 24.68 -29.58
N PHE A 171 -26.61 25.12 -28.35
CA PHE A 171 -27.32 24.52 -27.23
C PHE A 171 -28.31 25.53 -26.72
N THR A 172 -29.54 25.08 -26.49
CA THR A 172 -30.55 25.91 -25.87
C THR A 172 -30.63 25.38 -24.45
N LYS A 173 -30.28 26.20 -23.48
CA LYS A 173 -30.20 25.81 -22.08
C LYS A 173 -31.27 26.45 -21.24
N LYS A 174 -31.78 25.70 -20.27
CA LYS A 174 -32.75 26.20 -19.33
C LYS A 174 -32.08 26.13 -17.96
N THR A 175 -31.91 27.27 -17.30
CA THR A 175 -31.20 27.32 -16.03
C THR A 175 -32.11 27.66 -14.87
N TYR A 176 -32.01 26.89 -13.77
CA TYR A 176 -32.79 27.13 -12.55
C TYR A 176 -31.81 27.49 -11.44
N THR A 177 -32.10 28.55 -10.69
CA THR A 177 -31.18 28.99 -9.63
C THR A 177 -31.73 28.80 -8.22
N ASP A 178 -32.94 28.24 -8.07
CA ASP A 178 -33.47 27.94 -6.74
C ASP A 178 -33.33 26.42 -6.59
N VAL A 179 -32.19 25.96 -6.08
CA VAL A 179 -31.94 24.52 -5.95
C VAL A 179 -31.62 24.26 -4.47
N ARG A 180 -32.55 23.59 -3.79
CA ARG A 180 -32.47 23.40 -2.35
C ARG A 180 -31.90 22.08 -1.87
N LEU A 181 -31.13 22.11 -0.77
CA LEU A 181 -30.55 20.94 -0.16
C LEU A 181 -31.64 20.14 0.51
N VAL A 182 -31.76 18.87 0.12
CA VAL A 182 -32.79 17.94 0.58
C VAL A 182 -32.26 16.87 1.49
N GLY A 183 -31.10 16.33 1.13
CA GLY A 183 -30.51 15.25 1.90
C GLY A 183 -29.05 15.02 1.62
N ALA A 184 -28.34 14.51 2.60
CA ALA A 184 -26.94 14.18 2.48
C ALA A 184 -26.59 13.19 3.56
N PRO A 185 -25.79 12.17 3.20
CA PRO A 185 -25.32 11.25 4.25
C PRO A 185 -24.23 11.97 5.07
N PRO A 186 -23.87 11.42 6.25
CA PRO A 186 -22.73 12.01 6.98
C PRO A 186 -21.45 11.88 6.14
N SER A 187 -20.46 12.74 6.42
CA SER A 187 -19.19 12.68 5.67
C SER A 187 -18.50 11.33 5.77
N SER A 188 -18.72 10.60 6.88
CA SER A 188 -18.12 9.28 7.07
C SER A 188 -18.56 8.28 5.97
N ILE A 189 -19.74 8.52 5.33
CA ILE A 189 -20.25 7.72 4.22
C ILE A 189 -19.96 8.44 2.87
N GLY A 190 -20.34 9.73 2.78
CA GLY A 190 -20.21 10.56 1.59
C GLY A 190 -18.80 10.69 1.05
N LYS A 191 -17.82 10.69 1.94
CA LYS A 191 -16.40 10.71 1.60
C LYS A 191 -15.61 9.69 2.42
N PHE A 192 -16.11 8.44 2.55
CA PHE A 192 -15.49 7.35 3.31
C PHE A 192 -13.99 7.13 3.07
N GLY A 193 -13.56 6.96 1.83
CA GLY A 193 -12.13 6.77 1.59
C GLY A 193 -11.30 8.01 1.88
N ALA A 194 -11.95 9.18 1.74
CA ALA A 194 -11.42 10.53 1.86
C ALA A 194 -10.23 10.68 0.86
N ASP A 195 -9.02 11.20 1.20
CA ASP A 195 -7.95 11.33 0.23
C ASP A 195 -7.19 10.04 0.01
N THR A 196 -7.12 9.14 1.01
CA THR A 196 -6.42 7.85 0.88
C THR A 196 -6.95 7.02 -0.30
N ASP A 197 -8.28 7.01 -0.49
CA ASP A 197 -8.91 6.28 -1.56
C ASP A 197 -9.24 7.11 -2.81
N ASN A 198 -8.75 8.36 -2.92
CA ASN A 198 -8.97 9.14 -4.15
C ASN A 198 -8.28 8.44 -5.33
N TRP A 199 -9.00 8.31 -6.46
CA TRP A 199 -8.53 7.59 -7.66
C TRP A 199 -8.34 6.09 -7.41
N ILE A 200 -8.92 5.53 -6.33
CA ILE A 200 -8.71 4.13 -6.00
C ILE A 200 -9.92 3.24 -6.26
N TRP A 201 -9.67 2.11 -6.90
CA TRP A 201 -10.58 0.99 -7.02
C TRP A 201 -9.81 -0.21 -6.41
N PRO A 202 -10.40 -1.06 -5.53
CA PRO A 202 -11.78 -1.04 -5.00
C PRO A 202 -12.11 0.22 -4.23
N ARG A 203 -13.39 0.61 -4.24
CA ARG A 203 -13.83 1.82 -3.60
C ARG A 203 -15.09 1.54 -2.77
N HIS A 204 -15.19 2.14 -1.57
CA HIS A 204 -16.33 1.87 -0.67
C HIS A 204 -17.07 3.13 -0.22
N THR A 205 -17.06 4.16 -1.05
CA THR A 205 -17.60 5.50 -0.75
C THR A 205 -19.05 5.71 -1.21
N GLY A 206 -19.92 6.13 -0.30
CA GLY A 206 -21.33 6.45 -0.59
C GLY A 206 -21.47 7.88 -1.07
N ASP A 207 -20.77 8.20 -2.15
CA ASP A 207 -20.65 9.55 -2.68
C ASP A 207 -21.91 10.08 -3.38
N PHE A 208 -22.89 10.50 -2.57
CA PHE A 208 -24.13 11.09 -3.06
C PHE A 208 -24.65 12.21 -2.13
N SER A 209 -25.46 13.11 -2.69
CA SER A 209 -26.21 14.16 -2.00
C SER A 209 -27.48 14.43 -2.81
N ILE A 210 -28.49 15.02 -2.17
CA ILE A 210 -29.82 15.19 -2.74
C ILE A 210 -30.28 16.63 -2.69
N PHE A 211 -30.71 17.14 -3.83
CA PHE A 211 -31.20 18.49 -3.97
C PHE A 211 -32.61 18.48 -4.58
N ARG A 212 -33.24 19.65 -4.71
CA ARG A 212 -34.55 19.76 -5.34
C ARG A 212 -34.60 21.07 -6.08
N ILE A 213 -34.99 20.99 -7.35
CA ILE A 213 -35.15 22.19 -8.16
C ILE A 213 -36.50 22.81 -7.85
N TYR A 214 -36.50 24.12 -7.59
CA TYR A 214 -37.70 24.92 -7.35
C TYR A 214 -37.84 25.89 -8.52
N ALA A 215 -39.07 26.31 -8.78
CA ALA A 215 -39.41 27.19 -9.89
C ALA A 215 -40.71 28.02 -9.54
N ASP A 216 -41.15 28.94 -10.43
CA ASP A 216 -42.39 29.68 -10.19
C ASP A 216 -43.59 28.73 -10.43
N LYS A 217 -44.83 29.23 -10.23
CA LYS A 217 -46.09 28.48 -10.39
C LYS A 217 -46.21 27.77 -11.75
N ASN A 218 -45.54 28.30 -12.80
CA ASN A 218 -45.61 27.67 -14.12
C ASN A 218 -44.43 26.78 -14.46
N GLY A 219 -43.59 26.46 -13.47
CA GLY A 219 -42.40 25.64 -13.70
C GLY A 219 -41.29 26.35 -14.45
N ASN A 220 -41.32 27.69 -14.47
CA ASN A 220 -40.33 28.51 -15.16
C ASN A 220 -39.24 28.91 -14.18
N PRO A 221 -38.00 29.05 -14.66
CA PRO A 221 -36.90 29.46 -13.77
C PRO A 221 -37.18 30.75 -13.00
N ALA A 222 -36.80 30.74 -11.73
CA ALA A 222 -37.00 31.88 -10.86
C ALA A 222 -35.94 31.85 -9.77
N PRO A 223 -35.38 33.01 -9.40
CA PRO A 223 -34.41 33.02 -8.28
C PRO A 223 -35.10 32.65 -6.96
N TYR A 224 -34.32 32.41 -5.87
CA TYR A 224 -34.93 32.06 -4.58
C TYR A 224 -36.07 33.03 -4.16
N SER A 225 -37.21 32.44 -3.82
CA SER A 225 -38.40 33.12 -3.34
C SER A 225 -39.16 32.12 -2.48
N GLU A 226 -39.68 32.59 -1.33
CA GLU A 226 -40.48 31.74 -0.44
C GLU A 226 -41.77 31.22 -1.12
N ASP A 227 -42.20 31.86 -2.22
CA ASP A 227 -43.38 31.47 -2.99
C ASP A 227 -43.04 30.41 -4.08
N ASN A 228 -41.77 30.00 -4.21
CA ASN A 228 -41.40 29.01 -5.22
C ASN A 228 -41.90 27.63 -4.87
N VAL A 229 -42.28 26.89 -5.89
CA VAL A 229 -42.87 25.57 -5.83
C VAL A 229 -41.92 24.57 -6.51
N PRO A 230 -41.79 23.31 -6.02
CA PRO A 230 -40.92 22.33 -6.69
C PRO A 230 -41.25 22.18 -8.17
N LEU A 231 -40.21 22.00 -9.00
CA LEU A 231 -40.39 21.88 -10.43
C LEU A 231 -41.00 20.54 -10.81
N LYS A 232 -42.02 20.55 -11.67
CA LYS A 232 -42.57 19.31 -12.20
C LYS A 232 -41.81 19.16 -13.52
N PRO A 233 -40.85 18.23 -13.63
CA PRO A 233 -40.03 18.16 -14.84
C PRO A 233 -40.66 17.39 -16.00
N LYS A 234 -40.10 17.59 -17.20
CA LYS A 234 -40.46 16.92 -18.45
C LYS A 234 -40.21 15.42 -18.35
N ARG A 235 -39.11 15.04 -17.68
CA ARG A 235 -38.65 13.67 -17.58
C ARG A 235 -37.81 13.48 -16.33
N PHE A 236 -37.90 12.29 -15.74
CA PHE A 236 -37.09 11.92 -14.58
C PHE A 236 -36.69 10.44 -14.71
N PHE A 237 -35.60 10.04 -14.04
CA PHE A 237 -35.13 8.66 -14.11
C PHE A 237 -35.92 7.75 -13.19
N ASN A 238 -36.23 6.54 -13.66
CA ASN A 238 -36.77 5.52 -12.77
C ASN A 238 -35.55 4.90 -12.07
N ILE A 239 -35.73 4.50 -10.81
CA ILE A 239 -34.64 3.87 -10.05
C ILE A 239 -34.77 2.37 -10.21
N SER A 240 -33.69 1.67 -10.56
CA SER A 240 -33.74 0.21 -10.63
C SER A 240 -33.27 -0.40 -9.32
N LEU A 241 -33.93 -1.47 -8.89
CA LEU A 241 -33.44 -2.23 -7.75
C LEU A 241 -32.88 -3.63 -8.17
N GLY A 242 -32.86 -3.91 -9.47
CA GLY A 242 -32.37 -5.16 -10.04
C GLY A 242 -30.86 -5.34 -9.93
N GLY A 243 -30.16 -4.28 -9.59
CA GLY A 243 -28.72 -4.33 -9.41
C GLY A 243 -27.90 -4.51 -10.67
N VAL A 244 -26.66 -4.95 -10.49
CA VAL A 244 -25.74 -5.16 -11.60
C VAL A 244 -25.07 -6.52 -11.45
N GLN A 245 -24.66 -7.04 -12.57
CA GLN A 245 -23.93 -8.29 -12.69
C GLN A 245 -22.73 -8.04 -13.58
N GLU A 246 -21.68 -8.87 -13.46
CA GLU A 246 -20.50 -8.76 -14.33
C GLU A 246 -20.95 -8.90 -15.81
N ASN A 247 -20.44 -8.00 -16.66
CA ASN A 247 -20.72 -7.93 -18.10
C ASN A 247 -22.03 -7.22 -18.45
N ASP A 248 -22.77 -6.71 -17.46
CA ASP A 248 -24.01 -5.97 -17.77
C ASP A 248 -23.70 -4.72 -18.52
N TYR A 249 -24.59 -4.35 -19.44
CA TYR A 249 -24.47 -3.12 -20.18
C TYR A 249 -24.69 -1.94 -19.22
N ALA A 250 -23.87 -0.91 -19.36
CA ALA A 250 -24.05 0.30 -18.58
C ALA A 250 -23.77 1.52 -19.48
N MET A 251 -24.46 2.63 -19.22
CA MET A 251 -24.23 3.85 -19.98
C MET A 251 -24.36 5.08 -19.11
N ILE A 252 -23.67 6.14 -19.48
CA ILE A 252 -23.65 7.38 -18.72
C ILE A 252 -23.91 8.58 -19.63
N MET A 253 -24.60 9.60 -19.12
CA MET A 253 -24.72 10.89 -19.74
C MET A 253 -24.14 11.89 -18.74
N GLY A 254 -23.41 12.86 -19.23
CA GLY A 254 -22.80 13.87 -18.37
C GLY A 254 -22.06 14.94 -19.13
N PHE A 255 -21.28 15.73 -18.40
CA PHE A 255 -20.59 16.86 -19.01
C PHE A 255 -19.06 16.74 -18.84
N PRO A 256 -18.39 15.79 -19.54
CA PRO A 256 -16.92 15.72 -19.41
C PRO A 256 -16.27 17.02 -19.88
N GLY A 257 -15.31 17.47 -19.11
CA GLY A 257 -14.67 18.75 -19.32
C GLY A 257 -13.67 18.80 -20.43
N THR A 258 -12.56 18.05 -20.32
CA THR A 258 -11.50 18.12 -21.31
C THR A 258 -10.84 16.77 -21.58
N THR A 259 -10.45 16.54 -22.83
CA THR A 259 -9.65 15.36 -23.19
C THR A 259 -8.60 15.87 -24.20
N HIS A 260 -7.60 15.05 -24.53
CA HIS A 260 -6.59 15.39 -25.51
C HIS A 260 -6.38 14.19 -26.43
N ARG A 261 -7.47 13.73 -27.04
CA ARG A 261 -7.49 12.57 -27.91
C ARG A 261 -6.76 12.76 -29.25
N TYR A 262 -6.50 14.02 -29.63
CA TYR A 262 -5.83 14.30 -30.90
C TYR A 262 -4.46 14.92 -30.72
N PHE A 263 -3.81 14.64 -29.59
CA PHE A 263 -2.43 15.06 -29.33
C PHE A 263 -1.53 14.39 -30.35
N THR A 264 -0.48 15.08 -30.80
CA THR A 264 0.53 14.44 -31.63
C THR A 264 1.48 13.66 -30.67
N ALA A 265 2.39 12.85 -31.22
CA ALA A 265 3.37 12.13 -30.40
C ALA A 265 4.26 13.12 -29.67
N SER A 266 4.63 14.26 -30.32
CA SER A 266 5.45 15.30 -29.69
C SER A 266 4.74 15.97 -28.49
N GLU A 267 3.41 16.09 -28.54
CA GLU A 267 2.63 16.66 -27.44
C GLU A 267 2.55 15.68 -26.26
N VAL A 268 2.49 14.35 -26.54
CA VAL A 268 2.54 13.32 -25.50
C VAL A 268 3.92 13.41 -24.80
N ASP A 269 5.01 13.54 -25.59
CA ASP A 269 6.35 13.64 -25.03
C ASP A 269 6.51 14.86 -24.15
N GLU A 270 5.95 15.97 -24.59
CA GLU A 270 5.96 17.22 -23.85
C GLU A 270 5.19 17.10 -22.54
N TRP A 271 3.98 16.51 -22.57
CA TRP A 271 3.13 16.31 -21.40
C TRP A 271 3.87 15.47 -20.34
N LYS A 272 4.57 14.43 -20.78
CA LYS A 272 5.36 13.58 -19.91
C LYS A 272 6.61 14.33 -19.37
N SER A 273 7.51 14.76 -20.27
CA SER A 273 8.83 15.29 -19.93
C SER A 273 8.84 16.66 -19.30
N ILE A 274 7.79 17.45 -19.52
CA ILE A 274 7.71 18.78 -18.93
C ILE A 274 6.61 18.80 -17.87
N ASP A 275 5.33 18.83 -18.28
CA ASP A 275 4.19 18.98 -17.40
C ASP A 275 4.21 18.02 -16.23
N ASN A 276 4.23 16.71 -16.52
CA ASN A 276 4.14 15.67 -15.51
C ASN A 276 5.42 15.49 -14.72
N ASP A 277 6.59 15.38 -15.38
CA ASP A 277 7.84 15.20 -14.62
C ASP A 277 8.13 16.35 -13.66
N ILE A 278 7.84 17.61 -14.06
CA ILE A 278 8.07 18.76 -13.17
C ILE A 278 7.07 18.77 -12.01
N ARG A 279 5.77 18.57 -12.31
CA ARG A 279 4.76 18.52 -11.25
C ARG A 279 5.08 17.38 -10.23
N ILE A 280 5.51 16.22 -10.74
CA ILE A 280 5.87 15.08 -9.90
C ILE A 280 7.07 15.40 -9.01
N ARG A 281 8.17 15.86 -9.62
CA ARG A 281 9.38 16.17 -8.90
C ARG A 281 9.17 17.29 -7.88
N MET A 282 8.57 18.43 -8.30
CA MET A 282 8.37 19.56 -7.39
C MET A 282 7.40 19.28 -6.27
N ARG A 283 6.27 18.60 -6.57
CA ARG A 283 5.31 18.27 -5.51
C ARG A 283 5.84 17.23 -4.57
N ASP A 284 6.67 16.29 -5.04
CA ASP A 284 7.25 15.30 -4.13
C ASP A 284 8.19 16.00 -3.11
N ILE A 285 8.96 17.01 -3.57
CA ILE A 285 9.82 17.78 -2.65
C ILE A 285 8.97 18.54 -1.63
N ARG A 286 7.95 19.25 -2.11
CA ARG A 286 7.05 20.06 -1.28
C ARG A 286 6.32 19.19 -0.23
N GLN A 287 5.70 18.10 -0.68
CA GLN A 287 4.96 17.13 0.14
C GLN A 287 5.87 16.44 1.16
N GLY A 288 7.08 16.07 0.76
CA GLY A 288 8.03 15.45 1.68
C GLY A 288 8.38 16.32 2.88
N VAL A 289 8.63 17.62 2.65
CA VAL A 289 8.96 18.53 3.77
C VAL A 289 7.72 18.73 4.64
N MET A 290 6.58 18.97 4.00
CA MET A 290 5.29 19.19 4.65
C MET A 290 4.91 17.99 5.55
N LEU A 291 5.05 16.77 5.03
CA LEU A 291 4.75 15.55 5.77
C LEU A 291 5.68 15.36 6.97
N ARG A 292 7.01 15.61 6.80
CA ARG A 292 7.94 15.53 7.93
C ARG A 292 7.56 16.48 9.05
N GLU A 293 7.12 17.70 8.70
CA GLU A 293 6.74 18.71 9.70
C GLU A 293 5.42 18.40 10.36
N MET A 294 4.47 17.87 9.58
CA MET A 294 3.16 17.46 10.10
C MET A 294 3.30 16.29 11.08
N LEU A 295 4.18 15.31 10.77
CA LEU A 295 4.38 14.14 11.65
C LEU A 295 5.11 14.50 12.96
N ALA A 296 5.95 15.54 12.94
CA ALA A 296 6.70 15.98 14.12
C ALA A 296 5.92 16.88 15.07
N ASP A 297 4.90 17.57 14.56
CA ASP A 297 4.13 18.51 15.37
C ASP A 297 2.64 18.37 15.06
N PRO A 298 1.83 17.92 16.04
CA PRO A 298 0.39 17.75 15.79
C PRO A 298 -0.35 19.05 15.46
N GLN A 299 0.19 20.20 15.89
CA GLN A 299 -0.40 21.48 15.53
C GLN A 299 -0.10 21.78 14.04
N ILE A 300 1.08 21.40 13.52
CA ILE A 300 1.42 21.57 12.09
C ILE A 300 0.53 20.66 11.22
N LYS A 301 0.24 19.45 11.71
CA LYS A 301 -0.65 18.52 11.00
C LYS A 301 -2.05 19.16 10.80
N ILE A 302 -2.55 19.87 11.83
CA ILE A 302 -3.84 20.53 11.74
C ILE A 302 -3.82 21.68 10.72
N MET A 303 -2.79 22.52 10.78
CA MET A 303 -2.66 23.66 9.87
C MET A 303 -2.39 23.27 8.41
N TYR A 304 -1.67 22.19 8.15
CA TYR A 304 -1.23 21.85 6.80
C TYR A 304 -1.91 20.65 6.13
N SER A 305 -2.86 19.96 6.80
CA SER A 305 -3.50 18.78 6.20
C SER A 305 -4.23 19.05 4.91
N ALA A 306 -4.99 20.12 4.85
CA ALA A 306 -5.74 20.46 3.65
C ALA A 306 -4.78 20.88 2.52
N LYS A 307 -3.71 21.67 2.83
CA LYS A 307 -2.73 22.07 1.82
C LYS A 307 -1.99 20.86 1.25
N TYR A 308 -1.66 19.91 2.13
CA TYR A 308 -0.98 18.69 1.75
C TYR A 308 -1.89 17.87 0.82
N ALA A 309 -3.17 17.67 1.24
CA ALA A 309 -4.17 16.91 0.48
C ALA A 309 -4.42 17.54 -0.89
N ALA A 310 -4.55 18.88 -0.96
CA ALA A 310 -4.77 19.60 -2.21
C ALA A 310 -3.59 19.42 -3.19
N SER A 311 -2.36 19.32 -2.69
CA SER A 311 -1.19 19.14 -3.55
C SER A 311 -1.14 17.70 -4.08
N GLN A 312 -1.48 16.73 -3.23
CA GLN A 312 -1.46 15.31 -3.57
C GLN A 312 -2.42 14.94 -4.68
N ASN A 313 -3.58 15.62 -4.79
CA ASN A 313 -4.56 15.23 -5.80
C ASN A 313 -4.02 15.22 -7.28
N ALA A 314 -3.48 16.36 -7.77
CA ALA A 314 -2.91 16.37 -9.13
C ALA A 314 -1.56 15.66 -9.19
N TYR A 315 -0.85 15.51 -8.05
CA TYR A 315 0.38 14.74 -7.98
C TYR A 315 0.06 13.27 -8.33
N LYS A 316 -0.98 12.70 -7.70
CA LYS A 316 -1.39 11.33 -7.99
C LYS A 316 -1.83 11.17 -9.44
N ARG A 317 -2.54 12.17 -9.98
CA ARG A 317 -2.99 12.15 -11.36
C ARG A 317 -1.80 12.07 -12.32
N ALA A 318 -0.77 12.92 -12.09
CA ALA A 318 0.43 12.97 -12.93
C ALA A 318 1.20 11.64 -12.89
N ILE A 319 1.26 10.99 -11.70
CA ILE A 319 1.88 9.66 -11.52
C ILE A 319 1.12 8.62 -12.37
N GLY A 320 -0.22 8.64 -12.29
CA GLY A 320 -1.04 7.72 -13.06
C GLY A 320 -0.91 7.94 -14.56
N ALA A 321 -0.83 9.20 -14.97
CA ALA A 321 -0.73 9.57 -16.40
C ALA A 321 0.61 9.12 -16.95
N ASN A 322 1.70 9.35 -16.20
CA ASN A 322 3.04 8.94 -16.60
C ASN A 322 3.18 7.41 -16.62
N TRP A 323 2.44 6.70 -15.77
CA TRP A 323 2.44 5.24 -15.80
C TRP A 323 1.86 4.76 -17.15
N ALA A 324 0.78 5.39 -17.62
CA ALA A 324 0.17 5.04 -18.92
C ALA A 324 1.12 5.37 -20.08
N ILE A 325 1.81 6.52 -20.03
CA ILE A 325 2.74 6.91 -21.10
C ILE A 325 3.87 5.89 -21.17
N LYS A 326 4.40 5.49 -20.02
CA LYS A 326 5.49 4.52 -19.93
C LYS A 326 5.10 3.08 -20.33
N THR A 327 3.90 2.64 -19.93
CA THR A 327 3.53 1.22 -20.13
C THR A 327 2.43 0.91 -21.16
N ARG A 328 1.58 1.87 -21.53
CA ARG A 328 0.44 1.58 -22.43
C ARG A 328 0.60 2.05 -23.87
N GLY A 329 1.79 2.49 -24.23
CA GLY A 329 2.11 2.91 -25.58
C GLY A 329 1.35 4.12 -26.09
N LEU A 330 1.18 5.18 -25.24
CA LEU A 330 0.40 6.35 -25.68
C LEU A 330 1.11 7.12 -26.76
N ARG A 331 2.41 7.33 -26.61
CA ARG A 331 3.18 8.08 -27.60
C ARG A 331 3.19 7.36 -28.94
N GLN A 332 3.41 6.04 -28.91
CA GLN A 332 3.48 5.18 -30.09
C GLN A 332 2.16 5.18 -30.84
N ASN A 333 1.04 5.13 -30.12
CA ASN A 333 -0.27 5.11 -30.77
C ASN A 333 -0.63 6.47 -31.37
N LYS A 334 -0.10 7.58 -30.81
CA LYS A 334 -0.34 8.89 -31.46
C LYS A 334 0.51 9.01 -32.72
N GLN A 335 1.75 8.48 -32.68
CA GLN A 335 2.66 8.44 -33.81
C GLN A 335 2.04 7.62 -34.94
N ALA A 336 1.43 6.45 -34.62
CA ALA A 336 0.81 5.61 -35.65
C ALA A 336 -0.39 6.32 -36.28
N MET A 337 -1.16 7.06 -35.47
CA MET A 337 -2.33 7.80 -35.92
C MET A 337 -1.93 8.89 -36.91
N GLN A 338 -0.90 9.69 -36.56
CA GLN A 338 -0.44 10.76 -37.46
C GLN A 338 0.25 10.21 -38.70
N ASP A 339 1.02 9.10 -38.59
CA ASP A 339 1.70 8.50 -39.75
C ASP A 339 0.70 7.93 -40.75
N ARG A 340 -0.41 7.37 -40.26
CA ARG A 340 -1.48 6.83 -41.10
C ARG A 340 -2.16 7.98 -41.88
N LEU A 341 -2.43 9.12 -41.20
CA LEU A 341 -3.02 10.26 -41.89
C LEU A 341 -2.08 10.83 -42.96
N ILE A 342 -0.76 10.91 -42.64
CA ILE A 342 0.26 11.42 -43.54
C ILE A 342 0.39 10.56 -44.80
N ALA A 343 0.33 9.23 -44.64
CA ALA A 343 0.40 8.30 -45.77
C ALA A 343 -0.83 8.43 -46.66
N TRP A 344 -2.01 8.61 -46.04
CA TRP A 344 -3.26 8.76 -46.76
C TRP A 344 -3.31 10.09 -47.51
N GLY A 345 -2.78 11.14 -46.87
CA GLY A 345 -2.68 12.48 -47.46
C GLY A 345 -1.81 12.45 -48.70
N ALA A 346 -0.69 11.70 -48.64
CA ALA A 346 0.24 11.54 -49.76
C ALA A 346 -0.42 10.84 -50.97
N LYS A 347 -1.33 9.87 -50.71
CA LYS A 347 -2.07 9.18 -51.75
C LYS A 347 -3.18 10.07 -52.35
N GLN A 348 -3.85 10.88 -51.51
CA GLN A 348 -4.87 11.82 -51.99
C GLN A 348 -4.26 13.04 -52.73
N GLY A 349 -2.93 13.20 -52.69
CA GLY A 349 -2.25 14.34 -53.28
C GLY A 349 -2.46 15.61 -52.47
N THR A 350 -2.80 15.49 -51.17
CA THR A 350 -3.06 16.63 -50.29
C THR A 350 -2.02 16.71 -49.16
N PRO A 351 -1.00 17.55 -49.33
CA PRO A 351 0.06 17.62 -48.31
C PRO A 351 -0.26 18.44 -47.07
N ARG A 352 -1.45 19.08 -46.98
CA ARG A 352 -1.78 19.96 -45.85
C ARG A 352 -1.84 19.26 -44.46
N TYR A 353 -2.10 17.95 -44.41
CA TYR A 353 -2.19 17.22 -43.15
C TYR A 353 -0.79 17.00 -42.57
N GLU A 354 0.16 16.62 -43.42
CA GLU A 354 1.54 16.44 -43.03
C GLU A 354 2.16 17.79 -42.61
N GLU A 355 1.77 18.88 -43.30
CA GLU A 355 2.22 20.23 -42.98
C GLU A 355 1.67 20.65 -41.61
N ALA A 356 0.42 20.25 -41.29
CA ALA A 356 -0.22 20.55 -40.02
C ALA A 356 0.48 19.83 -38.85
N VAL A 357 0.79 18.53 -39.00
CA VAL A 357 1.50 17.77 -37.97
C VAL A 357 2.91 18.35 -37.78
N HIS A 358 3.58 18.73 -38.88
CA HIS A 358 4.89 19.37 -38.83
C HIS A 358 4.82 20.69 -38.05
N GLU A 359 3.77 21.53 -38.30
CA GLU A 359 3.64 22.78 -37.56
C GLU A 359 3.47 22.54 -36.06
N ILE A 360 2.71 21.50 -35.68
CA ILE A 360 2.52 21.18 -34.28
C ILE A 360 3.86 20.76 -33.64
N ASP A 361 4.61 19.86 -34.32
CA ASP A 361 5.91 19.38 -33.84
C ASP A 361 6.88 20.55 -33.67
N ALA A 362 6.92 21.46 -34.66
CA ALA A 362 7.83 22.60 -34.63
C ALA A 362 7.49 23.56 -33.51
N THR A 363 6.18 23.80 -33.28
CA THR A 363 5.76 24.70 -32.23
C THR A 363 6.12 24.11 -30.86
N VAL A 364 5.86 22.80 -30.68
CA VAL A 364 6.21 22.10 -29.43
C VAL A 364 7.72 22.19 -29.17
N ALA A 365 8.54 21.88 -30.20
CA ALA A 365 10.01 21.94 -30.05
C ALA A 365 10.51 23.36 -29.73
N LYS A 366 9.91 24.38 -30.35
CA LYS A 366 10.31 25.77 -30.13
C LYS A 366 9.99 26.32 -28.73
N ARG A 367 8.83 25.94 -28.16
CA ARG A 367 8.44 26.45 -26.85
C ARG A 367 9.00 25.64 -25.66
N ALA A 368 9.78 24.57 -25.91
CA ALA A 368 10.27 23.66 -24.87
C ALA A 368 10.92 24.34 -23.65
N ASP A 369 11.91 25.21 -23.85
CA ASP A 369 12.63 25.86 -22.76
C ASP A 369 11.72 26.78 -21.98
N LEU A 370 10.89 27.56 -22.69
CA LEU A 370 9.95 28.46 -22.05
C LEU A 370 8.92 27.69 -21.19
N ARG A 371 8.32 26.63 -21.74
CA ARG A 371 7.33 25.82 -21.04
C ARG A 371 7.98 25.13 -19.81
N ARG A 372 9.21 24.68 -19.93
CA ARG A 372 9.94 24.07 -18.82
C ARG A 372 10.14 25.12 -17.70
N ARG A 373 10.53 26.33 -18.08
CA ARG A 373 10.71 27.44 -17.12
C ARG A 373 9.38 27.83 -16.45
N TYR A 374 8.29 27.81 -17.20
CA TYR A 374 6.97 28.15 -16.69
C TYR A 374 6.48 27.11 -15.66
N TRP A 375 6.58 25.83 -15.99
CA TRP A 375 6.16 24.76 -15.07
C TRP A 375 7.08 24.73 -13.83
N MET A 376 8.36 24.95 -14.03
CA MET A 376 9.32 25.02 -12.93
C MET A 376 8.96 26.14 -11.93
N ILE A 377 8.60 27.33 -12.41
CA ILE A 377 8.25 28.44 -11.51
C ILE A 377 6.86 28.26 -10.91
N GLU A 378 5.92 27.71 -11.69
CA GLU A 378 4.56 27.51 -11.19
C GLU A 378 4.53 26.42 -10.12
N GLU A 379 5.12 25.27 -10.39
CA GLU A 379 5.15 24.17 -9.42
C GLU A 379 6.13 24.45 -8.27
N GLY A 380 7.30 24.97 -8.62
CA GLY A 380 8.33 25.26 -7.64
C GLY A 380 8.09 26.42 -6.69
N ILE A 381 7.55 27.52 -7.20
CA ILE A 381 7.41 28.73 -6.40
C ILE A 381 5.99 29.25 -6.24
N ILE A 382 5.24 29.45 -7.37
CA ILE A 382 3.90 30.01 -7.34
C ILE A 382 2.98 29.15 -6.46
N ARG A 383 3.05 27.82 -6.63
CA ARG A 383 2.31 26.87 -5.81
C ARG A 383 3.17 26.35 -4.64
N GLY A 384 4.46 26.18 -4.88
CA GLY A 384 5.37 25.56 -3.93
C GLY A 384 5.68 26.33 -2.66
N ILE A 385 5.78 27.67 -2.74
CA ILE A 385 6.21 28.49 -1.62
C ILE A 385 5.13 29.49 -1.22
N GLU A 386 4.61 29.37 0.00
CA GLU A 386 3.53 30.25 0.47
C GLU A 386 3.90 31.73 0.48
N PHE A 387 5.15 32.08 0.82
CA PHE A 387 5.53 33.49 0.86
C PHE A 387 5.66 34.12 -0.53
N ALA A 388 5.47 33.34 -1.62
CA ALA A 388 5.39 33.90 -2.97
C ALA A 388 4.06 34.68 -3.10
N ARG A 389 2.99 34.25 -2.38
CA ARG A 389 1.71 34.95 -2.36
C ARG A 389 1.57 35.86 -1.13
N SER A 390 2.68 36.44 -0.68
CA SER A 390 2.68 37.39 0.40
C SER A 390 2.30 38.78 -0.20
N PRO A 391 1.91 39.77 0.63
CA PRO A 391 1.44 41.04 0.06
C PRO A 391 2.43 41.85 -0.78
N ILE A 392 1.92 42.32 -1.92
CA ILE A 392 2.67 43.22 -2.80
C ILE A 392 1.87 44.53 -2.81
N PRO A 393 2.47 45.63 -2.34
CA PRO A 393 1.75 46.92 -2.33
C PRO A 393 1.41 47.40 -3.74
N THR A 394 0.14 47.76 -3.98
CA THR A 394 -0.30 48.26 -5.29
C THR A 394 0.28 49.66 -5.63
N GLU A 395 0.15 50.11 -6.91
CA GLU A 395 0.64 51.44 -7.32
C GLU A 395 -0.12 52.55 -6.57
N ASP A 396 -1.42 52.36 -6.34
CA ASP A 396 -2.27 53.30 -5.60
C ASP A 396 -1.96 53.25 -4.10
N GLU A 397 -1.62 52.06 -3.55
CA GLU A 397 -1.25 51.90 -2.14
C GLU A 397 0.13 52.56 -1.88
N THR A 398 1.06 52.41 -2.82
CA THR A 398 2.39 53.03 -2.72
C THR A 398 2.26 54.57 -2.84
N LYS A 399 1.34 55.05 -3.71
CA LYS A 399 1.10 56.49 -3.87
C LYS A 399 0.45 57.07 -2.61
N ALA A 400 -0.44 56.30 -1.97
CA ALA A 400 -1.12 56.71 -0.74
C ALA A 400 -0.15 56.88 0.44
N LEU A 401 0.96 56.11 0.46
CA LEU A 401 1.94 56.20 1.54
C LEU A 401 2.96 57.34 1.35
N GLN A 402 3.12 57.84 0.11
CA GLN A 402 4.07 58.92 -0.15
C GLN A 402 3.51 60.32 0.17
N ASP A 405 0.46 62.36 1.64
CA ASP A 405 0.13 63.10 2.86
C ASP A 405 -1.37 63.43 2.92
N ALA A 406 -2.16 62.49 3.46
CA ALA A 406 -3.62 62.54 3.63
C ALA A 406 -4.08 61.35 4.51
N SER A 407 -5.39 61.27 4.92
CA SER A 407 -5.89 60.09 5.66
C SER A 407 -5.86 58.80 4.80
N ALA A 408 -5.43 58.88 3.53
CA ALA A 408 -5.31 57.77 2.60
C ALA A 408 -4.22 56.77 3.03
N ARG A 409 -3.28 57.18 3.92
CA ARG A 409 -2.20 56.37 4.47
C ARG A 409 -2.81 55.28 5.36
N LYS A 410 -3.73 55.65 6.26
CA LYS A 410 -4.40 54.67 7.13
C LYS A 410 -5.30 53.70 6.35
N GLU A 411 -5.82 54.14 5.19
CA GLU A 411 -6.65 53.29 4.34
C GLU A 411 -5.74 52.28 3.62
N ALA A 412 -4.56 52.73 3.14
CA ALA A 412 -3.60 51.87 2.45
C ALA A 412 -3.02 50.84 3.42
N ILE A 413 -2.71 51.26 4.65
CA ILE A 413 -2.20 50.36 5.67
C ILE A 413 -3.25 49.31 6.06
N ASP A 414 -4.53 49.70 6.13
CA ASP A 414 -5.59 48.75 6.49
C ASP A 414 -5.80 47.70 5.40
N LYS A 415 -5.62 48.07 4.13
CA LYS A 415 -5.77 47.15 3.02
C LYS A 415 -4.59 46.15 3.04
N ILE A 416 -3.33 46.68 3.22
CA ILE A 416 -2.11 45.87 3.31
C ILE A 416 -2.19 44.90 4.49
N ARG A 417 -2.73 45.35 5.64
CA ARG A 417 -2.90 44.55 6.84
C ARG A 417 -3.86 43.40 6.59
N THR A 418 -4.96 43.69 5.88
CA THR A 418 -5.96 42.66 5.58
C THR A 418 -5.35 41.53 4.74
N ARG A 419 -4.48 41.90 3.78
CA ARG A 419 -3.79 40.93 2.93
C ARG A 419 -2.70 40.21 3.70
N TYR A 420 -2.02 40.90 4.64
CA TYR A 420 -0.98 40.26 5.46
C TYR A 420 -1.64 39.19 6.35
N SER A 421 -2.75 39.54 6.98
CA SER A 421 -3.51 38.67 7.87
C SER A 421 -4.10 37.46 7.13
N LYS A 422 -4.34 37.57 5.82
CA LYS A 422 -4.84 36.46 5.02
C LYS A 422 -3.67 35.50 4.67
N PHE A 423 -2.49 36.05 4.37
CA PHE A 423 -1.28 35.28 4.09
C PHE A 423 -0.80 34.56 5.37
N ALA A 424 -0.59 35.31 6.44
CA ALA A 424 -0.14 34.77 7.71
C ALA A 424 -1.36 34.46 8.56
N ASN A 425 -2.23 33.55 8.06
CA ASN A 425 -3.43 33.19 8.78
C ASN A 425 -3.17 32.10 9.86
N LYS A 426 -4.24 31.55 10.48
CA LYS A 426 -4.14 30.53 11.51
C LYS A 426 -3.48 29.23 11.03
N ASP A 427 -3.52 28.96 9.72
CA ASP A 427 -2.91 27.77 9.14
C ASP A 427 -1.50 28.01 8.56
N TYR A 428 -0.96 29.22 8.70
CA TYR A 428 0.36 29.53 8.15
C TYR A 428 1.48 29.39 9.17
N SER A 429 2.48 28.57 8.85
CA SER A 429 3.66 28.46 9.70
C SER A 429 4.84 29.02 8.91
N ALA A 430 5.47 30.10 9.40
CA ALA A 430 6.63 30.70 8.75
C ALA A 430 7.81 29.71 8.79
N GLU A 431 7.93 28.91 9.85
CA GLU A 431 8.99 27.91 10.00
C GLU A 431 8.85 26.79 8.97
N VAL A 432 7.62 26.26 8.80
CA VAL A 432 7.35 25.24 7.79
C VAL A 432 7.60 25.81 6.40
N ASP A 433 7.13 27.03 6.15
CA ASP A 433 7.34 27.69 4.86
C ASP A 433 8.81 27.93 4.54
N LYS A 434 9.63 28.32 5.52
CA LYS A 434 11.07 28.49 5.30
C LYS A 434 11.70 27.14 4.91
N LYS A 435 11.31 26.04 5.58
CA LYS A 435 11.85 24.71 5.26
C LYS A 435 11.43 24.26 3.89
N VAL A 436 10.16 24.51 3.53
CA VAL A 436 9.67 24.15 2.19
C VAL A 436 10.40 25.01 1.14
N ALA A 437 10.51 26.32 1.37
CA ALA A 437 11.20 27.22 0.43
C ALA A 437 12.64 26.83 0.23
N VAL A 438 13.37 26.46 1.29
CA VAL A 438 14.76 26.04 1.12
C VAL A 438 14.89 24.81 0.20
N ALA A 439 14.06 23.77 0.41
CA ALA A 439 14.12 22.58 -0.45
C ALA A 439 13.64 22.89 -1.89
N MET A 440 12.55 23.66 -2.04
CA MET A 440 12.00 24.01 -3.36
C MET A 440 12.95 24.90 -4.15
N LEU A 441 13.52 25.93 -3.50
CA LEU A 441 14.47 26.84 -4.17
C LEU A 441 15.75 26.13 -4.51
N THR A 442 16.22 25.19 -3.69
CA THR A 442 17.43 24.42 -3.99
C THR A 442 17.26 23.66 -5.31
N GLU A 443 16.10 23.01 -5.49
CA GLU A 443 15.81 22.31 -6.73
C GLU A 443 15.63 23.28 -7.92
N TYR A 444 14.89 24.38 -7.69
CA TYR A 444 14.64 25.41 -8.70
C TYR A 444 15.96 26.03 -9.18
N LEU A 445 16.85 26.38 -8.25
CA LEU A 445 18.16 26.97 -8.59
C LEU A 445 19.10 26.02 -9.31
N LYS A 446 18.94 24.71 -9.11
CA LYS A 446 19.70 23.69 -9.82
C LYS A 446 19.17 23.54 -11.29
N GLU A 447 17.89 23.80 -11.54
CA GLU A 447 17.31 23.65 -12.88
C GLU A 447 17.36 24.89 -13.74
N ILE A 448 17.13 26.06 -13.11
CA ILE A 448 17.01 27.31 -13.84
C ILE A 448 18.32 28.07 -13.81
N PRO A 449 18.93 28.33 -14.97
CA PRO A 449 20.20 29.06 -14.96
C PRO A 449 20.03 30.50 -14.47
N TYR A 450 21.11 31.07 -13.93
CA TYR A 450 21.16 32.45 -13.42
C TYR A 450 20.47 33.48 -14.33
N GLU A 451 20.76 33.43 -15.64
CA GLU A 451 20.18 34.40 -16.59
C GLU A 451 18.65 34.24 -16.79
N ASN A 452 18.08 33.11 -16.36
CA ASN A 452 16.65 32.88 -16.44
C ASN A 452 15.92 33.01 -15.08
N LEU A 453 16.66 33.36 -14.02
CA LEU A 453 16.09 33.48 -12.69
C LEU A 453 15.25 34.72 -12.53
N PRO A 454 14.17 34.66 -11.73
CA PRO A 454 13.51 35.90 -11.30
C PRO A 454 14.57 36.77 -10.59
N LEU A 455 14.66 38.06 -10.94
CA LEU A 455 15.69 38.99 -10.49
C LEU A 455 16.14 38.83 -9.02
N HIS A 456 15.21 38.72 -8.07
CA HIS A 456 15.58 38.58 -6.66
C HIS A 456 16.35 37.30 -6.34
N LEU A 457 16.05 36.18 -7.04
CA LEU A 457 16.76 34.91 -6.81
C LEU A 457 18.23 34.96 -7.22
N ARG A 458 18.61 35.93 -8.06
CA ARG A 458 20.01 36.17 -8.43
C ARG A 458 20.87 36.49 -7.19
N LEU A 459 20.25 37.03 -6.11
CA LEU A 459 20.92 37.33 -4.84
C LEU A 459 21.44 36.10 -4.13
N VAL A 460 20.93 34.88 -4.43
CA VAL A 460 21.42 33.67 -3.77
C VAL A 460 22.92 33.49 -4.09
N LYS A 461 23.28 33.61 -5.35
CA LYS A 461 24.68 33.49 -5.77
C LYS A 461 25.48 34.78 -5.52
N ASP A 462 24.89 35.94 -5.81
CA ASP A 462 25.56 37.24 -5.70
C ASP A 462 25.79 37.80 -4.31
N ARG A 463 24.81 37.64 -3.41
CA ARG A 463 24.89 38.21 -2.07
C ARG A 463 25.06 37.17 -0.97
N PHE A 464 24.49 35.96 -1.17
CA PHE A 464 24.53 34.94 -0.11
C PHE A 464 25.49 33.77 -0.37
N ALA A 465 26.41 33.92 -1.35
CA ALA A 465 27.40 32.88 -1.67
C ALA A 465 26.81 31.48 -1.89
N GLY A 466 25.65 31.42 -2.54
CA GLY A 466 24.94 30.17 -2.82
C GLY A 466 24.20 29.55 -1.65
N ASP A 467 24.19 30.21 -0.49
CA ASP A 467 23.52 29.66 0.71
C ASP A 467 22.02 29.99 0.65
N VAL A 468 21.21 29.02 0.20
CA VAL A 468 19.76 29.17 0.08
C VAL A 468 19.12 29.42 1.45
N GLN A 469 19.55 28.69 2.49
CA GLN A 469 19.04 28.85 3.85
C GLN A 469 19.21 30.29 4.34
N ALA A 470 20.40 30.89 4.15
CA ALA A 470 20.70 32.25 4.58
C ALA A 470 19.85 33.27 3.83
N TYR A 471 19.63 33.05 2.55
CA TYR A 471 18.80 33.92 1.71
C TYR A 471 17.35 33.94 2.25
N VAL A 472 16.78 32.74 2.49
CA VAL A 472 15.44 32.56 3.02
C VAL A 472 15.32 33.12 4.44
N ASP A 473 16.33 32.88 5.31
CA ASP A 473 16.35 33.41 6.68
C ASP A 473 16.31 34.93 6.64
N ASP A 474 17.08 35.54 5.74
CA ASP A 474 17.17 36.98 5.61
C ASP A 474 15.82 37.60 5.16
N ILE A 475 15.10 36.92 4.25
CA ILE A 475 13.77 37.36 3.79
C ILE A 475 12.83 37.54 4.99
N PHE A 476 12.81 36.58 5.92
CA PHE A 476 11.93 36.66 7.09
C PHE A 476 12.46 37.57 8.19
N ALA A 477 13.78 37.61 8.40
CA ALA A 477 14.35 38.44 9.45
C ALA A 477 14.20 39.93 9.17
N ARG A 478 14.28 40.31 7.90
CA ARG A 478 14.24 41.73 7.53
C ARG A 478 12.91 42.20 6.94
N SER A 479 12.02 41.28 6.57
CA SER A 479 10.75 41.67 5.98
C SER A 479 9.72 42.16 6.96
N VAL A 480 8.93 43.11 6.51
CA VAL A 480 7.75 43.67 7.16
C VAL A 480 6.68 42.55 7.32
N PHE A 481 6.65 41.55 6.44
CA PHE A 481 5.72 40.43 6.55
C PHE A 481 6.35 39.16 7.16
N GLY A 482 7.52 39.29 7.79
CA GLY A 482 8.25 38.18 8.41
C GLY A 482 7.65 37.69 9.70
N SER A 483 6.87 38.54 10.37
CA SER A 483 6.18 38.23 11.63
C SER A 483 5.16 39.34 11.93
N GLU A 484 4.27 39.12 12.89
CA GLU A 484 3.27 40.10 13.26
C GLU A 484 3.93 41.34 13.86
N ALA A 485 4.94 41.17 14.71
CA ALA A 485 5.64 42.29 15.34
C ALA A 485 6.41 43.14 14.33
N GLN A 486 6.89 42.52 13.24
CA GLN A 486 7.58 43.26 12.19
C GLN A 486 6.56 44.03 11.34
N PHE A 487 5.35 43.45 11.12
CA PHE A 487 4.31 44.15 10.37
C PHE A 487 3.84 45.35 11.15
N ASP A 488 3.60 45.19 12.46
CA ASP A 488 3.14 46.28 13.32
C ASP A 488 4.14 47.40 13.41
N ALA A 489 5.44 47.09 13.48
CA ALA A 489 6.46 48.14 13.51
C ALA A 489 6.45 48.95 12.21
N PHE A 490 6.18 48.28 11.09
CA PHE A 490 6.07 48.94 9.80
C PHE A 490 4.81 49.81 9.77
N ALA A 491 3.65 49.25 10.16
CA ALA A 491 2.36 49.92 10.16
C ALA A 491 2.34 51.17 11.03
N ALA A 492 3.20 51.23 12.07
CA ALA A 492 3.27 52.41 12.92
C ALA A 492 4.05 53.54 12.25
N VAL A 493 5.12 53.20 11.52
CA VAL A 493 5.96 54.19 10.82
C VAL A 493 6.16 53.71 9.36
N PRO A 494 5.11 53.77 8.52
CA PRO A 494 5.26 53.25 7.15
C PRO A 494 5.93 54.21 6.18
N SER A 495 6.80 53.64 5.36
CA SER A 495 7.46 54.39 4.31
C SER A 495 7.51 53.58 3.04
N VAL A 496 7.45 54.27 1.91
CA VAL A 496 7.48 53.65 0.58
C VAL A 496 8.83 52.94 0.39
N GLU A 497 9.91 53.60 0.81
CA GLU A 497 11.29 53.15 0.72
C GLU A 497 11.55 51.87 1.51
N LYS A 498 10.71 51.58 2.52
CA LYS A 498 10.81 50.35 3.31
C LYS A 498 10.21 49.22 2.49
N LEU A 499 9.08 49.45 1.81
CA LEU A 499 8.42 48.45 0.98
C LEU A 499 9.18 48.19 -0.31
N ALA A 500 9.79 49.23 -0.89
CA ALA A 500 10.57 49.15 -2.13
C ALA A 500 11.82 48.26 -1.97
N GLU A 501 12.39 48.22 -0.76
CA GLU A 501 13.56 47.40 -0.50
C GLU A 501 13.25 46.13 0.35
N ASP A 502 11.96 45.85 0.62
CA ASP A 502 11.59 44.70 1.42
C ASP A 502 11.95 43.39 0.70
N PRO A 503 12.75 42.54 1.34
CA PRO A 503 13.18 41.28 0.69
C PRO A 503 12.04 40.33 0.32
N MET A 504 10.96 40.28 1.13
CA MET A 504 9.83 39.43 0.79
C MET A 504 9.02 40.03 -0.35
N VAL A 505 8.82 41.35 -0.35
CA VAL A 505 8.08 42.05 -1.41
C VAL A 505 8.83 41.89 -2.74
N LEU A 506 10.15 42.07 -2.73
CA LEU A 506 10.99 41.94 -3.90
C LEU A 506 10.98 40.50 -4.41
N PHE A 507 11.03 39.48 -3.51
CA PHE A 507 10.94 38.07 -3.93
C PHE A 507 9.58 37.84 -4.62
N ALA A 508 8.46 38.17 -3.95
CA ALA A 508 7.10 37.95 -4.45
C ALA A 508 6.86 38.66 -5.77
N SER A 509 7.32 39.92 -5.89
CA SER A 509 7.19 40.74 -7.10
C SER A 509 8.01 40.12 -8.21
N SER A 510 9.25 39.77 -7.93
CA SER A 510 10.17 39.17 -8.89
C SER A 510 9.66 37.83 -9.48
N VAL A 511 9.18 36.92 -8.61
CA VAL A 511 8.71 35.63 -9.09
C VAL A 511 7.41 35.80 -9.86
N PHE A 512 6.51 36.73 -9.46
CA PHE A 512 5.28 36.95 -10.20
C PHE A 512 5.54 37.65 -11.54
N ASP A 513 6.56 38.54 -11.59
CA ASP A 513 6.95 39.21 -12.84
C ASP A 513 7.42 38.16 -13.85
N GLU A 514 8.29 37.23 -13.42
CA GLU A 514 8.84 36.17 -14.28
C GLU A 514 7.75 35.18 -14.70
N TYR A 515 6.81 34.86 -13.82
CA TYR A 515 5.69 33.97 -14.10
C TYR A 515 4.76 34.57 -15.19
N ARG A 516 4.51 35.90 -15.12
CA ARG A 516 3.67 36.59 -16.11
C ARG A 516 4.41 36.80 -17.43
N LYS A 517 5.70 37.07 -17.37
CA LYS A 517 6.54 37.22 -18.57
C LYS A 517 6.59 35.89 -19.36
N LEU A 518 6.71 34.76 -18.66
CA LEU A 518 6.76 33.43 -19.27
C LEU A 518 5.41 33.10 -19.90
N TYR A 519 4.31 33.39 -19.18
CA TYR A 519 2.96 33.18 -19.66
C TYR A 519 2.72 34.00 -20.96
N ASN A 520 3.10 35.28 -20.97
CA ASN A 520 2.91 36.16 -22.12
C ASN A 520 3.72 35.71 -23.32
N GLU A 521 4.96 35.23 -23.09
CA GLU A 521 5.79 34.74 -24.17
C GLU A 521 5.29 33.37 -24.69
N LEU A 522 4.70 32.54 -23.83
CA LEU A 522 4.22 31.23 -24.23
C LEU A 522 2.85 31.23 -24.92
N ARG A 523 1.93 32.10 -24.49
CA ARG A 523 0.58 32.18 -25.03
C ARG A 523 0.51 32.23 -26.57
N PRO A 524 1.36 32.99 -27.30
CA PRO A 524 1.28 32.97 -28.77
C PRO A 524 1.51 31.60 -29.43
N TYR A 525 2.17 30.66 -28.74
CA TYR A 525 2.43 29.34 -29.30
C TYR A 525 1.18 28.46 -29.39
N ASP A 526 0.13 28.76 -28.61
CA ASP A 526 -1.11 27.96 -28.65
C ASP A 526 -1.86 28.07 -29.99
N ASP A 527 -1.85 29.27 -30.60
CA ASP A 527 -2.60 29.55 -31.85
C ASP A 527 -2.15 28.74 -33.06
N PRO A 528 -0.84 28.68 -33.45
CA PRO A 528 -0.48 27.83 -34.59
C PRO A 528 -0.85 26.36 -34.35
N ILE A 529 -0.78 25.87 -33.09
CA ILE A 529 -1.17 24.50 -32.75
C ILE A 529 -2.67 24.30 -32.95
N LEU A 530 -3.49 25.21 -32.42
CA LEU A 530 -4.95 25.14 -32.60
C LEU A 530 -5.34 25.15 -34.09
N ARG A 531 -4.76 26.08 -34.89
CA ARG A 531 -5.05 26.15 -36.32
C ARG A 531 -4.62 24.89 -37.03
N ALA A 532 -3.42 24.34 -36.69
CA ALA A 532 -2.97 23.09 -37.31
C ALA A 532 -3.84 21.90 -36.88
N GLN A 533 -4.43 21.94 -35.67
CA GLN A 533 -5.31 20.88 -35.18
C GLN A 533 -6.63 20.86 -35.94
N ARG A 534 -7.13 22.02 -36.38
CA ARG A 534 -8.35 22.08 -37.19
C ARG A 534 -8.13 21.29 -38.51
N THR A 535 -6.95 21.48 -39.15
CA THR A 535 -6.61 20.76 -40.38
C THR A 535 -6.33 19.28 -40.08
N TYR A 536 -5.60 18.99 -38.99
CA TYR A 536 -5.28 17.63 -38.56
C TYR A 536 -6.55 16.79 -38.29
N ILE A 537 -7.47 17.30 -37.48
CA ILE A 537 -8.71 16.60 -37.15
C ILE A 537 -9.63 16.53 -38.36
N ALA A 538 -9.63 17.56 -39.25
CA ALA A 538 -10.43 17.46 -40.49
C ALA A 538 -9.98 16.25 -41.34
N GLY A 539 -8.68 16.05 -41.42
CA GLY A 539 -8.10 14.94 -42.16
C GLY A 539 -8.44 13.60 -41.55
N LEU A 540 -8.34 13.48 -40.21
CA LEU A 540 -8.66 12.26 -39.50
C LEU A 540 -10.12 11.87 -39.72
N LEU A 541 -11.02 12.86 -39.69
CA LEU A 541 -12.45 12.65 -39.93
C LEU A 541 -12.75 12.29 -41.39
N GLU A 542 -12.09 12.96 -42.35
CA GLU A 542 -12.30 12.65 -43.75
C GLU A 542 -11.77 11.23 -44.06
N MET A 543 -10.64 10.86 -43.45
CA MET A 543 -10.03 9.55 -43.65
C MET A 543 -10.79 8.39 -42.98
N ASP A 544 -11.02 8.44 -41.66
CA ASP A 544 -11.63 7.33 -40.95
C ASP A 544 -13.06 7.55 -40.43
N GLY A 545 -13.64 8.71 -40.74
CA GLY A 545 -14.99 9.03 -40.32
C GLY A 545 -15.15 9.39 -38.86
N ASP A 546 -16.26 10.09 -38.55
CA ASP A 546 -16.66 10.49 -37.20
C ASP A 546 -17.52 9.34 -36.74
N GLN A 547 -16.85 8.20 -36.57
CA GLN A 547 -17.54 6.99 -36.20
C GLN A 547 -16.82 6.42 -35.04
N ASP A 548 -15.50 6.16 -35.13
CA ASP A 548 -14.77 5.64 -33.97
C ASP A 548 -13.71 6.64 -33.42
N GLN A 549 -13.84 7.94 -33.77
CA GLN A 549 -13.05 9.10 -33.34
C GLN A 549 -14.03 10.12 -32.76
N PHE A 550 -14.15 10.16 -31.42
CA PHE A 550 -15.05 11.05 -30.70
C PHE A 550 -14.46 12.46 -30.61
N PRO A 551 -15.29 13.53 -30.54
CA PRO A 551 -14.69 14.87 -30.41
C PRO A 551 -14.20 15.09 -28.98
N ASP A 552 -13.09 15.83 -28.80
CA ASP A 552 -12.61 16.11 -27.45
C ASP A 552 -13.71 16.69 -26.54
N ALA A 553 -13.70 16.30 -25.27
CA ALA A 553 -14.63 16.82 -24.29
C ALA A 553 -14.46 18.35 -24.18
N ASN A 554 -15.57 19.11 -24.02
CA ASN A 554 -15.50 20.58 -23.94
C ASN A 554 -16.61 21.15 -23.04
N LEU A 555 -16.91 20.43 -21.95
CA LEU A 555 -17.94 20.72 -20.95
C LEU A 555 -19.37 20.70 -21.53
N THR A 556 -19.58 19.89 -22.57
CA THR A 556 -20.89 19.72 -23.17
C THR A 556 -21.39 18.28 -22.93
N LEU A 557 -22.72 18.10 -23.06
CA LEU A 557 -23.40 16.83 -22.82
C LEU A 557 -22.93 15.74 -23.76
N ARG A 558 -22.49 14.61 -23.19
CA ARG A 558 -22.03 13.47 -23.95
C ARG A 558 -22.58 12.18 -23.36
N PHE A 559 -22.60 11.12 -24.17
CA PHE A 559 -22.93 9.79 -23.67
C PHE A 559 -21.75 8.87 -23.90
N THR A 560 -21.63 7.88 -23.04
CA THR A 560 -20.64 6.85 -23.12
C THR A 560 -21.30 5.55 -22.68
N TYR A 561 -20.88 4.44 -23.25
CA TYR A 561 -21.44 3.15 -22.93
C TYR A 561 -20.31 2.16 -22.75
N GLY A 562 -20.59 1.12 -21.97
CA GLY A 562 -19.65 0.06 -21.71
C GLY A 562 -20.29 -1.06 -20.93
N GLN A 563 -19.51 -1.76 -20.12
CA GLN A 563 -20.01 -2.86 -19.31
C GLN A 563 -19.50 -2.79 -17.87
N VAL A 564 -20.23 -3.41 -16.94
CA VAL A 564 -19.84 -3.52 -15.52
C VAL A 564 -18.74 -4.59 -15.52
N LYS A 565 -17.51 -4.19 -15.20
CA LYS A 565 -16.37 -5.11 -15.33
C LYS A 565 -15.19 -4.66 -14.49
N GLY A 566 -14.57 -5.60 -13.81
CA GLY A 566 -13.34 -5.31 -13.07
C GLY A 566 -12.13 -5.36 -14.00
N TYR A 567 -10.94 -5.54 -13.44
CA TYR A 567 -9.71 -5.56 -14.22
C TYR A 567 -8.55 -6.07 -13.36
N SER A 568 -7.44 -6.45 -14.00
CA SER A 568 -6.22 -6.87 -13.33
C SER A 568 -5.23 -5.70 -13.29
N PRO A 569 -4.98 -5.12 -12.12
CA PRO A 569 -4.06 -3.97 -12.05
C PRO A 569 -2.57 -4.32 -12.28
N ARG A 570 -2.19 -5.57 -11.94
CA ARG A 570 -0.83 -6.08 -12.01
C ARG A 570 -0.85 -7.61 -11.91
N ASP A 571 0.30 -8.26 -12.11
CA ASP A 571 0.46 -9.71 -12.10
C ASP A 571 -0.18 -10.39 -10.90
N ASN A 572 -1.08 -11.34 -11.16
CA ASN A 572 -1.71 -12.16 -10.14
C ASN A 572 -2.72 -11.44 -9.23
N VAL A 573 -3.15 -10.24 -9.61
CA VAL A 573 -4.11 -9.49 -8.82
C VAL A 573 -5.34 -9.16 -9.66
N TYR A 574 -6.53 -9.48 -9.16
CA TYR A 574 -7.77 -9.13 -9.86
C TYR A 574 -8.67 -8.33 -8.96
N TYR A 575 -9.19 -7.22 -9.47
CA TYR A 575 -10.15 -6.40 -8.77
C TYR A 575 -11.47 -6.70 -9.48
N GLY A 576 -12.46 -7.22 -8.76
CA GLY A 576 -13.77 -7.48 -9.35
C GLY A 576 -14.58 -6.22 -9.67
N HIS A 577 -15.80 -6.41 -10.19
CA HIS A 577 -16.65 -5.33 -10.63
C HIS A 577 -17.48 -4.68 -9.52
N GLN A 578 -17.54 -5.26 -8.31
CA GLN A 578 -18.44 -4.75 -7.28
C GLN A 578 -17.87 -4.81 -5.86
N THR A 579 -18.03 -3.72 -5.10
CA THR A 579 -17.64 -3.72 -3.69
C THR A 579 -18.92 -3.86 -2.84
N THR A 580 -18.77 -4.32 -1.61
CA THR A 580 -19.89 -4.55 -0.71
C THR A 580 -19.68 -3.81 0.63
N LEU A 581 -20.74 -3.75 1.47
CA LEU A 581 -20.70 -3.16 2.80
C LEU A 581 -19.68 -3.87 3.72
N ASP A 582 -19.38 -5.15 3.45
CA ASP A 582 -18.33 -5.87 4.19
C ASP A 582 -16.96 -5.18 4.00
N GLY A 583 -16.72 -4.60 2.82
CA GLY A 583 -15.47 -3.90 2.53
C GLY A 583 -15.33 -2.60 3.30
N VAL A 584 -16.46 -1.95 3.60
CA VAL A 584 -16.50 -0.75 4.44
C VAL A 584 -16.08 -1.18 5.85
N MET A 585 -16.67 -2.28 6.37
CA MET A 585 -16.38 -2.78 7.70
C MET A 585 -14.94 -3.24 7.87
N GLU A 586 -14.36 -3.85 6.83
CA GLU A 586 -12.94 -4.25 6.85
C GLU A 586 -12.04 -3.03 7.00
N LYS A 587 -12.40 -1.90 6.38
CA LYS A 587 -11.62 -0.66 6.39
C LYS A 587 -11.82 0.21 7.61
N GLU A 588 -12.82 -0.08 8.46
CA GLU A 588 -13.07 0.73 9.66
C GLU A 588 -11.85 0.91 10.56
N ASP A 589 -11.56 2.17 10.91
CA ASP A 589 -10.46 2.53 11.79
C ASP A 589 -11.00 3.69 12.62
N PRO A 590 -11.46 3.42 13.84
CA PRO A 590 -12.04 4.50 14.67
C PRO A 590 -11.13 5.68 14.94
N ASP A 591 -9.80 5.49 15.01
CA ASP A 591 -8.90 6.61 15.30
C ASP A 591 -8.24 7.21 14.04
N ASN A 592 -8.92 7.08 12.88
CA ASN A 592 -8.49 7.66 11.61
C ASN A 592 -9.76 8.25 11.02
N TRP A 593 -9.89 9.59 11.03
CA TRP A 593 -11.08 10.32 10.57
C TRP A 593 -11.57 9.91 9.18
N GLU A 594 -10.63 9.49 8.31
CA GLU A 594 -10.98 9.08 6.95
C GLU A 594 -11.74 7.76 6.94
N PHE A 595 -11.47 6.86 7.88
CA PHE A 595 -12.08 5.54 7.86
C PHE A 595 -13.01 5.25 9.04
N VAL A 596 -13.67 6.30 9.57
CA VAL A 596 -14.67 6.10 10.61
C VAL A 596 -15.96 5.61 9.95
N VAL A 597 -16.67 4.71 10.62
CA VAL A 597 -17.91 4.15 10.11
C VAL A 597 -19.09 4.65 10.94
N ASP A 598 -20.12 5.16 10.28
CA ASP A 598 -21.33 5.67 10.93
C ASP A 598 -21.99 4.56 11.75
N PRO A 599 -22.27 4.84 13.04
CA PRO A 599 -22.86 3.80 13.91
C PRO A 599 -24.19 3.22 13.41
N LYS A 600 -25.04 4.03 12.79
CA LYS A 600 -26.31 3.55 12.23
C LYS A 600 -26.03 2.59 11.05
N LEU A 601 -25.00 2.90 10.24
CA LEU A 601 -24.60 2.04 9.12
C LEU A 601 -23.99 0.72 9.63
N LYS A 602 -23.16 0.78 10.67
CA LYS A 602 -22.55 -0.42 11.24
C LYS A 602 -23.63 -1.37 11.82
N ALA A 603 -24.67 -0.80 12.45
CA ALA A 603 -25.79 -1.57 13.00
C ALA A 603 -26.61 -2.20 11.88
N VAL A 604 -26.83 -1.49 10.76
CA VAL A 604 -27.55 -2.01 9.59
C VAL A 604 -26.81 -3.24 9.05
N TYR A 605 -25.48 -3.16 8.96
CA TYR A 605 -24.63 -4.26 8.52
C TYR A 605 -24.75 -5.46 9.48
N GLU A 606 -24.65 -5.22 10.79
CA GLU A 606 -24.71 -6.29 11.80
C GLU A 606 -26.05 -7.02 11.79
N ARG A 607 -27.16 -6.28 11.68
CA ARG A 607 -28.49 -6.88 11.63
C ARG A 607 -28.91 -7.37 10.23
N LYS A 608 -28.10 -7.06 9.18
CA LYS A 608 -28.40 -7.38 7.79
C LYS A 608 -29.75 -6.76 7.39
N ASP A 609 -30.01 -5.53 7.87
CA ASP A 609 -31.27 -4.83 7.61
C ASP A 609 -31.14 -4.15 6.24
N PHE A 610 -30.99 -4.97 5.20
CA PHE A 610 -30.77 -4.52 3.84
C PHE A 610 -32.02 -4.40 2.97
N GLY A 611 -33.17 -4.84 3.48
CA GLY A 611 -34.45 -4.78 2.77
C GLY A 611 -34.38 -5.35 1.37
N ARG A 612 -34.92 -4.62 0.40
CA ARG A 612 -34.87 -5.03 -1.00
C ARG A 612 -33.59 -4.54 -1.74
N TYR A 613 -32.67 -3.89 -1.02
CA TYR A 613 -31.46 -3.28 -1.58
C TYR A 613 -30.28 -4.24 -1.69
N ALA A 614 -30.32 -5.40 -1.01
CA ALA A 614 -29.21 -6.34 -1.08
C ALA A 614 -29.23 -7.11 -2.40
N ASP A 615 -28.08 -7.69 -2.80
CA ASP A 615 -28.05 -8.52 -4.01
C ASP A 615 -28.65 -9.91 -3.72
N ARG A 616 -28.87 -10.74 -4.75
CA ARG A 616 -29.49 -12.06 -4.61
C ARG A 616 -28.81 -12.97 -3.56
N SER A 617 -27.50 -12.76 -3.29
CA SER A 617 -26.80 -13.56 -2.29
C SER A 617 -26.91 -13.03 -0.84
N GLY A 618 -27.63 -11.94 -0.64
CA GLY A 618 -27.77 -11.33 0.67
C GLY A 618 -26.68 -10.33 1.04
N ARG A 619 -25.73 -10.11 0.12
CA ARG A 619 -24.64 -9.16 0.34
C ARG A 619 -25.11 -7.76 -0.02
N MET A 620 -24.71 -6.75 0.76
CA MET A 620 -25.13 -5.39 0.49
C MET A 620 -24.14 -4.69 -0.42
N PRO A 621 -24.51 -4.34 -1.66
CA PRO A 621 -23.56 -3.69 -2.56
C PRO A 621 -23.30 -2.24 -2.19
N VAL A 622 -22.11 -1.75 -2.52
CA VAL A 622 -21.73 -0.36 -2.23
C VAL A 622 -21.45 0.38 -3.52
N ALA A 623 -20.52 -0.14 -4.31
CA ALA A 623 -20.06 0.53 -5.52
C ALA A 623 -19.76 -0.50 -6.59
N PHE A 624 -19.72 -0.06 -7.83
CA PHE A 624 -19.33 -0.91 -8.94
C PHE A 624 -18.48 -0.11 -9.90
N CYS A 625 -17.80 -0.80 -10.81
CA CYS A 625 -16.99 -0.10 -11.81
C CYS A 625 -17.39 -0.55 -13.21
N ALA A 626 -17.18 0.31 -14.19
CA ALA A 626 -17.59 0.03 -15.57
C ALA A 626 -16.58 0.54 -16.59
N THR A 627 -16.59 -0.03 -17.79
CA THR A 627 -15.70 0.34 -18.89
C THR A 627 -16.19 1.57 -19.68
N THR A 628 -17.08 2.37 -19.10
CA THR A 628 -17.51 3.63 -19.68
C THR A 628 -16.29 4.59 -19.69
N HIS A 629 -16.30 5.53 -20.60
CA HIS A 629 -15.22 6.48 -20.77
C HIS A 629 -15.63 7.83 -20.17
N THR A 630 -15.11 8.14 -18.97
CA THR A 630 -15.43 9.36 -18.26
C THR A 630 -14.15 10.14 -17.89
N THR A 631 -14.35 11.41 -17.49
CA THR A 631 -13.31 12.31 -17.03
C THR A 631 -13.91 13.37 -16.06
N GLY A 632 -13.09 14.30 -15.53
CA GLY A 632 -13.57 15.41 -14.70
C GLY A 632 -14.70 16.17 -15.40
N GLY A 633 -15.78 16.39 -14.67
CA GLY A 633 -17.02 16.91 -15.22
C GLY A 633 -18.11 15.85 -15.16
N ASN A 634 -17.72 14.54 -15.14
CA ASN A 634 -18.66 13.43 -15.07
C ASN A 634 -19.04 13.06 -13.62
N SER A 635 -18.51 13.77 -12.61
CA SER A 635 -18.93 13.52 -11.22
C SER A 635 -20.43 13.76 -11.07
N GLY A 636 -21.13 12.81 -10.51
CA GLY A 636 -22.57 12.89 -10.30
C GLY A 636 -23.39 12.36 -11.44
N SER A 637 -22.77 11.88 -12.53
CA SER A 637 -23.48 11.42 -13.73
C SER A 637 -24.36 10.24 -13.47
N PRO A 638 -25.56 10.23 -14.07
CA PRO A 638 -26.43 9.06 -13.93
C PRO A 638 -25.84 7.88 -14.71
N VAL A 639 -25.84 6.69 -14.09
CA VAL A 639 -25.41 5.47 -14.73
C VAL A 639 -26.69 4.68 -14.98
N MET A 640 -26.91 4.29 -16.23
CA MET A 640 -28.10 3.60 -16.65
C MET A 640 -27.84 2.17 -17.04
N ASN A 641 -28.89 1.36 -16.82
CA ASN A 641 -29.18 0.00 -17.22
C ASN A 641 -29.31 -0.06 -18.75
N ALA A 642 -29.47 -1.28 -19.30
CA ALA A 642 -29.86 -1.51 -20.69
C ALA A 642 -31.28 -0.92 -20.95
N ASN A 643 -32.11 -0.80 -19.90
CA ASN A 643 -33.46 -0.22 -19.95
C ASN A 643 -33.52 1.27 -19.64
N GLY A 644 -32.39 1.92 -19.40
CA GLY A 644 -32.38 3.35 -19.08
C GLY A 644 -32.71 3.69 -17.64
N GLU A 645 -32.83 2.68 -16.79
CA GLU A 645 -33.11 2.89 -15.39
C GLU A 645 -31.82 3.21 -14.66
N LEU A 646 -31.91 4.05 -13.64
CA LEU A 646 -30.76 4.46 -12.84
C LEU A 646 -30.28 3.32 -11.96
N ILE A 647 -29.02 2.90 -12.18
CA ILE A 647 -28.34 1.87 -11.39
C ILE A 647 -27.19 2.43 -10.53
N GLY A 648 -26.81 3.69 -10.72
CA GLY A 648 -25.75 4.30 -9.94
C GLY A 648 -25.41 5.73 -10.33
N LEU A 649 -24.44 6.33 -9.62
CA LEU A 649 -23.94 7.67 -9.94
C LEU A 649 -22.46 7.54 -10.05
N ASN A 650 -21.90 8.03 -11.16
CA ASN A 650 -20.46 8.05 -11.32
C ASN A 650 -19.87 9.04 -10.31
N PHE A 651 -18.73 8.73 -9.67
CA PHE A 651 -18.13 9.67 -8.71
C PHE A 651 -16.62 9.77 -8.78
N ASP A 652 -15.95 8.82 -9.46
CA ASP A 652 -14.49 8.85 -9.61
C ASP A 652 -14.04 7.96 -10.79
N ARG A 653 -12.73 7.84 -11.02
CA ARG A 653 -12.11 6.95 -11.99
C ARG A 653 -10.77 6.48 -11.37
N ASN A 654 -10.37 5.23 -11.66
CA ASN A 654 -9.15 4.69 -11.06
C ASN A 654 -7.91 5.37 -11.67
N TRP A 655 -6.83 5.51 -10.88
CA TRP A 655 -5.60 6.18 -11.33
C TRP A 655 -5.01 5.53 -12.58
N GLU A 656 -5.16 4.22 -12.73
CA GLU A 656 -4.64 3.49 -13.90
C GLU A 656 -5.25 3.97 -15.18
N GLY A 657 -6.47 4.51 -15.14
CA GLY A 657 -7.15 5.02 -16.32
C GLY A 657 -7.05 6.52 -16.55
N VAL A 658 -6.29 7.30 -15.73
CA VAL A 658 -6.23 8.75 -15.96
C VAL A 658 -5.57 9.11 -17.33
N GLY A 659 -4.70 8.24 -17.86
CA GLY A 659 -4.15 8.44 -19.19
C GLY A 659 -5.20 8.33 -20.30
N GLY A 660 -6.40 7.88 -19.94
CA GLY A 660 -7.59 7.75 -20.77
C GLY A 660 -8.05 9.06 -21.37
N ASP A 661 -7.63 10.22 -20.80
CA ASP A 661 -7.94 11.52 -21.43
C ASP A 661 -7.20 11.68 -22.78
N ILE A 662 -6.12 10.93 -23.00
CA ILE A 662 -5.36 10.96 -24.24
C ILE A 662 -5.67 9.67 -25.03
N GLN A 663 -5.68 8.53 -24.35
CA GLN A 663 -5.93 7.24 -24.98
C GLN A 663 -6.71 6.34 -24.03
N TYR A 664 -7.94 5.98 -24.40
CA TYR A 664 -8.76 5.08 -23.58
C TYR A 664 -8.02 3.74 -23.32
N LEU A 665 -8.04 3.25 -22.09
CA LEU A 665 -7.30 2.02 -21.74
C LEU A 665 -8.27 0.91 -21.41
N ALA A 666 -8.69 0.10 -22.41
CA ALA A 666 -9.70 -0.93 -22.24
C ALA A 666 -9.45 -1.89 -21.08
N ASP A 667 -8.20 -2.31 -20.84
CA ASP A 667 -7.86 -3.25 -19.77
C ASP A 667 -7.61 -2.64 -18.40
N TYR A 668 -7.63 -1.30 -18.26
CA TYR A 668 -7.37 -0.68 -16.96
C TYR A 668 -8.34 0.41 -16.57
N GLN A 669 -8.80 1.21 -17.52
CA GLN A 669 -9.64 2.36 -17.23
C GLN A 669 -11.06 2.03 -16.81
N ARG A 670 -11.47 2.48 -15.62
CA ARG A 670 -12.83 2.23 -15.17
C ARG A 670 -13.46 3.47 -14.52
N SER A 671 -14.77 3.64 -14.71
CA SER A 671 -15.54 4.65 -14.00
C SER A 671 -15.92 4.01 -12.66
N ILE A 672 -15.77 4.73 -11.56
CA ILE A 672 -16.07 4.25 -10.20
C ILE A 672 -17.43 4.83 -9.86
N ILE A 673 -18.41 3.95 -9.58
CA ILE A 673 -19.80 4.34 -9.44
C ILE A 673 -20.43 3.90 -8.11
N VAL A 674 -21.21 4.77 -7.44
CA VAL A 674 -21.90 4.38 -6.21
C VAL A 674 -23.18 3.66 -6.64
N ASP A 675 -23.39 2.44 -6.15
CA ASP A 675 -24.54 1.62 -6.50
C ASP A 675 -25.81 2.33 -5.99
N ILE A 676 -26.84 2.47 -6.83
CA ILE A 676 -28.09 3.14 -6.41
C ILE A 676 -28.77 2.41 -5.25
N ARG A 677 -28.55 1.08 -5.13
CA ARG A 677 -29.09 0.29 -4.03
C ARG A 677 -28.50 0.75 -2.69
N TYR A 678 -27.22 1.14 -2.69
CA TYR A 678 -26.52 1.66 -1.52
C TYR A 678 -27.03 3.07 -1.18
N VAL A 679 -27.29 3.91 -2.22
CA VAL A 679 -27.85 5.25 -2.06
C VAL A 679 -29.23 5.14 -1.35
N LEU A 680 -30.11 4.26 -1.84
CA LEU A 680 -31.45 4.08 -1.28
C LEU A 680 -31.40 3.46 0.10
N LEU A 681 -30.43 2.56 0.35
CA LEU A 681 -30.22 1.99 1.68
C LEU A 681 -29.85 3.09 2.66
N VAL A 682 -28.97 4.04 2.28
CA VAL A 682 -28.54 5.12 3.17
C VAL A 682 -29.68 6.11 3.44
N ILE A 683 -30.43 6.53 2.41
CA ILE A 683 -31.60 7.40 2.57
C ILE A 683 -32.61 6.77 3.54
N ASP A 684 -32.88 5.47 3.36
CA ASP A 684 -33.83 4.68 4.14
C ASP A 684 -33.39 4.32 5.57
N LYS A 685 -32.27 3.62 5.72
CA LYS A 685 -31.85 3.10 7.02
C LYS A 685 -30.91 4.00 7.79
N VAL A 686 -30.30 5.00 7.14
CA VAL A 686 -29.45 5.94 7.87
C VAL A 686 -30.19 7.27 8.07
N GLY A 687 -30.71 7.83 6.99
CA GLY A 687 -31.45 9.08 7.06
C GLY A 687 -32.87 8.95 7.55
N GLY A 688 -33.48 7.80 7.30
CA GLY A 688 -34.88 7.54 7.65
C GLY A 688 -35.82 8.48 6.93
N CYS A 689 -35.43 8.91 5.70
CA CYS A 689 -36.20 9.88 4.93
C CYS A 689 -37.08 9.19 3.89
N GLN A 690 -38.12 8.50 4.37
CA GLN A 690 -39.07 7.73 3.58
C GLN A 690 -39.78 8.50 2.46
N ARG A 691 -40.07 9.78 2.69
CA ARG A 691 -40.75 10.60 1.70
C ARG A 691 -39.97 10.69 0.37
N LEU A 692 -38.62 10.62 0.42
CA LEU A 692 -37.80 10.66 -0.77
C LEU A 692 -37.90 9.37 -1.57
N LEU A 693 -38.00 8.24 -0.88
CA LEU A 693 -38.18 6.94 -1.50
C LEU A 693 -39.55 6.90 -2.17
N ASP A 694 -40.62 7.34 -1.47
CA ASP A 694 -41.99 7.37 -1.97
C ASP A 694 -42.19 8.24 -3.22
N GLU A 695 -41.46 9.37 -3.32
CA GLU A 695 -41.61 10.24 -4.50
C GLU A 695 -40.82 9.77 -5.73
N MET A 696 -39.89 8.84 -5.55
CA MET A 696 -39.13 8.25 -6.66
C MET A 696 -39.94 7.10 -7.25
N ASN A 697 -39.79 6.83 -8.55
CA ASN A 697 -40.44 5.69 -9.18
C ASN A 697 -39.44 4.52 -9.16
N ILE A 698 -39.56 3.67 -8.14
CA ILE A 698 -38.66 2.53 -7.94
C ILE A 698 -39.22 1.28 -8.62
N VAL A 699 -38.46 0.73 -9.58
CA VAL A 699 -38.91 -0.44 -10.30
C VAL A 699 -38.25 -1.73 -9.79
N PRO A 700 -39.05 -2.78 -9.58
CA PRO A 700 -38.49 -4.05 -9.09
C PRO A 700 -37.50 -4.72 -10.04
N GLU B 3 -4.96 -28.34 7.12
CA GLU B 3 -5.08 -27.78 8.46
C GLU B 3 -4.01 -28.24 9.47
N GLY B 4 -3.24 -29.29 9.22
CA GLY B 4 -2.25 -29.72 10.22
C GLY B 4 -0.82 -30.01 9.82
N MET B 5 0.06 -30.22 10.82
CA MET B 5 1.47 -30.56 10.63
C MET B 5 1.59 -31.90 11.28
N TRP B 6 1.43 -32.93 10.47
CA TRP B 6 1.29 -34.30 10.91
C TRP B 6 2.57 -35.06 11.12
N LEU B 7 2.56 -35.89 12.17
CA LEU B 7 3.65 -36.82 12.43
C LEU B 7 3.73 -37.83 11.25
N MET B 8 4.94 -38.36 10.96
CA MET B 8 5.07 -39.35 9.89
C MET B 8 4.21 -40.61 10.19
N GLN B 9 4.08 -40.99 11.48
CA GLN B 9 3.24 -42.11 11.98
C GLN B 9 1.76 -41.91 11.63
N GLN B 10 1.32 -40.64 11.51
CA GLN B 10 -0.06 -40.32 11.22
C GLN B 10 -0.38 -40.43 9.70
N LEU B 11 0.63 -40.72 8.82
CA LEU B 11 0.38 -40.88 7.39
C LEU B 11 -0.65 -42.00 7.12
N GLY B 12 -0.54 -43.13 7.81
CA GLY B 12 -1.49 -44.24 7.66
C GLY B 12 -2.94 -43.82 7.84
N ARG B 13 -3.22 -43.06 8.91
CA ARG B 13 -4.54 -42.56 9.24
C ARG B 13 -5.03 -41.42 8.32
N LYS B 14 -4.11 -40.70 7.68
CA LYS B 14 -4.46 -39.60 6.78
C LYS B 14 -4.50 -39.97 5.30
N TYR B 15 -3.87 -41.10 4.93
CA TYR B 15 -3.69 -41.56 3.57
C TYR B 15 -4.97 -41.52 2.73
N ALA B 16 -6.09 -42.09 3.23
CA ALA B 16 -7.36 -42.08 2.49
C ALA B 16 -7.86 -40.65 2.20
N GLN B 17 -7.74 -39.71 3.17
CA GLN B 17 -8.13 -38.31 2.95
C GLN B 17 -7.21 -37.67 1.88
N MET B 18 -5.91 -37.99 1.93
CA MET B 18 -4.94 -37.43 0.98
C MET B 18 -5.23 -37.95 -0.43
N LYS B 19 -5.63 -39.21 -0.55
CA LYS B 19 -5.99 -39.83 -1.83
C LYS B 19 -7.26 -39.19 -2.39
N GLU B 20 -8.26 -38.96 -1.53
CA GLU B 20 -9.48 -38.28 -1.94
C GLU B 20 -9.17 -36.83 -2.40
N ARG B 21 -8.14 -36.18 -1.79
CA ARG B 21 -7.71 -34.84 -2.17
C ARG B 21 -6.78 -34.82 -3.41
N GLY B 22 -6.41 -35.99 -3.96
CA GLY B 22 -5.58 -36.03 -5.15
C GLY B 22 -4.27 -36.80 -5.12
N LEU B 23 -3.79 -37.23 -3.94
CA LEU B 23 -2.51 -37.97 -3.87
C LEU B 23 -2.54 -39.24 -4.71
N LYS B 24 -1.53 -39.45 -5.56
CA LYS B 24 -1.46 -40.63 -6.40
C LYS B 24 -0.39 -41.63 -5.97
N MET B 25 0.63 -41.19 -5.23
CA MET B 25 1.70 -42.10 -4.86
C MET B 25 1.25 -43.12 -3.74
N LYS B 26 1.90 -44.30 -3.73
CA LYS B 26 1.64 -45.32 -2.73
C LYS B 26 2.13 -44.80 -1.37
N GLU B 27 1.43 -45.17 -0.27
CA GLU B 27 1.74 -44.69 1.08
C GLU B 27 3.20 -44.88 1.46
N TYR B 28 3.74 -46.09 1.30
CA TYR B 28 5.13 -46.41 1.67
C TYR B 28 6.18 -45.82 0.75
N ASP B 29 5.81 -45.31 -0.42
CA ASP B 29 6.78 -44.59 -1.27
C ASP B 29 7.03 -43.16 -0.70
N LEU B 30 6.08 -42.63 0.08
CA LEU B 30 6.18 -41.32 0.70
C LEU B 30 6.85 -41.47 2.08
N TYR B 31 6.30 -42.36 2.90
CA TYR B 31 6.87 -42.67 4.19
C TYR B 31 6.80 -44.15 4.48
N ASN B 32 7.96 -44.78 4.65
CA ASN B 32 8.04 -46.16 5.01
C ASN B 32 8.79 -46.26 6.35
N PRO B 33 8.12 -46.77 7.40
CA PRO B 33 8.82 -46.91 8.69
C PRO B 33 9.94 -47.98 8.67
N ASN B 34 9.94 -48.90 7.67
CA ASN B 34 11.00 -49.92 7.60
C ASN B 34 11.45 -50.17 6.16
N GLY B 35 11.93 -49.09 5.53
CA GLY B 35 12.43 -49.11 4.17
C GLY B 35 12.62 -47.71 3.62
N THR B 36 13.21 -47.60 2.40
CA THR B 36 13.47 -46.34 1.75
C THR B 36 12.18 -45.69 1.24
N SER B 37 12.06 -44.39 1.42
CA SER B 37 10.91 -43.62 1.01
C SER B 37 11.35 -42.20 0.72
N LEU B 38 10.46 -41.38 0.16
CA LEU B 38 10.71 -39.98 -0.17
C LEU B 38 11.16 -39.16 1.05
N LYS B 39 10.74 -39.56 2.27
CA LYS B 39 11.16 -38.98 3.55
C LYS B 39 12.70 -38.96 3.66
N ASP B 40 13.37 -39.97 3.06
CA ASP B 40 14.82 -40.07 3.11
C ASP B 40 15.55 -39.01 2.26
N ALA B 41 14.82 -38.25 1.44
CA ALA B 41 15.42 -37.18 0.66
C ALA B 41 15.24 -35.79 1.32
N VAL B 42 14.64 -35.73 2.53
CA VAL B 42 14.39 -34.49 3.25
C VAL B 42 15.45 -34.32 4.34
N VAL B 43 16.01 -33.12 4.46
CA VAL B 43 17.00 -32.86 5.50
C VAL B 43 16.65 -31.63 6.33
N LEU B 44 17.18 -31.58 7.55
CA LEU B 44 17.13 -30.40 8.37
C LEU B 44 18.44 -29.70 7.97
N PHE B 45 18.33 -28.55 7.31
CA PHE B 45 19.45 -27.77 6.80
C PHE B 45 19.90 -26.76 7.83
N ASP B 46 21.15 -26.92 8.29
CA ASP B 46 21.82 -26.02 9.22
C ASP B 46 21.03 -25.69 10.50
N GLY B 47 20.45 -26.70 11.12
CA GLY B 47 19.74 -26.55 12.38
C GLY B 47 18.43 -25.78 12.42
N GLY B 48 18.00 -25.18 11.31
CA GLY B 48 16.76 -24.42 11.28
C GLY B 48 15.88 -24.69 10.08
N CYS B 49 16.44 -24.53 8.91
CA CYS B 49 15.80 -24.67 7.62
C CYS B 49 15.55 -26.13 7.24
N THR B 50 14.79 -26.32 6.16
CA THR B 50 14.59 -27.60 5.55
C THR B 50 15.35 -27.56 4.20
N GLY B 51 15.77 -28.71 3.76
CA GLY B 51 16.40 -28.89 2.46
C GLY B 51 15.96 -30.20 1.85
N GLU B 52 16.39 -30.45 0.61
CA GLU B 52 16.04 -31.67 -0.08
C GLU B 52 17.11 -32.10 -1.05
N VAL B 53 17.39 -33.42 -1.08
CA VAL B 53 18.36 -34.01 -1.99
C VAL B 53 17.66 -34.18 -3.35
N VAL B 54 18.30 -33.68 -4.42
CA VAL B 54 17.75 -33.66 -5.79
C VAL B 54 18.62 -34.37 -6.84
N SER B 55 19.60 -35.16 -6.42
CA SER B 55 20.43 -35.94 -7.37
C SER B 55 21.10 -37.12 -6.65
N ASP B 56 21.54 -38.14 -7.43
CA ASP B 56 22.27 -39.29 -6.90
C ASP B 56 23.71 -38.93 -6.48
N ARG B 57 24.11 -37.65 -6.62
CA ARG B 57 25.40 -37.17 -6.17
C ARG B 57 25.27 -36.16 -5.01
N GLY B 58 24.20 -36.25 -4.23
CA GLY B 58 24.02 -35.44 -3.03
C GLY B 58 23.76 -33.95 -3.16
N LEU B 59 23.28 -33.51 -4.35
CA LEU B 59 22.94 -32.11 -4.54
C LEU B 59 21.71 -31.80 -3.69
N VAL B 60 21.72 -30.65 -3.00
CA VAL B 60 20.67 -30.23 -2.10
C VAL B 60 20.15 -28.86 -2.48
N LEU B 61 18.82 -28.70 -2.52
CA LEU B 61 18.21 -27.40 -2.74
C LEU B 61 17.62 -26.93 -1.41
N THR B 62 17.76 -25.65 -1.14
CA THR B 62 17.16 -24.97 0.03
C THR B 62 16.90 -23.52 -0.42
N ASN B 63 16.46 -22.64 0.49
CA ASN B 63 16.24 -21.25 0.15
C ASN B 63 17.56 -20.49 0.07
N HIS B 64 17.52 -19.33 -0.59
CA HIS B 64 18.63 -18.40 -0.67
C HIS B 64 18.82 -17.82 0.74
N HIS B 65 17.73 -17.51 1.46
CA HIS B 65 17.86 -16.97 2.82
C HIS B 65 18.37 -18.01 3.81
N CYS B 66 18.28 -19.32 3.48
CA CYS B 66 18.81 -20.39 4.31
C CYS B 66 20.31 -20.55 4.12
N GLY B 67 20.78 -20.37 2.88
CA GLY B 67 22.20 -20.45 2.57
C GLY B 67 22.91 -19.11 2.55
N TYR B 68 22.20 -18.02 2.93
CA TYR B 68 22.69 -16.66 2.94
C TYR B 68 24.04 -16.48 3.67
N ASP B 69 24.16 -16.99 4.91
CA ASP B 69 25.39 -16.88 5.69
C ASP B 69 26.58 -17.53 4.99
N MET B 70 26.39 -18.68 4.34
CA MET B 70 27.47 -19.37 3.62
C MET B 70 27.87 -18.60 2.37
N ILE B 71 26.88 -17.98 1.67
CA ILE B 71 27.17 -17.17 0.49
C ILE B 71 27.95 -15.91 0.88
N GLN B 72 27.58 -15.30 2.01
CA GLN B 72 28.21 -14.12 2.57
C GLN B 72 29.63 -14.40 3.08
N ALA B 73 29.84 -15.51 3.79
CA ALA B 73 31.16 -15.91 4.32
C ALA B 73 32.18 -16.17 3.21
N HIS B 74 31.73 -16.62 2.04
CA HIS B 74 32.62 -16.82 0.89
C HIS B 74 32.74 -15.60 -0.02
N SER B 75 32.03 -14.51 0.29
CA SER B 75 32.06 -13.30 -0.53
C SER B 75 33.17 -12.34 -0.09
N THR B 76 33.84 -11.73 -1.07
CA THR B 76 34.89 -10.70 -0.92
C THR B 76 34.60 -9.56 -1.93
N LEU B 77 35.36 -8.44 -1.89
CA LEU B 77 35.13 -7.36 -2.88
C LEU B 77 35.45 -7.86 -4.29
N GLU B 78 36.44 -8.76 -4.43
CA GLU B 78 36.85 -9.34 -5.72
C GLU B 78 35.85 -10.37 -6.27
N HIS B 79 35.22 -11.16 -5.38
CA HIS B 79 34.22 -12.13 -5.81
C HIS B 79 33.02 -12.03 -4.88
N ASN B 80 32.16 -11.04 -5.14
CA ASN B 80 31.01 -10.81 -4.29
C ASN B 80 29.85 -11.71 -4.71
N TYR B 81 29.83 -12.97 -4.19
CA TYR B 81 28.80 -13.97 -4.50
C TYR B 81 27.43 -13.56 -4.03
N LEU B 82 27.34 -12.79 -2.94
CA LEU B 82 26.06 -12.33 -2.43
C LEU B 82 25.33 -11.45 -3.47
N GLU B 83 26.06 -10.51 -4.10
CA GLU B 83 25.42 -9.64 -5.07
C GLU B 83 25.48 -10.21 -6.52
N ASN B 84 26.47 -11.04 -6.85
CA ASN B 84 26.63 -11.58 -8.21
C ASN B 84 26.09 -12.96 -8.45
N GLY B 85 25.92 -13.72 -7.39
CA GLY B 85 25.58 -15.13 -7.50
C GLY B 85 26.86 -15.94 -7.58
N PHE B 86 26.74 -17.26 -7.42
CA PHE B 86 27.90 -18.15 -7.44
C PHE B 86 27.50 -19.40 -8.20
N TRP B 87 28.33 -19.85 -9.12
CA TRP B 87 28.05 -21.06 -9.89
C TRP B 87 29.32 -21.84 -10.10
N ALA B 88 29.57 -22.87 -9.25
CA ALA B 88 30.76 -23.71 -9.39
C ALA B 88 30.62 -24.51 -10.66
N MET B 89 31.57 -24.34 -11.62
CA MET B 89 31.48 -25.04 -12.90
C MET B 89 31.99 -26.49 -12.87
N ARG B 90 32.54 -26.92 -11.74
CA ARG B 90 33.00 -28.29 -11.50
C ARG B 90 32.84 -28.60 -10.02
N GLU B 91 32.69 -29.88 -9.67
CA GLU B 91 32.55 -30.33 -8.30
C GLU B 91 33.68 -29.85 -7.39
N ALA B 92 34.91 -29.85 -7.91
CA ALA B 92 36.09 -29.39 -7.18
C ALA B 92 36.03 -27.89 -6.83
N ASP B 93 35.23 -27.11 -7.57
CA ASP B 93 35.05 -25.68 -7.30
C ASP B 93 34.00 -25.36 -6.23
N GLU B 94 33.24 -26.34 -5.76
CA GLU B 94 32.25 -26.14 -4.71
C GLU B 94 32.99 -25.80 -3.41
N LEU B 95 32.48 -24.76 -2.70
CA LEU B 95 33.10 -24.21 -1.51
C LEU B 95 32.66 -24.85 -0.20
N PRO B 96 33.62 -25.32 0.61
CA PRO B 96 33.24 -25.90 1.91
C PRO B 96 32.78 -24.84 2.89
N ASN B 97 31.98 -25.23 3.88
CA ASN B 97 31.47 -24.29 4.86
C ASN B 97 31.76 -24.76 6.25
N LYS B 98 32.34 -23.91 7.11
CA LYS B 98 32.57 -24.28 8.50
C LYS B 98 31.25 -24.14 9.26
N ASP B 99 31.01 -25.05 10.22
CA ASP B 99 29.83 -25.07 11.09
C ASP B 99 28.50 -25.33 10.38
N ILE B 100 28.52 -26.08 9.30
CA ILE B 100 27.29 -26.43 8.58
C ILE B 100 26.92 -27.89 8.87
N SER B 101 25.65 -28.21 8.74
CA SER B 101 25.19 -29.58 8.92
C SER B 101 23.90 -29.84 8.14
N VAL B 102 23.70 -31.09 7.79
CA VAL B 102 22.47 -31.57 7.20
C VAL B 102 22.08 -32.81 8.01
N VAL B 103 20.82 -32.87 8.44
CA VAL B 103 20.36 -33.99 9.22
C VAL B 103 19.29 -34.81 8.51
N PHE B 104 19.56 -36.11 8.32
CA PHE B 104 18.57 -37.02 7.75
C PHE B 104 17.84 -37.70 8.92
N ILE B 105 16.54 -37.94 8.76
CA ILE B 105 15.76 -38.66 9.78
C ILE B 105 15.69 -40.12 9.35
N ASP B 106 16.68 -40.91 9.77
CA ASP B 106 16.85 -42.32 9.41
C ASP B 106 15.71 -43.23 9.85
N LYS B 107 15.32 -43.14 11.12
CA LYS B 107 14.21 -43.91 11.69
C LYS B 107 13.43 -43.03 12.67
N ILE B 108 12.15 -43.32 12.85
CA ILE B 108 11.26 -42.67 13.81
C ILE B 108 10.50 -43.81 14.51
N GLU B 109 10.45 -43.79 15.83
CA GLU B 109 9.80 -44.83 16.62
C GLU B 109 8.91 -44.23 17.69
N ASP B 110 7.70 -44.78 17.88
CA ASP B 110 6.85 -44.37 18.99
C ASP B 110 7.40 -45.05 20.27
N VAL B 111 7.86 -44.25 21.25
CA VAL B 111 8.37 -44.77 22.52
C VAL B 111 7.55 -44.32 23.72
N THR B 112 6.26 -44.02 23.51
CA THR B 112 5.36 -43.51 24.56
C THR B 112 5.26 -44.42 25.78
N ASP B 113 4.97 -45.73 25.59
CA ASP B 113 4.86 -46.68 26.70
C ASP B 113 6.16 -46.74 27.51
N TYR B 114 7.30 -46.76 26.82
CA TYR B 114 8.62 -46.79 27.43
C TYR B 114 8.86 -45.54 28.30
N VAL B 115 8.68 -44.34 27.73
CA VAL B 115 8.87 -43.10 28.47
C VAL B 115 7.91 -43.00 29.66
N LYS B 116 6.63 -43.33 29.44
CA LYS B 116 5.64 -43.30 30.51
C LYS B 116 5.92 -44.31 31.64
N LYS B 117 6.53 -45.48 31.31
CA LYS B 117 6.90 -46.44 32.35
C LYS B 117 8.09 -45.91 33.13
N GLU B 118 9.07 -45.30 32.46
CA GLU B 118 10.25 -44.72 33.11
C GLU B 118 9.87 -43.57 34.03
N LEU B 119 8.87 -42.75 33.60
CA LEU B 119 8.37 -41.61 34.35
C LEU B 119 7.64 -42.00 35.63
N LYS B 120 7.03 -43.21 35.66
CA LYS B 120 6.32 -43.73 36.84
C LYS B 120 7.21 -43.84 38.08
N ALA B 121 8.55 -43.94 37.89
CA ALA B 121 9.49 -44.01 39.00
C ALA B 121 9.99 -42.61 39.46
N ILE B 122 9.31 -41.51 39.04
CA ILE B 122 9.73 -40.16 39.44
C ILE B 122 9.42 -39.86 40.90
N LYS B 123 8.14 -40.02 41.30
CA LYS B 123 7.65 -39.74 42.67
C LYS B 123 7.02 -38.35 42.76
N ASP B 124 7.80 -37.24 42.63
CA ASP B 124 7.27 -35.88 42.68
C ASP B 124 6.27 -35.68 41.55
N PRO B 125 4.97 -35.54 41.84
CA PRO B 125 3.98 -35.37 40.76
C PRO B 125 4.18 -34.12 39.89
N ASN B 126 4.83 -33.10 40.44
CA ASN B 126 5.05 -31.85 39.71
C ASN B 126 6.42 -31.79 38.99
N SER B 127 7.11 -32.92 38.87
CA SER B 127 8.39 -32.97 38.17
C SER B 127 8.26 -32.59 36.68
N MET B 128 9.21 -31.81 36.17
CA MET B 128 9.22 -31.42 34.77
C MET B 128 10.16 -32.27 33.91
N ASP B 129 10.63 -33.42 34.43
CA ASP B 129 11.52 -34.33 33.72
C ASP B 129 10.87 -34.87 32.44
N TYR B 130 9.54 -35.01 32.42
CA TYR B 130 8.80 -35.48 31.26
C TYR B 130 8.98 -34.56 30.00
N LEU B 131 9.46 -33.32 30.20
CA LEU B 131 9.76 -32.37 29.11
C LEU B 131 11.26 -31.99 29.05
N SER B 132 12.09 -32.55 29.94
CA SER B 132 13.48 -32.22 30.04
C SER B 132 14.32 -32.90 28.96
N PRO B 133 15.05 -32.12 28.15
CA PRO B 133 15.93 -32.74 27.15
C PRO B 133 17.01 -33.62 27.77
N LYS B 134 17.51 -33.25 28.97
CA LYS B 134 18.51 -34.03 29.68
C LYS B 134 17.94 -35.38 30.10
N TYR B 135 16.75 -35.37 30.72
CA TYR B 135 16.11 -36.61 31.14
C TYR B 135 15.79 -37.50 29.94
N LEU B 136 15.14 -36.93 28.91
CA LEU B 136 14.75 -37.67 27.70
C LEU B 136 15.98 -38.22 26.95
N GLN B 137 17.13 -37.50 26.96
CA GLN B 137 18.36 -37.97 26.33
C GLN B 137 18.90 -39.18 27.08
N LYS B 138 18.78 -39.19 28.43
CA LYS B 138 19.19 -40.33 29.24
C LYS B 138 18.37 -41.57 28.84
N LEU B 139 17.05 -41.39 28.57
CA LEU B 139 16.19 -42.49 28.15
C LEU B 139 16.49 -42.94 26.72
N ALA B 140 16.85 -41.98 25.84
CA ALA B 140 17.19 -42.27 24.46
C ALA B 140 18.48 -43.11 24.40
N ASP B 141 19.53 -42.74 25.17
CA ASP B 141 20.80 -43.47 25.24
C ASP B 141 20.61 -44.86 25.85
N LYS B 142 19.77 -44.95 26.88
CA LYS B 142 19.46 -46.22 27.54
C LYS B 142 18.81 -47.18 26.55
N LYS B 143 17.87 -46.68 25.73
CA LYS B 143 17.21 -47.52 24.73
C LYS B 143 18.12 -47.88 23.55
N ALA B 144 18.92 -46.91 23.05
CA ALA B 144 19.83 -47.15 21.93
C ALA B 144 20.97 -48.11 22.26
N GLY B 145 21.55 -47.99 23.45
CA GLY B 145 22.64 -48.86 23.86
C GLY B 145 23.82 -48.15 24.51
N LYS B 146 24.70 -48.96 25.15
CA LYS B 146 25.90 -48.49 25.86
C LYS B 146 26.76 -47.58 25.01
N ASN B 147 27.05 -47.98 23.76
CA ASN B 147 27.82 -47.14 22.85
C ASN B 147 27.25 -47.24 21.42
N PHE B 148 26.04 -46.70 21.22
CA PHE B 148 25.33 -46.71 19.94
C PHE B 148 26.08 -45.93 18.85
N SER B 149 26.53 -44.71 19.18
CA SER B 149 27.24 -43.86 18.22
C SER B 149 28.55 -44.47 17.72
N ALA B 150 29.23 -45.28 18.57
CA ALA B 150 30.45 -45.94 18.15
C ALA B 150 30.12 -47.11 17.21
N LYS B 151 29.09 -47.91 17.54
CA LYS B 151 28.67 -49.05 16.69
C LYS B 151 28.03 -48.60 15.34
N ASN B 152 27.44 -47.39 15.34
CA ASN B 152 26.76 -46.82 14.20
C ASN B 152 27.29 -45.37 13.97
N PRO B 153 28.55 -45.19 13.48
CA PRO B 153 29.07 -43.81 13.32
C PRO B 153 28.24 -42.93 12.35
N GLY B 154 28.17 -41.64 12.69
CA GLY B 154 27.35 -40.67 11.97
C GLY B 154 25.93 -40.58 12.50
N LEU B 155 25.47 -41.64 13.23
CA LEU B 155 24.12 -41.74 13.80
C LEU B 155 24.03 -41.20 15.22
N SER B 156 22.84 -40.76 15.60
CA SER B 156 22.53 -40.29 16.95
C SER B 156 21.02 -40.46 17.23
N VAL B 157 20.64 -40.52 18.49
CA VAL B 157 19.25 -40.69 18.87
C VAL B 157 18.73 -39.49 19.65
N GLU B 158 17.42 -39.29 19.59
CA GLU B 158 16.80 -38.22 20.34
C GLU B 158 15.35 -38.54 20.63
N ILE B 159 14.90 -38.30 21.86
CA ILE B 159 13.49 -38.50 22.21
C ILE B 159 12.85 -37.13 22.41
N LYS B 160 11.68 -36.92 21.84
CA LYS B 160 10.96 -35.66 21.99
C LYS B 160 9.53 -35.93 22.50
N ALA B 161 8.99 -35.02 23.29
CA ALA B 161 7.62 -35.05 23.78
C ALA B 161 6.71 -34.40 22.72
N PHE B 162 5.48 -34.91 22.60
CA PHE B 162 4.47 -34.41 21.68
C PHE B 162 3.16 -34.36 22.42
N TYR B 163 2.20 -33.55 21.92
CA TYR B 163 0.87 -33.43 22.52
C TYR B 163 0.95 -33.08 24.03
N GLY B 164 1.86 -32.17 24.37
CA GLY B 164 2.09 -31.74 25.75
C GLY B 164 2.60 -32.82 26.71
N GLY B 165 3.27 -33.84 26.19
CA GLY B 165 3.79 -34.93 27.01
C GLY B 165 2.91 -36.17 26.99
N ASN B 166 1.99 -36.29 26.02
CA ASN B 166 1.14 -37.48 25.92
C ASN B 166 1.62 -38.52 24.90
N LEU B 167 2.60 -38.16 24.09
CA LEU B 167 3.18 -39.03 23.09
C LEU B 167 4.67 -38.73 22.99
N TYR B 168 5.50 -39.76 22.83
CA TYR B 168 6.95 -39.58 22.72
C TYR B 168 7.45 -40.34 21.51
N LEU B 169 8.34 -39.73 20.74
CA LEU B 169 8.97 -40.36 19.58
C LEU B 169 10.49 -40.33 19.72
N MET B 170 11.14 -41.42 19.31
CA MET B 170 12.60 -41.48 19.26
C MET B 170 13.00 -41.36 17.79
N PHE B 171 13.94 -40.47 17.52
CA PHE B 171 14.42 -40.23 16.18
C PHE B 171 15.85 -40.74 16.09
N THR B 172 16.16 -41.47 15.03
CA THR B 172 17.52 -41.89 14.77
C THR B 172 17.96 -40.99 13.62
N LYS B 173 18.95 -40.15 13.86
CA LYS B 173 19.42 -39.15 12.92
C LYS B 173 20.78 -39.43 12.35
N LYS B 174 20.97 -39.10 11.08
CA LYS B 174 22.27 -39.25 10.43
C LYS B 174 22.70 -37.82 10.04
N THR B 175 23.82 -37.35 10.59
CA THR B 175 24.26 -35.98 10.36
C THR B 175 25.52 -35.90 9.51
N TYR B 176 25.53 -35.04 8.50
CA TYR B 176 26.69 -34.81 7.63
C TYR B 176 27.15 -33.37 7.83
N THR B 177 28.45 -33.15 8.04
CA THR B 177 28.96 -31.80 8.29
C THR B 177 29.82 -31.26 7.16
N ASP B 178 30.01 -32.01 6.06
CA ASP B 178 30.75 -31.49 4.92
C ASP B 178 29.68 -31.15 3.86
N VAL B 179 29.16 -29.93 3.89
CA VAL B 179 28.09 -29.52 2.97
C VAL B 179 28.57 -28.29 2.22
N ARG B 180 28.86 -28.45 0.94
CA ARG B 180 29.50 -27.42 0.14
C ARG B 180 28.57 -26.57 -0.72
N LEU B 181 28.88 -25.27 -0.84
CA LEU B 181 28.13 -24.32 -1.65
C LEU B 181 28.40 -24.61 -3.12
N VAL B 182 27.34 -24.84 -3.88
CA VAL B 182 27.43 -25.18 -5.29
C VAL B 182 26.92 -24.03 -6.16
N GLY B 183 25.78 -23.48 -5.79
CA GLY B 183 25.16 -22.43 -6.59
C GLY B 183 24.23 -21.53 -5.83
N ALA B 184 24.12 -20.31 -6.31
CA ALA B 184 23.22 -19.33 -5.72
C ALA B 184 22.96 -18.27 -6.78
N PRO B 185 21.69 -17.84 -6.90
CA PRO B 185 21.41 -16.72 -7.79
C PRO B 185 21.92 -15.42 -7.15
N PRO B 186 22.01 -14.30 -7.92
CA PRO B 186 22.37 -13.01 -7.28
C PRO B 186 21.31 -12.65 -6.23
N SER B 187 21.65 -11.76 -5.28
CA SER B 187 20.68 -11.36 -4.27
C SER B 187 19.48 -10.64 -4.89
N SER B 188 19.65 -10.01 -6.05
CA SER B 188 18.56 -9.35 -6.77
C SER B 188 17.48 -10.38 -7.12
N ILE B 189 17.85 -11.67 -7.37
CA ILE B 189 16.86 -12.74 -7.59
C ILE B 189 16.50 -13.46 -6.27
N GLY B 190 17.51 -13.91 -5.53
CA GLY B 190 17.34 -14.65 -4.29
C GLY B 190 16.60 -13.93 -3.19
N LYS B 191 16.61 -12.59 -3.25
CA LYS B 191 15.94 -11.77 -2.27
C LYS B 191 15.27 -10.58 -2.97
N PHE B 192 14.66 -10.81 -4.16
CA PHE B 192 14.01 -9.74 -4.96
C PHE B 192 13.11 -8.78 -4.18
N GLY B 193 12.14 -9.29 -3.44
CA GLY B 193 11.27 -8.36 -2.70
C GLY B 193 12.01 -7.64 -1.57
N ALA B 194 13.07 -8.30 -1.05
CA ALA B 194 13.92 -7.95 0.07
C ALA B 194 12.95 -7.79 1.30
N ASP B 195 13.00 -6.72 2.15
CA ASP B 195 12.11 -6.62 3.28
C ASP B 195 10.74 -6.12 2.92
N THR B 196 10.59 -5.30 1.86
CA THR B 196 9.28 -4.78 1.43
C THR B 196 8.28 -5.89 1.13
N ASP B 197 8.73 -7.00 0.49
CA ASP B 197 7.85 -8.12 0.17
C ASP B 197 7.87 -9.26 1.20
N ASN B 198 8.56 -9.10 2.36
CA ASN B 198 8.56 -10.15 3.40
C ASN B 198 7.11 -10.36 3.90
N TRP B 199 6.69 -11.63 4.00
CA TRP B 199 5.31 -12.01 4.38
C TRP B 199 4.29 -11.57 3.34
N ILE B 200 4.72 -11.24 2.10
CA ILE B 200 3.76 -10.75 1.09
C ILE B 200 3.48 -11.74 -0.03
N TRP B 201 2.22 -11.91 -0.33
CA TRP B 201 1.73 -12.58 -1.52
C TRP B 201 0.85 -11.51 -2.24
N PRO B 202 0.94 -11.31 -3.57
CA PRO B 202 1.82 -11.97 -4.55
C PRO B 202 3.32 -11.78 -4.25
N ARG B 203 4.12 -12.74 -4.68
CA ARG B 203 5.56 -12.71 -4.40
C ARG B 203 6.32 -13.09 -5.64
N HIS B 204 7.44 -12.42 -5.89
CA HIS B 204 8.22 -12.63 -7.11
C HIS B 204 9.70 -12.97 -6.86
N THR B 205 9.98 -13.58 -5.71
CA THR B 205 11.33 -13.90 -5.25
C THR B 205 11.79 -15.32 -5.63
N GLY B 206 12.93 -15.43 -6.30
CA GLY B 206 13.55 -16.71 -6.64
C GLY B 206 14.45 -17.18 -5.51
N ASP B 207 13.82 -17.45 -4.36
CA ASP B 207 14.45 -17.80 -3.09
C ASP B 207 14.96 -19.23 -3.02
N PHE B 208 16.11 -19.46 -3.64
CA PHE B 208 16.79 -20.75 -3.66
C PHE B 208 18.33 -20.60 -3.61
N SER B 209 19.00 -21.63 -3.13
CA SER B 209 20.45 -21.81 -3.13
C SER B 209 20.73 -23.31 -3.20
N ILE B 210 21.92 -23.67 -3.68
CA ILE B 210 22.27 -25.05 -3.97
C ILE B 210 23.54 -25.47 -3.24
N PHE B 211 23.45 -26.59 -2.53
CA PHE B 211 24.54 -27.16 -1.78
C PHE B 211 24.79 -28.62 -2.23
N ARG B 212 25.83 -29.26 -1.69
CA ARG B 212 26.10 -30.65 -1.98
C ARG B 212 26.65 -31.31 -0.73
N ILE B 213 26.07 -32.44 -0.36
CA ILE B 213 26.54 -33.20 0.79
C ILE B 213 27.72 -34.05 0.34
N TYR B 214 28.80 -33.96 1.10
CA TYR B 214 30.02 -34.75 0.91
C TYR B 214 30.13 -35.72 2.10
N ALA B 215 30.82 -36.83 1.88
CA ALA B 215 30.98 -37.91 2.86
C ALA B 215 32.32 -38.69 2.58
N ASP B 216 32.68 -39.69 3.43
CA ASP B 216 33.86 -40.51 3.15
C ASP B 216 33.56 -41.47 1.98
N LYS B 217 34.55 -42.29 1.57
CA LYS B 217 34.43 -43.26 0.47
C LYS B 217 33.23 -44.21 0.60
N ASN B 218 32.76 -44.46 1.83
CA ASN B 218 31.62 -45.36 2.04
C ASN B 218 30.28 -44.64 2.23
N GLY B 219 30.23 -43.34 1.96
CA GLY B 219 29.03 -42.54 2.14
C GLY B 219 28.66 -42.29 3.58
N ASN B 220 29.64 -42.42 4.49
CA ASN B 220 29.43 -42.22 5.92
C ASN B 220 29.81 -40.79 6.28
N PRO B 221 29.11 -40.20 7.26
CA PRO B 221 29.44 -38.83 7.68
C PRO B 221 30.91 -38.63 8.05
N ALA B 222 31.45 -37.51 7.60
CA ALA B 222 32.83 -37.16 7.85
C ALA B 222 32.95 -35.64 7.84
N PRO B 223 33.75 -35.06 8.76
CA PRO B 223 33.96 -33.59 8.70
C PRO B 223 34.71 -33.19 7.43
N TYR B 224 34.80 -31.87 7.13
CA TYR B 224 35.53 -31.44 5.91
C TYR B 224 36.93 -32.07 5.78
N SER B 225 37.19 -32.63 4.60
CA SER B 225 38.43 -33.24 4.19
C SER B 225 38.50 -33.15 2.67
N GLU B 226 39.69 -32.79 2.14
CA GLU B 226 39.89 -32.70 0.69
C GLU B 226 39.68 -34.07 -0.01
N ASP B 227 39.74 -35.18 0.75
CA ASP B 227 39.51 -36.53 0.25
C ASP B 227 38.03 -36.93 0.24
N ASN B 228 37.11 -36.05 0.70
CA ASN B 228 35.69 -36.40 0.74
C ASN B 228 35.10 -36.42 -0.66
N VAL B 229 34.16 -37.32 -0.85
CA VAL B 229 33.49 -37.62 -2.10
C VAL B 229 31.99 -37.29 -1.95
N PRO B 230 31.32 -36.76 -3.01
CA PRO B 230 29.88 -36.48 -2.89
C PRO B 230 29.07 -37.70 -2.42
N LEU B 231 28.05 -37.47 -1.59
CA LEU B 231 27.25 -38.56 -1.05
C LEU B 231 26.31 -39.12 -2.10
N LYS B 232 26.17 -40.46 -2.19
CA LYS B 232 25.17 -41.06 -3.07
C LYS B 232 24.04 -41.42 -2.11
N PRO B 233 22.94 -40.64 -2.10
CA PRO B 233 21.87 -40.90 -1.13
C PRO B 233 21.00 -42.08 -1.50
N LYS B 234 20.28 -42.62 -0.52
CA LYS B 234 19.35 -43.73 -0.77
C LYS B 234 18.07 -43.27 -1.54
N ARG B 235 17.78 -41.97 -1.54
CA ARG B 235 16.61 -41.41 -2.21
C ARG B 235 16.83 -39.92 -2.53
N PHE B 236 16.39 -39.48 -3.69
CA PHE B 236 16.43 -38.09 -4.08
C PHE B 236 15.12 -37.76 -4.81
N PHE B 237 14.76 -36.47 -4.85
CA PHE B 237 13.51 -36.07 -5.52
C PHE B 237 13.70 -35.98 -7.03
N ASN B 238 12.70 -36.43 -7.77
CA ASN B 238 12.69 -36.17 -9.21
C ASN B 238 12.11 -34.75 -9.36
N ILE B 239 12.59 -34.00 -10.35
CA ILE B 239 12.09 -32.65 -10.58
C ILE B 239 10.98 -32.75 -11.61
N SER B 240 9.81 -32.14 -11.34
CA SER B 240 8.75 -32.11 -12.35
C SER B 240 8.86 -30.83 -13.18
N LEU B 241 8.64 -30.94 -14.49
CA LEU B 241 8.50 -29.76 -15.33
C LEU B 241 7.03 -29.59 -15.84
N GLY B 242 6.09 -30.40 -15.31
CA GLY B 242 4.68 -30.29 -15.66
C GLY B 242 3.96 -29.09 -15.06
N GLY B 243 4.62 -28.40 -14.13
CA GLY B 243 4.08 -27.21 -13.49
C GLY B 243 2.92 -27.45 -12.54
N VAL B 244 2.21 -26.37 -12.24
CA VAL B 244 1.06 -26.40 -11.35
C VAL B 244 -0.12 -25.72 -12.01
N GLN B 245 -1.30 -26.12 -11.59
CA GLN B 245 -2.58 -25.57 -11.99
C GLN B 245 -3.37 -25.29 -10.75
N GLU B 246 -4.33 -24.37 -10.83
CA GLU B 246 -5.23 -24.08 -9.69
C GLU B 246 -5.96 -25.38 -9.27
N ASN B 247 -6.00 -25.64 -7.96
CA ASN B 247 -6.64 -26.81 -7.34
C ASN B 247 -5.77 -28.07 -7.35
N ASP B 248 -4.54 -28.01 -7.89
CA ASP B 248 -3.65 -29.19 -7.87
C ASP B 248 -3.31 -29.55 -6.44
N TYR B 249 -3.21 -30.85 -6.19
CA TYR B 249 -2.79 -31.37 -4.92
C TYR B 249 -1.33 -31.00 -4.70
N ALA B 250 -1.00 -30.52 -3.49
CA ALA B 250 0.39 -30.24 -3.15
C ALA B 250 0.66 -30.73 -1.73
N MET B 251 1.89 -31.16 -1.47
CA MET B 251 2.26 -31.58 -0.13
C MET B 251 3.69 -31.18 0.21
N ILE B 252 3.96 -31.02 1.50
CA ILE B 252 5.28 -30.58 1.96
C ILE B 252 5.73 -31.46 3.12
N MET B 253 7.04 -31.71 3.18
CA MET B 253 7.67 -32.31 4.34
C MET B 253 8.70 -31.29 4.82
N GLY B 254 8.82 -31.15 6.13
CA GLY B 254 9.77 -30.20 6.70
C GLY B 254 9.81 -30.23 8.20
N PHE B 255 10.47 -29.24 8.78
CA PHE B 255 10.67 -29.19 10.23
C PHE B 255 10.06 -27.94 10.86
N PRO B 256 8.71 -27.83 10.91
CA PRO B 256 8.12 -26.64 11.57
C PRO B 256 8.55 -26.56 13.02
N GLY B 257 8.92 -25.36 13.44
CA GLY B 257 9.47 -25.12 14.76
C GLY B 257 8.47 -25.12 15.89
N THR B 258 7.51 -24.18 15.88
CA THR B 258 6.58 -24.04 16.98
C THR B 258 5.18 -23.63 16.53
N THR B 259 4.16 -24.13 17.23
CA THR B 259 2.77 -23.68 17.05
C THR B 259 2.14 -23.61 18.44
N HIS B 260 0.95 -23.02 18.57
CA HIS B 260 0.25 -22.91 19.85
C HIS B 260 -1.22 -23.24 19.60
N ARG B 261 -1.43 -24.42 19.02
CA ARG B 261 -2.76 -24.92 18.66
C ARG B 261 -3.65 -25.26 19.86
N TYR B 262 -3.07 -25.42 21.05
CA TYR B 262 -3.85 -25.75 22.24
C TYR B 262 -3.87 -24.63 23.28
N PHE B 263 -3.69 -23.39 22.84
CA PHE B 263 -3.78 -22.20 23.71
C PHE B 263 -5.21 -22.13 24.24
N THR B 264 -5.37 -21.69 25.49
CA THR B 264 -6.73 -21.44 26.01
C THR B 264 -7.14 -20.04 25.47
N ALA B 265 -8.41 -19.65 25.66
CA ALA B 265 -8.88 -18.33 25.28
C ALA B 265 -8.09 -17.24 26.06
N SER B 266 -7.78 -17.49 27.35
CA SER B 266 -7.01 -16.55 28.18
C SER B 266 -5.57 -16.35 27.66
N GLU B 267 -4.97 -17.37 27.08
CA GLU B 267 -3.63 -17.29 26.50
C GLU B 267 -3.66 -16.49 25.20
N VAL B 268 -4.75 -16.61 24.40
CA VAL B 268 -4.92 -15.81 23.18
C VAL B 268 -5.02 -14.33 23.60
N ASP B 269 -5.82 -14.03 24.65
CA ASP B 269 -5.98 -12.65 25.14
C ASP B 269 -4.67 -12.06 25.62
N GLU B 270 -3.87 -12.87 26.29
CA GLU B 270 -2.57 -12.48 26.81
C GLU B 270 -1.59 -12.20 25.65
N TRP B 271 -1.56 -13.08 24.64
CA TRP B 271 -0.70 -12.95 23.46
C TRP B 271 -1.01 -11.62 22.73
N LYS B 272 -2.28 -11.29 22.61
CA LYS B 272 -2.73 -10.05 22.02
C LYS B 272 -2.38 -8.82 22.89
N SER B 273 -2.93 -8.77 24.12
CA SER B 273 -2.88 -7.59 24.98
C SER B 273 -1.52 -7.29 25.61
N ILE B 274 -0.65 -8.30 25.71
CA ILE B 274 0.66 -8.09 26.28
C ILE B 274 1.72 -8.23 25.18
N ASP B 275 2.02 -9.48 24.74
CA ASP B 275 3.08 -9.78 23.79
C ASP B 275 3.03 -8.93 22.56
N ASN B 276 1.91 -8.99 21.82
CA ASN B 276 1.77 -8.32 20.55
C ASN B 276 1.57 -6.82 20.67
N ASP B 277 0.65 -6.34 21.55
CA ASP B 277 0.45 -4.89 21.68
C ASP B 277 1.72 -4.15 22.12
N ILE B 278 2.52 -4.74 23.03
CA ILE B 278 3.75 -4.08 23.49
C ILE B 278 4.79 -4.08 22.40
N ARG B 279 5.01 -5.24 21.73
CA ARG B 279 5.99 -5.31 20.64
C ARG B 279 5.61 -4.30 19.50
N ILE B 280 4.31 -4.22 19.18
CA ILE B 280 3.80 -3.31 18.15
C ILE B 280 4.04 -1.85 18.55
N ARG B 281 3.58 -1.47 19.74
CA ARG B 281 3.74 -0.10 20.21
C ARG B 281 5.22 0.32 20.34
N MET B 282 6.05 -0.51 21.02
CA MET B 282 7.45 -0.15 21.23
C MET B 282 8.27 -0.13 19.97
N ARG B 283 8.05 -1.11 19.08
CA ARG B 283 8.81 -1.14 17.82
C ARG B 283 8.36 -0.05 16.89
N ASP B 284 7.08 0.35 16.90
CA ASP B 284 6.65 1.47 16.05
C ASP B 284 7.35 2.78 16.51
N ILE B 285 7.50 2.98 17.82
CA ILE B 285 8.22 4.17 18.32
C ILE B 285 9.68 4.13 17.89
N ARG B 286 10.34 2.99 18.09
CA ARG B 286 11.75 2.80 17.75
C ARG B 286 12.01 3.00 16.26
N GLN B 287 11.21 2.31 15.41
CA GLN B 287 11.29 2.36 13.96
C GLN B 287 10.99 3.75 13.42
N GLY B 288 10.02 4.45 14.00
CA GLY B 288 9.68 5.81 13.58
C GLY B 288 10.85 6.78 13.73
N VAL B 289 11.54 6.75 14.89
CA VAL B 289 12.69 7.63 15.10
C VAL B 289 13.84 7.25 14.16
N MET B 290 14.10 5.95 14.05
CA MET B 290 15.15 5.39 13.21
C MET B 290 14.93 5.77 11.73
N LEU B 291 13.71 5.64 11.24
CA LEU B 291 13.36 5.99 9.86
C LEU B 291 13.50 7.49 9.58
N ARG B 292 13.02 8.38 10.50
CA ARG B 292 13.21 9.83 10.33
C ARG B 292 14.71 10.16 10.19
N GLU B 293 15.57 9.54 11.03
CA GLU B 293 17.01 9.80 11.02
C GLU B 293 17.69 9.25 9.78
N MET B 294 17.27 8.06 9.33
CA MET B 294 17.79 7.43 8.12
C MET B 294 17.42 8.26 6.87
N LEU B 295 16.19 8.80 6.81
CA LEU B 295 15.75 9.61 5.65
C LEU B 295 16.44 10.99 5.60
N ALA B 296 16.84 11.53 6.77
CA ALA B 296 17.48 12.85 6.84
C ALA B 296 18.99 12.80 6.59
N ASP B 297 19.63 11.65 6.77
CA ASP B 297 21.07 11.52 6.62
C ASP B 297 21.40 10.20 5.92
N PRO B 298 21.94 10.26 4.69
CA PRO B 298 22.28 9.03 3.97
C PRO B 298 23.34 8.16 4.66
N GLN B 299 24.19 8.76 5.50
CA GLN B 299 25.17 7.99 6.27
C GLN B 299 24.44 7.21 7.39
N ILE B 300 23.38 7.80 8.01
CA ILE B 300 22.58 7.10 9.03
C ILE B 300 21.80 5.93 8.40
N LYS B 301 21.31 6.13 7.16
CA LYS B 301 20.62 5.06 6.44
C LYS B 301 21.55 3.82 6.25
N ILE B 302 22.84 4.07 5.96
CA ILE B 302 23.80 2.99 5.79
C ILE B 302 24.05 2.25 7.12
N MET B 303 24.27 3.01 8.20
CA MET B 303 24.53 2.42 9.50
C MET B 303 23.34 1.69 10.13
N TYR B 304 22.11 2.16 9.89
CA TYR B 304 20.93 1.61 10.57
C TYR B 304 19.96 0.78 9.75
N SER B 305 20.24 0.54 8.45
CA SER B 305 19.31 -0.23 7.61
C SER B 305 19.06 -1.65 8.08
N ALA B 306 20.12 -2.36 8.46
CA ALA B 306 19.99 -3.73 8.93
C ALA B 306 19.27 -3.78 10.29
N LYS B 307 19.58 -2.82 11.21
CA LYS B 307 18.92 -2.77 12.52
C LYS B 307 17.44 -2.49 12.37
N TYR B 308 17.09 -1.59 11.44
CA TYR B 308 15.72 -1.23 11.15
C TYR B 308 14.98 -2.44 10.59
N ALA B 309 15.59 -3.12 9.59
CA ALA B 309 15.01 -4.32 8.96
C ALA B 309 14.81 -5.45 9.95
N ALA B 310 15.79 -5.70 10.83
CA ALA B 310 15.67 -6.74 11.86
C ALA B 310 14.52 -6.47 12.84
N SER B 311 14.24 -5.20 13.14
CA SER B 311 13.15 -4.86 14.07
C SER B 311 11.78 -5.04 13.39
N GLN B 312 11.70 -4.67 12.09
CA GLN B 312 10.49 -4.75 11.31
C GLN B 312 9.96 -6.16 11.14
N ASN B 313 10.85 -7.17 11.08
CA ASN B 313 10.39 -8.53 10.80
C ASN B 313 9.35 -9.08 11.81
N ALA B 314 9.67 -9.07 13.12
CA ALA B 314 8.69 -9.56 14.12
C ALA B 314 7.59 -8.51 14.38
N TYR B 315 7.84 -7.23 14.07
CA TYR B 315 6.83 -6.19 14.14
C TYR B 315 5.70 -6.53 13.15
N LYS B 316 6.07 -6.88 11.89
CA LYS B 316 5.06 -7.24 10.89
C LYS B 316 4.32 -8.52 11.29
N ARG B 317 5.04 -9.48 11.89
CA ARG B 317 4.43 -10.73 12.34
C ARG B 317 3.35 -10.45 13.39
N ALA B 318 3.67 -9.60 14.37
CA ALA B 318 2.75 -9.23 15.45
C ALA B 318 1.50 -8.51 14.91
N ILE B 319 1.67 -7.64 13.89
CA ILE B 319 0.56 -6.95 13.21
C ILE B 319 -0.36 -7.99 12.54
N GLY B 320 0.24 -8.95 11.82
CA GLY B 320 -0.53 -9.99 11.17
C GLY B 320 -1.27 -10.89 12.14
N ALA B 321 -0.63 -11.21 13.27
CA ALA B 321 -1.21 -12.07 14.30
C ALA B 321 -2.37 -11.36 14.97
N ASN B 322 -2.21 -10.08 15.31
CA ASN B 322 -3.28 -9.28 15.92
C ASN B 322 -4.46 -9.07 14.95
N TRP B 323 -4.19 -9.04 13.63
CA TRP B 323 -5.28 -8.94 12.66
C TRP B 323 -6.14 -10.23 12.75
N ALA B 324 -5.51 -11.40 12.87
CA ALA B 324 -6.25 -12.66 12.99
C ALA B 324 -7.06 -12.72 14.30
N ILE B 325 -6.45 -12.28 15.42
CA ILE B 325 -7.14 -12.27 16.71
C ILE B 325 -8.38 -11.37 16.64
N LYS B 326 -8.23 -10.18 16.03
CA LYS B 326 -9.32 -9.23 15.88
C LYS B 326 -10.42 -9.67 14.91
N THR B 327 -10.06 -10.30 13.77
CA THR B 327 -11.04 -10.59 12.73
C THR B 327 -11.41 -12.06 12.47
N ARG B 328 -10.57 -13.04 12.89
CA ARG B 328 -10.84 -14.44 12.56
C ARG B 328 -11.39 -15.28 13.72
N GLY B 329 -11.76 -14.65 14.82
CA GLY B 329 -12.33 -15.31 15.98
C GLY B 329 -11.44 -16.33 16.64
N LEU B 330 -10.14 -16.01 16.85
CA LEU B 330 -9.23 -16.99 17.46
C LEU B 330 -9.57 -17.25 18.91
N ARG B 331 -9.86 -16.18 19.66
CA ARG B 331 -10.19 -16.32 21.07
C ARG B 331 -11.46 -17.12 21.26
N GLN B 332 -12.49 -16.82 20.46
CA GLN B 332 -13.79 -17.46 20.50
C GLN B 332 -13.70 -18.94 20.17
N ASN B 333 -12.89 -19.30 19.19
CA ASN B 333 -12.72 -20.70 18.82
C ASN B 333 -11.96 -21.50 19.87
N LYS B 334 -11.04 -20.85 20.62
CA LYS B 334 -10.36 -21.55 21.71
C LYS B 334 -11.34 -21.75 22.86
N GLN B 335 -12.20 -20.75 23.13
CA GLN B 335 -13.23 -20.80 24.17
C GLN B 335 -14.22 -21.92 23.85
N ALA B 336 -14.64 -22.06 22.57
CA ALA B 336 -15.56 -23.13 22.19
C ALA B 336 -14.93 -24.52 22.36
N MET B 337 -13.64 -24.64 22.06
CA MET B 337 -12.86 -25.88 22.19
C MET B 337 -12.80 -26.30 23.67
N GLN B 338 -12.46 -25.36 24.57
CA GLN B 338 -12.36 -25.69 25.99
C GLN B 338 -13.75 -25.92 26.61
N ASP B 339 -14.79 -25.19 26.17
CA ASP B 339 -16.15 -25.39 26.71
C ASP B 339 -16.73 -26.75 26.33
N ARG B 340 -16.39 -27.22 25.11
CA ARG B 340 -16.81 -28.54 24.62
C ARG B 340 -16.13 -29.65 25.47
N LEU B 341 -14.82 -29.49 25.77
CA LEU B 341 -14.13 -30.47 26.60
C LEU B 341 -14.72 -30.51 28.03
N ILE B 342 -15.04 -29.33 28.59
CA ILE B 342 -15.59 -29.17 29.93
C ILE B 342 -16.97 -29.80 30.05
N ALA B 343 -17.81 -29.67 29.01
CA ALA B 343 -19.14 -30.26 28.99
C ALA B 343 -19.04 -31.79 28.89
N TRP B 344 -18.07 -32.29 28.12
CA TRP B 344 -17.83 -33.72 27.96
C TRP B 344 -17.28 -34.34 29.23
N GLY B 345 -16.38 -33.63 29.91
CA GLY B 345 -15.84 -34.08 31.19
C GLY B 345 -16.88 -34.06 32.30
N ALA B 346 -17.79 -33.04 32.30
CA ALA B 346 -18.87 -32.98 33.31
C ALA B 346 -19.80 -34.19 33.14
N LYS B 347 -20.07 -34.55 31.89
CA LYS B 347 -20.88 -35.71 31.50
C LYS B 347 -20.22 -37.03 31.94
N GLN B 348 -18.90 -37.20 31.74
CA GLN B 348 -18.23 -38.46 32.12
C GLN B 348 -17.87 -38.56 33.61
N GLY B 349 -18.11 -37.50 34.38
CA GLY B 349 -17.76 -37.47 35.80
C GLY B 349 -16.28 -37.31 36.08
N THR B 350 -15.53 -36.77 35.09
CA THR B 350 -14.08 -36.54 35.21
C THR B 350 -13.81 -35.02 35.24
N PRO B 351 -13.70 -34.42 36.42
CA PRO B 351 -13.50 -32.95 36.50
C PRO B 351 -12.08 -32.42 36.25
N ARG B 352 -11.09 -33.31 36.03
CA ARG B 352 -9.70 -32.88 35.86
C ARG B 352 -9.42 -31.98 34.63
N TYR B 353 -10.25 -32.04 33.58
CA TYR B 353 -10.05 -31.22 32.38
C TYR B 353 -10.47 -29.78 32.64
N GLU B 354 -11.61 -29.59 33.32
CA GLU B 354 -12.08 -28.27 33.70
C GLU B 354 -11.10 -27.64 34.71
N GLU B 355 -10.55 -28.47 35.62
CA GLU B 355 -9.57 -28.01 36.61
C GLU B 355 -8.28 -27.58 35.90
N ALA B 356 -7.88 -28.28 34.81
CA ALA B 356 -6.68 -27.96 34.04
C ALA B 356 -6.84 -26.62 33.31
N VAL B 357 -7.99 -26.38 32.67
CA VAL B 357 -8.27 -25.11 31.98
C VAL B 357 -8.30 -23.97 33.02
N HIS B 358 -8.92 -24.22 34.19
CA HIS B 358 -8.95 -23.23 35.29
C HIS B 358 -7.53 -22.91 35.77
N GLU B 359 -6.64 -23.92 35.92
CA GLU B 359 -5.26 -23.65 36.35
C GLU B 359 -4.53 -22.78 35.33
N ILE B 360 -4.76 -23.03 34.03
CA ILE B 360 -4.12 -22.22 32.99
C ILE B 360 -4.62 -20.76 33.08
N ASP B 361 -5.95 -20.56 33.19
CA ASP B 361 -6.56 -19.22 33.31
C ASP B 361 -6.04 -18.48 34.54
N ALA B 362 -5.93 -19.18 35.68
CA ALA B 362 -5.47 -18.58 36.92
C ALA B 362 -4.00 -18.19 36.83
N THR B 363 -3.18 -19.04 36.21
CA THR B 363 -1.75 -18.75 36.08
C THR B 363 -1.56 -17.54 35.16
N VAL B 364 -2.29 -17.49 34.03
CA VAL B 364 -2.24 -16.36 33.11
C VAL B 364 -2.64 -15.07 33.83
N ALA B 365 -3.76 -15.09 34.56
CA ALA B 365 -4.23 -13.89 35.29
C ALA B 365 -3.23 -13.43 36.35
N LYS B 366 -2.61 -14.39 37.09
CA LYS B 366 -1.65 -14.06 38.13
C LYS B 366 -0.33 -13.43 37.62
N ARG B 367 0.20 -13.90 36.47
CA ARG B 367 1.45 -13.36 35.94
C ARG B 367 1.30 -12.11 35.07
N ALA B 368 0.07 -11.60 34.87
CA ALA B 368 -0.19 -10.47 33.97
C ALA B 368 0.69 -9.24 34.14
N ASP B 369 0.80 -8.69 35.38
CA ASP B 369 1.59 -7.50 35.61
C ASP B 369 3.07 -7.77 35.38
N LEU B 370 3.57 -8.91 35.86
CA LEU B 370 4.97 -9.28 35.67
C LEU B 370 5.33 -9.43 34.18
N ARG B 371 4.50 -10.15 33.42
CA ARG B 371 4.71 -10.36 31.99
C ARG B 371 4.64 -9.02 31.22
N ARG B 372 3.73 -8.11 31.62
CA ARG B 372 3.63 -6.80 31.01
C ARG B 372 4.94 -6.01 31.27
N ARG B 373 5.43 -6.06 32.49
CA ARG B 373 6.70 -5.41 32.85
C ARG B 373 7.91 -6.00 32.10
N TYR B 374 7.91 -7.31 31.89
CA TYR B 374 8.97 -7.99 31.17
C TYR B 374 8.99 -7.60 29.69
N TRP B 375 7.83 -7.63 29.02
CA TRP B 375 7.76 -7.25 27.61
C TRP B 375 8.07 -5.77 27.43
N MET B 376 7.59 -4.93 28.35
CA MET B 376 7.88 -3.51 28.33
C MET B 376 9.40 -3.22 28.41
N ILE B 377 10.13 -3.91 29.29
CA ILE B 377 11.57 -3.67 29.40
C ILE B 377 12.34 -4.32 28.24
N GLU B 378 11.90 -5.49 27.78
CA GLU B 378 12.57 -6.17 26.69
C GLU B 378 12.40 -5.40 25.38
N GLU B 379 11.18 -5.04 25.03
CA GLU B 379 10.92 -4.30 23.80
C GLU B 379 11.37 -2.84 23.90
N GLY B 380 11.09 -2.23 25.05
CA GLY B 380 11.42 -0.83 25.27
C GLY B 380 12.88 -0.49 25.43
N ILE B 381 13.61 -1.33 26.19
CA ILE B 381 15.00 -1.00 26.55
C ILE B 381 16.03 -2.01 26.07
N ILE B 382 15.85 -3.32 26.42
CA ILE B 382 16.81 -4.38 26.07
C ILE B 382 17.04 -4.42 24.55
N ARG B 383 15.97 -4.42 23.74
CA ARG B 383 16.16 -4.30 22.29
C ARG B 383 15.93 -2.87 21.77
N GLY B 384 15.20 -2.04 22.50
CA GLY B 384 14.91 -0.68 22.04
C GLY B 384 16.05 0.32 22.08
N ILE B 385 16.93 0.25 23.07
CA ILE B 385 17.99 1.23 23.26
C ILE B 385 19.38 0.57 23.18
N GLU B 386 20.20 0.99 22.22
CA GLU B 386 21.54 0.42 22.03
C GLU B 386 22.46 0.59 23.23
N PHE B 387 22.40 1.74 23.92
CA PHE B 387 23.28 1.94 25.08
C PHE B 387 22.89 1.07 26.29
N ALA B 388 21.81 0.27 26.21
CA ALA B 388 21.48 -0.70 27.25
C ALA B 388 22.52 -1.86 27.16
N ARG B 389 23.04 -2.15 25.94
CA ARG B 389 24.07 -3.17 25.75
C ARG B 389 25.48 -2.55 25.67
N SER B 390 25.70 -1.47 26.41
CA SER B 390 26.99 -0.84 26.52
C SER B 390 27.82 -1.64 27.59
N PRO B 391 29.15 -1.46 27.64
CA PRO B 391 29.97 -2.29 28.56
C PRO B 391 29.68 -2.17 30.06
N ILE B 392 29.59 -3.32 30.70
CA ILE B 392 29.45 -3.39 32.15
C ILE B 392 30.71 -4.11 32.65
N PRO B 393 31.52 -3.44 33.46
CA PRO B 393 32.75 -4.07 33.97
C PRO B 393 32.45 -5.29 34.85
N THR B 394 33.13 -6.40 34.57
CA THR B 394 32.98 -7.64 35.33
C THR B 394 33.57 -7.50 36.77
N GLU B 395 33.41 -8.53 37.62
CA GLU B 395 34.01 -8.53 38.96
C GLU B 395 35.55 -8.62 38.82
N ASP B 396 36.03 -9.43 37.85
CA ASP B 396 37.45 -9.60 37.54
C ASP B 396 38.07 -8.27 37.06
N GLU B 397 37.32 -7.50 36.25
CA GLU B 397 37.80 -6.21 35.74
C GLU B 397 37.85 -5.16 36.86
N THR B 398 36.91 -5.22 37.82
CA THR B 398 36.94 -4.32 38.96
C THR B 398 38.11 -4.71 39.90
N LYS B 399 38.36 -6.02 40.06
CA LYS B 399 39.46 -6.53 40.88
C LYS B 399 40.68 -6.64 39.98
N ALA B 400 41.12 -5.48 39.46
CA ALA B 400 42.25 -5.27 38.55
C ALA B 400 42.57 -3.77 38.49
N LEU B 401 41.53 -2.93 38.47
CA LEU B 401 41.72 -1.48 38.46
C LEU B 401 41.88 -0.87 39.88
N GLN B 402 41.59 -1.67 40.93
CA GLN B 402 41.73 -1.31 42.35
C GLN B 402 41.33 -2.49 43.26
N ALA B 406 49.25 -7.68 41.29
CA ALA B 406 49.40 -7.72 39.83
C ALA B 406 49.19 -6.35 39.19
N SER B 407 49.80 -6.14 38.02
CA SER B 407 49.62 -4.89 37.28
C SER B 407 48.86 -5.12 35.98
N ALA B 408 47.82 -5.97 36.07
CA ALA B 408 46.96 -6.31 34.95
C ALA B 408 45.79 -5.30 34.85
N ARG B 409 46.04 -4.04 35.25
CA ARG B 409 45.14 -2.92 35.08
C ARG B 409 44.97 -2.66 33.55
N LYS B 410 46.05 -2.91 32.76
CA LYS B 410 46.08 -2.79 31.31
C LYS B 410 45.33 -3.92 30.63
N GLU B 411 45.35 -5.13 31.21
CA GLU B 411 44.63 -6.29 30.71
C GLU B 411 43.11 -6.07 30.85
N ALA B 412 42.70 -5.47 31.98
CA ALA B 412 41.31 -5.16 32.27
C ALA B 412 40.83 -4.07 31.31
N ILE B 413 41.64 -3.02 31.09
CA ILE B 413 41.32 -1.93 30.17
C ILE B 413 41.21 -2.44 28.75
N ASP B 414 42.06 -3.40 28.35
CA ASP B 414 42.01 -3.92 26.98
C ASP B 414 40.74 -4.71 26.69
N LYS B 415 40.20 -5.38 27.71
CA LYS B 415 38.96 -6.15 27.55
C LYS B 415 37.75 -5.21 27.53
N ILE B 416 37.77 -4.18 28.39
CA ILE B 416 36.73 -3.16 28.41
C ILE B 416 36.73 -2.37 27.09
N ARG B 417 37.93 -2.06 26.55
CA ARG B 417 38.08 -1.35 25.29
C ARG B 417 37.51 -2.15 24.13
N THR B 418 37.77 -3.47 24.11
CA THR B 418 37.27 -4.33 23.03
C THR B 418 35.74 -4.33 23.01
N ARG B 419 35.11 -4.34 24.20
CA ARG B 419 33.66 -4.30 24.34
C ARG B 419 33.11 -2.92 24.02
N TYR B 420 33.86 -1.85 24.35
CA TYR B 420 33.42 -0.49 24.03
C TYR B 420 33.41 -0.32 22.51
N SER B 421 34.48 -0.77 21.86
CA SER B 421 34.65 -0.70 20.41
C SER B 421 33.59 -1.52 19.64
N LYS B 422 33.04 -2.57 20.27
CA LYS B 422 32.00 -3.40 19.66
C LYS B 422 30.63 -2.68 19.79
N PHE B 423 30.38 -2.01 20.93
CA PHE B 423 29.17 -1.24 21.17
C PHE B 423 29.17 0.02 20.26
N ALA B 424 30.23 0.83 20.34
CA ALA B 424 30.35 2.05 19.54
C ALA B 424 31.10 1.69 18.25
N ASN B 425 30.52 0.79 17.46
CA ASN B 425 31.15 0.36 16.21
C ASN B 425 30.86 1.33 15.04
N LYS B 426 31.23 0.95 13.80
CA LYS B 426 31.04 1.77 12.60
C LYS B 426 29.55 2.08 12.30
N ASP B 427 28.64 1.22 12.78
CA ASP B 427 27.21 1.40 12.57
C ASP B 427 26.49 2.08 13.74
N TYR B 428 27.22 2.47 14.80
CA TYR B 428 26.60 3.10 15.96
C TYR B 428 26.62 4.63 15.92
N SER B 429 25.45 5.25 16.03
CA SER B 429 25.36 6.70 16.13
C SER B 429 24.83 7.02 17.53
N ALA B 430 25.65 7.72 18.34
CA ALA B 430 25.23 8.13 19.68
C ALA B 430 24.06 9.13 19.60
N GLU B 431 24.02 9.98 18.57
CA GLU B 431 22.95 10.96 18.35
C GLU B 431 21.62 10.27 18.03
N VAL B 432 21.64 9.26 17.13
CA VAL B 432 20.44 8.50 16.80
C VAL B 432 19.99 7.73 18.04
N ASP B 433 20.92 7.10 18.76
CA ASP B 433 20.58 6.37 19.98
C ASP B 433 19.99 7.26 21.06
N LYS B 434 20.50 8.48 21.26
CA LYS B 434 19.92 9.40 22.23
C LYS B 434 18.46 9.74 21.84
N LYS B 435 18.19 9.99 20.53
CA LYS B 435 16.83 10.30 20.08
C LYS B 435 15.91 9.11 20.26
N VAL B 436 16.40 7.90 19.94
CA VAL B 436 15.58 6.69 20.14
C VAL B 436 15.32 6.49 21.64
N ALA B 437 16.36 6.62 22.48
CA ALA B 437 16.22 6.44 23.92
C ALA B 437 15.23 7.42 24.53
N VAL B 438 15.27 8.70 24.11
CA VAL B 438 14.30 9.68 24.62
C VAL B 438 12.85 9.27 24.32
N ALA B 439 12.55 8.87 23.07
CA ALA B 439 11.18 8.44 22.73
C ALA B 439 10.79 7.11 23.44
N MET B 440 11.71 6.14 23.47
CA MET B 440 11.45 4.85 24.09
C MET B 440 11.28 4.97 25.63
N LEU B 441 12.14 5.74 26.29
CA LEU B 441 12.05 5.94 27.74
C LEU B 441 10.84 6.75 28.09
N THR B 442 10.43 7.72 27.26
CA THR B 442 9.20 8.51 27.53
C THR B 442 7.98 7.57 27.59
N GLU B 443 7.88 6.62 26.64
CA GLU B 443 6.82 5.64 26.65
C GLU B 443 6.94 4.67 27.84
N TYR B 444 8.16 4.17 28.09
CA TYR B 444 8.42 3.24 29.18
C TYR B 444 8.06 3.86 30.54
N LEU B 445 8.48 5.11 30.78
CA LEU B 445 8.22 5.84 32.02
C LEU B 445 6.73 6.15 32.22
N LYS B 446 5.97 6.28 31.15
CA LYS B 446 4.51 6.48 31.21
C LYS B 446 3.79 5.14 31.56
N GLU B 447 4.40 3.99 31.20
CA GLU B 447 3.79 2.66 31.39
C GLU B 447 4.21 1.90 32.62
N ILE B 448 5.38 2.19 33.16
CA ILE B 448 5.91 1.50 34.33
C ILE B 448 5.95 2.47 35.49
N PRO B 449 5.24 2.18 36.59
CA PRO B 449 5.28 3.10 37.75
C PRO B 449 6.65 3.15 38.39
N TYR B 450 6.95 4.26 39.06
CA TYR B 450 8.20 4.52 39.77
C TYR B 450 8.70 3.33 40.59
N GLU B 451 7.81 2.68 41.39
CA GLU B 451 8.20 1.54 42.23
C GLU B 451 8.57 0.29 41.44
N ASN B 452 8.24 0.23 40.15
CA ASN B 452 8.61 -0.91 39.30
C ASN B 452 9.77 -0.59 38.32
N LEU B 453 10.32 0.64 38.39
CA LEU B 453 11.39 1.06 37.50
C LEU B 453 12.70 0.42 37.85
N PRO B 454 13.56 0.15 36.84
CA PRO B 454 14.96 -0.18 37.13
C PRO B 454 15.55 1.02 37.91
N LEU B 455 16.26 0.76 39.01
CA LEU B 455 16.76 1.76 39.95
C LEU B 455 17.29 3.05 39.31
N HIS B 456 18.12 2.98 38.25
CA HIS B 456 18.66 4.18 37.63
C HIS B 456 17.61 5.09 36.99
N LEU B 457 16.53 4.49 36.42
CA LEU B 457 15.46 5.27 35.80
C LEU B 457 14.66 6.12 36.80
N ARG B 458 14.72 5.78 38.11
CA ARG B 458 14.14 6.57 39.19
C ARG B 458 14.72 8.00 39.20
N LEU B 459 15.97 8.19 38.70
CA LEU B 459 16.63 9.49 38.60
C LEU B 459 15.94 10.45 37.66
N VAL B 460 15.09 9.95 36.71
CA VAL B 460 14.38 10.86 35.80
C VAL B 460 13.47 11.79 36.61
N LYS B 461 12.69 11.23 37.53
CA LYS B 461 11.81 12.03 38.38
C LYS B 461 12.56 12.71 39.55
N ASP B 462 13.47 11.98 40.19
CA ASP B 462 14.21 12.44 41.37
C ASP B 462 15.28 13.49 41.14
N ARG B 463 16.07 13.35 40.08
CA ARG B 463 17.20 14.23 39.81
C ARG B 463 16.99 15.16 38.63
N PHE B 464 16.24 14.70 37.61
CA PHE B 464 16.09 15.48 36.39
C PHE B 464 14.71 16.13 36.21
N ALA B 465 13.88 16.18 37.27
CA ALA B 465 12.56 16.79 37.26
C ALA B 465 11.66 16.33 36.09
N GLY B 466 11.72 15.05 35.81
CA GLY B 466 10.96 14.42 34.73
C GLY B 466 11.46 14.68 33.32
N ASP B 467 12.58 15.38 33.16
CA ASP B 467 13.13 15.70 31.82
C ASP B 467 13.95 14.52 31.30
N VAL B 468 13.32 13.69 30.45
CA VAL B 468 13.96 12.50 29.86
C VAL B 468 15.17 12.89 29.00
N GLN B 469 15.04 13.96 28.20
CA GLN B 469 16.12 14.45 27.35
C GLN B 469 17.37 14.80 28.18
N ALA B 470 17.20 15.52 29.29
CA ALA B 470 18.31 15.89 30.18
C ALA B 470 18.98 14.68 30.81
N TYR B 471 18.19 13.68 31.21
CA TYR B 471 18.68 12.45 31.79
C TYR B 471 19.58 11.71 30.78
N VAL B 472 19.09 11.54 29.55
CA VAL B 472 19.81 10.89 28.46
C VAL B 472 21.06 11.70 28.04
N ASP B 473 20.96 13.04 27.96
CA ASP B 473 22.11 13.90 27.64
C ASP B 473 23.19 13.72 28.69
N ASP B 474 22.79 13.65 29.97
CA ASP B 474 23.74 13.50 31.07
C ASP B 474 24.47 12.15 31.03
N ILE B 475 23.77 11.06 30.65
CA ILE B 475 24.36 9.74 30.51
C ILE B 475 25.55 9.79 29.52
N PHE B 476 25.40 10.46 28.38
CA PHE B 476 26.45 10.55 27.39
C PHE B 476 27.51 11.59 27.73
N ALA B 477 27.12 12.72 28.33
CA ALA B 477 28.07 13.78 28.66
C ALA B 477 29.05 13.37 29.75
N ARG B 478 28.59 12.56 30.71
CA ARG B 478 29.43 12.17 31.84
C ARG B 478 29.98 10.76 31.77
N SER B 479 29.45 9.90 30.89
CA SER B 479 29.93 8.52 30.81
C SER B 479 31.26 8.35 30.10
N VAL B 480 32.06 7.39 30.59
CA VAL B 480 33.31 6.97 29.94
C VAL B 480 33.00 6.27 28.60
N PHE B 481 31.76 5.79 28.35
CA PHE B 481 31.40 5.22 27.05
C PHE B 481 30.57 6.20 26.18
N GLY B 482 30.53 7.49 26.57
CA GLY B 482 29.77 8.52 25.86
C GLY B 482 30.39 8.96 24.54
N SER B 483 31.70 8.77 24.39
CA SER B 483 32.45 9.09 23.18
C SER B 483 33.84 8.44 23.28
N GLU B 484 34.58 8.44 22.16
CA GLU B 484 35.92 7.86 22.14
C GLU B 484 36.87 8.64 23.03
N ALA B 485 36.78 9.98 23.00
CA ALA B 485 37.65 10.85 23.82
C ALA B 485 37.39 10.67 25.32
N GLN B 486 36.14 10.37 25.69
CA GLN B 486 35.81 10.14 27.08
C GLN B 486 36.31 8.76 27.53
N PHE B 487 36.28 7.75 26.62
CA PHE B 487 36.79 6.43 26.95
C PHE B 487 38.29 6.49 27.14
N ASP B 488 39.00 7.18 26.23
CA ASP B 488 40.44 7.32 26.30
C ASP B 488 40.91 8.04 27.55
N ALA B 489 40.18 9.09 27.98
CA ALA B 489 40.54 9.80 29.21
C ALA B 489 40.40 8.86 30.41
N PHE B 490 39.39 7.98 30.39
CA PHE B 490 39.20 7.01 31.44
C PHE B 490 40.34 5.98 31.41
N ALA B 491 40.63 5.39 30.22
CA ALA B 491 41.64 4.37 30.02
C ALA B 491 43.04 4.84 30.43
N ALA B 492 43.30 6.16 30.38
CA ALA B 492 44.60 6.70 30.80
C ALA B 492 44.72 6.75 32.33
N VAL B 493 43.62 7.11 33.02
CA VAL B 493 43.59 7.20 34.49
C VAL B 493 42.36 6.43 35.01
N PRO B 494 42.37 5.08 34.93
CA PRO B 494 41.18 4.33 35.35
C PRO B 494 41.07 4.09 36.86
N SER B 495 39.84 4.17 37.35
CA SER B 495 39.54 3.88 38.74
C SER B 495 38.20 3.12 38.84
N VAL B 496 38.05 2.26 39.86
CA VAL B 496 36.80 1.52 40.03
C VAL B 496 35.67 2.44 40.49
N GLU B 497 36.00 3.56 41.18
CA GLU B 497 35.07 4.57 41.66
C GLU B 497 34.47 5.38 40.51
N LYS B 498 35.16 5.46 39.35
CA LYS B 498 34.65 6.15 38.17
C LYS B 498 33.60 5.25 37.52
N LEU B 499 33.88 3.94 37.41
CA LEU B 499 32.98 2.97 36.81
C LEU B 499 31.75 2.72 37.69
N ALA B 500 31.94 2.72 39.01
CA ALA B 500 30.87 2.51 39.99
C ALA B 500 29.82 3.62 39.96
N GLU B 501 30.23 4.83 39.59
CA GLU B 501 29.30 5.97 39.50
C GLU B 501 28.99 6.38 38.03
N ASP B 502 29.46 5.61 37.04
CA ASP B 502 29.24 5.93 35.63
C ASP B 502 27.75 5.83 35.28
N PRO B 503 27.15 6.94 34.79
CA PRO B 503 25.71 6.94 34.48
C PRO B 503 25.27 5.91 33.43
N MET B 504 26.12 5.64 32.43
CA MET B 504 25.78 4.63 31.44
C MET B 504 25.90 3.22 32.00
N VAL B 505 26.95 2.95 32.80
CA VAL B 505 27.15 1.65 33.44
C VAL B 505 25.98 1.36 34.40
N LEU B 506 25.59 2.35 35.21
CA LEU B 506 24.49 2.24 36.16
C LEU B 506 23.16 2.03 35.42
N PHE B 507 22.93 2.72 34.29
CA PHE B 507 21.72 2.51 33.49
C PHE B 507 21.70 1.05 32.98
N ALA B 508 22.77 0.61 32.28
CA ALA B 508 22.87 -0.72 31.69
C ALA B 508 22.74 -1.81 32.72
N SER B 509 23.41 -1.66 33.88
CA SER B 509 23.37 -2.62 34.99
C SER B 509 21.98 -2.67 35.57
N SER B 510 21.38 -1.52 35.83
CA SER B 510 20.03 -1.41 36.40
C SER B 510 18.94 -2.06 35.52
N VAL B 511 18.97 -1.78 34.21
CA VAL B 511 17.95 -2.33 33.30
C VAL B 511 18.16 -3.84 33.13
N PHE B 512 19.42 -4.31 33.11
CA PHE B 512 19.66 -5.76 32.99
C PHE B 512 19.31 -6.48 34.30
N ASP B 513 19.51 -5.82 35.45
CA ASP B 513 19.14 -6.40 36.76
C ASP B 513 17.62 -6.63 36.80
N GLU B 514 16.84 -5.61 36.39
CA GLU B 514 15.39 -5.67 36.39
C GLU B 514 14.86 -6.69 35.37
N TYR B 515 15.51 -6.80 34.21
CA TYR B 515 15.16 -7.76 33.17
C TYR B 515 15.37 -9.21 33.65
N ARG B 516 16.47 -9.47 34.40
CA ARG B 516 16.76 -10.79 34.95
C ARG B 516 15.86 -11.12 36.15
N LYS B 517 15.58 -10.13 36.99
CA LYS B 517 14.67 -10.30 38.13
C LYS B 517 13.25 -10.68 37.65
N LEU B 518 12.77 -10.00 36.57
CA LEU B 518 11.45 -10.26 36.00
C LEU B 518 11.39 -11.66 35.40
N TYR B 519 12.45 -12.03 34.66
CA TYR B 519 12.57 -13.36 34.06
C TYR B 519 12.53 -14.45 35.14
N ASN B 520 13.30 -14.30 36.22
CA ASN B 520 13.37 -15.26 37.31
C ASN B 520 12.05 -15.40 38.03
N GLU B 521 11.33 -14.28 38.23
CA GLU B 521 10.03 -14.32 38.89
C GLU B 521 8.95 -14.91 37.97
N LEU B 522 9.07 -14.72 36.65
CA LEU B 522 8.09 -15.22 35.69
C LEU B 522 8.26 -16.70 35.32
N ARG B 523 9.51 -17.17 35.22
CA ARG B 523 9.82 -18.57 34.83
C ARG B 523 9.00 -19.62 35.61
N PRO B 524 8.82 -19.54 36.95
CA PRO B 524 7.98 -20.55 37.64
C PRO B 524 6.54 -20.67 37.17
N TYR B 525 5.98 -19.64 36.52
CA TYR B 525 4.60 -19.69 36.03
C TYR B 525 4.42 -20.60 34.82
N ASP B 526 5.50 -20.90 34.06
CA ASP B 526 5.40 -21.78 32.90
C ASP B 526 5.02 -23.23 33.25
N ASP B 527 5.54 -23.73 34.37
CA ASP B 527 5.36 -25.12 34.80
C ASP B 527 3.92 -25.51 35.11
N PRO B 528 3.13 -24.80 35.94
CA PRO B 528 1.73 -25.22 36.14
C PRO B 528 0.94 -25.21 34.83
N ILE B 529 1.26 -24.28 33.87
CA ILE B 529 0.62 -24.23 32.55
C ILE B 529 0.99 -25.48 31.74
N LEU B 530 2.27 -25.83 31.68
CA LEU B 530 2.71 -27.01 30.94
C LEU B 530 2.05 -28.29 31.52
N ARG B 531 2.05 -28.45 32.86
CA ARG B 531 1.43 -29.62 33.50
C ARG B 531 -0.06 -29.67 33.21
N ALA B 532 -0.76 -28.51 33.29
CA ALA B 532 -2.19 -28.46 33.00
C ALA B 532 -2.47 -28.74 31.51
N GLN B 533 -1.53 -28.39 30.61
CA GLN B 533 -1.66 -28.67 29.17
C GLN B 533 -1.57 -30.14 28.86
N ARG B 534 -0.76 -30.89 29.61
CA ARG B 534 -0.68 -32.34 29.43
C ARG B 534 -2.06 -32.98 29.69
N THR B 535 -2.76 -32.53 30.76
CA THR B 535 -4.11 -33.01 31.09
C THR B 535 -5.14 -32.49 30.08
N TYR B 536 -5.02 -31.21 29.70
CA TYR B 536 -5.92 -30.58 28.73
C TYR B 536 -5.89 -31.29 27.35
N ILE B 537 -4.69 -31.49 26.80
CA ILE B 537 -4.52 -32.15 25.51
C ILE B 537 -4.89 -33.63 25.61
N ALA B 538 -4.61 -34.31 26.75
CA ALA B 538 -5.04 -35.71 26.92
C ALA B 538 -6.57 -35.83 26.78
N GLY B 539 -7.29 -34.87 27.35
CA GLY B 539 -8.75 -34.84 27.28
C GLY B 539 -9.26 -34.58 25.89
N LEU B 540 -8.65 -33.62 25.18
CA LEU B 540 -9.02 -33.30 23.80
C LEU B 540 -8.83 -34.52 22.90
N LEU B 541 -7.74 -35.27 23.08
CA LEU B 541 -7.44 -36.46 22.30
C LEU B 541 -8.39 -37.61 22.67
N GLU B 542 -8.69 -37.79 23.97
CA GLU B 542 -9.62 -38.84 24.38
C GLU B 542 -11.03 -38.54 23.85
N MET B 543 -11.44 -37.27 23.88
CA MET B 543 -12.75 -36.84 23.40
C MET B 543 -12.91 -36.88 21.87
N ASP B 544 -12.03 -36.18 21.11
CA ASP B 544 -12.19 -36.08 19.65
C ASP B 544 -11.15 -36.83 18.80
N GLY B 545 -10.20 -37.49 19.44
CA GLY B 545 -9.18 -38.26 18.75
C GLY B 545 -8.06 -37.47 18.08
N ASP B 546 -6.95 -38.18 17.83
CA ASP B 546 -5.76 -37.67 17.16
C ASP B 546 -5.92 -37.91 15.66
N GLN B 547 -6.71 -37.03 14.98
CA GLN B 547 -7.02 -37.09 13.55
C GLN B 547 -7.99 -35.95 13.20
N ASP B 548 -7.43 -34.75 13.18
CA ASP B 548 -7.95 -33.36 13.02
C ASP B 548 -7.13 -32.46 14.02
N GLN B 549 -6.79 -33.01 15.20
CA GLN B 549 -6.01 -32.33 16.18
C GLN B 549 -4.55 -32.78 16.06
N PHE B 550 -3.72 -32.01 15.34
CA PHE B 550 -2.31 -32.30 15.12
C PHE B 550 -1.48 -31.91 16.34
N PRO B 551 -0.32 -32.57 16.62
CA PRO B 551 0.48 -32.15 17.78
C PRO B 551 1.24 -30.88 17.44
N ASP B 552 1.42 -29.99 18.42
CA ASP B 552 2.19 -28.76 18.19
C ASP B 552 3.55 -29.02 17.55
N ALA B 553 3.97 -28.14 16.63
CA ALA B 553 5.28 -28.24 15.99
C ALA B 553 6.39 -28.14 17.06
N ASN B 554 7.47 -28.90 16.92
CA ASN B 554 8.56 -28.91 17.93
C ASN B 554 9.92 -29.22 17.27
N LEU B 555 10.14 -28.68 16.08
CA LEU B 555 11.32 -28.81 15.24
C LEU B 555 11.55 -30.25 14.77
N THR B 556 10.48 -31.03 14.63
CA THR B 556 10.57 -32.39 14.14
C THR B 556 9.86 -32.50 12.78
N LEU B 557 10.20 -33.56 12.02
CA LEU B 557 9.71 -33.82 10.68
C LEU B 557 8.18 -34.00 10.66
N ARG B 558 7.52 -33.20 9.83
CA ARG B 558 6.07 -33.27 9.67
C ARG B 558 5.71 -33.21 8.19
N PHE B 559 4.50 -33.68 7.88
CA PHE B 559 3.98 -33.51 6.54
C PHE B 559 2.68 -32.69 6.64
N THR B 560 2.40 -31.97 5.57
CA THR B 560 1.20 -31.20 5.42
C THR B 560 0.79 -31.31 3.96
N TYR B 561 -0.50 -31.29 3.71
CA TYR B 561 -1.03 -31.39 2.36
C TYR B 561 -2.11 -30.35 2.17
N GLY B 562 -2.33 -29.98 0.92
CA GLY B 562 -3.34 -29.02 0.56
C GLY B 562 -3.43 -28.89 -0.94
N GLN B 563 -3.81 -27.71 -1.43
CA GLN B 563 -3.93 -27.47 -2.86
C GLN B 563 -3.27 -26.14 -3.27
N VAL B 564 -2.92 -26.02 -4.55
CA VAL B 564 -2.38 -24.78 -5.15
C VAL B 564 -3.62 -23.88 -5.33
N LYS B 565 -3.67 -22.78 -4.57
CA LYS B 565 -4.87 -21.96 -4.53
C LYS B 565 -4.56 -20.57 -4.02
N GLY B 566 -5.13 -19.59 -4.69
CA GLY B 566 -5.02 -18.21 -4.22
C GLY B 566 -6.07 -17.94 -3.15
N TYR B 567 -6.37 -16.66 -2.93
CA TYR B 567 -7.34 -16.28 -1.91
C TYR B 567 -7.73 -14.82 -2.10
N SER B 568 -8.81 -14.42 -1.44
CA SER B 568 -9.28 -13.04 -1.45
C SER B 568 -8.82 -12.37 -0.16
N PRO B 569 -7.86 -11.43 -0.24
CA PRO B 569 -7.37 -10.77 0.99
C PRO B 569 -8.35 -9.80 1.64
N ARG B 570 -9.25 -9.25 0.83
CA ARG B 570 -10.24 -8.25 1.26
C ARG B 570 -11.30 -8.13 0.16
N ASP B 571 -12.39 -7.41 0.45
CA ASP B 571 -13.53 -7.21 -0.44
C ASP B 571 -13.14 -6.82 -1.86
N ASN B 572 -13.59 -7.63 -2.85
CA ASN B 572 -13.41 -7.36 -4.27
C ASN B 572 -11.96 -7.49 -4.79
N VAL B 573 -11.07 -8.10 -4.03
CA VAL B 573 -9.69 -8.30 -4.43
C VAL B 573 -9.36 -9.80 -4.42
N TYR B 574 -8.80 -10.31 -5.51
CA TYR B 574 -8.38 -11.70 -5.57
C TYR B 574 -6.92 -11.81 -5.96
N TYR B 575 -6.17 -12.61 -5.19
CA TYR B 575 -4.78 -12.91 -5.49
C TYR B 575 -4.82 -14.34 -6.02
N GLY B 576 -4.38 -14.54 -7.24
CA GLY B 576 -4.35 -15.88 -7.82
C GLY B 576 -3.29 -16.80 -7.21
N HIS B 577 -3.20 -18.01 -7.72
CA HIS B 577 -2.31 -19.02 -7.20
C HIS B 577 -0.88 -18.94 -7.75
N GLN B 578 -0.61 -18.13 -8.79
CA GLN B 578 0.70 -18.15 -9.44
C GLN B 578 1.18 -16.76 -9.89
N THR B 579 2.44 -16.43 -9.61
CA THR B 579 3.06 -15.21 -10.12
C THR B 579 3.94 -15.56 -11.32
N THR B 580 4.24 -14.58 -12.17
CA THR B 580 5.04 -14.77 -13.36
C THR B 580 6.22 -13.78 -13.42
N LEU B 581 7.16 -13.99 -14.37
CA LEU B 581 8.32 -13.13 -14.58
C LEU B 581 7.90 -11.70 -14.98
N ASP B 582 6.73 -11.55 -15.59
CA ASP B 582 6.12 -10.28 -15.92
C ASP B 582 5.92 -9.43 -14.64
N GLY B 583 5.61 -10.08 -13.51
CA GLY B 583 5.44 -9.41 -12.22
C GLY B 583 6.74 -8.89 -11.63
N VAL B 584 7.86 -9.55 -11.93
CA VAL B 584 9.20 -9.11 -11.53
C VAL B 584 9.49 -7.82 -12.32
N MET B 585 9.21 -7.82 -13.63
CA MET B 585 9.47 -6.66 -14.50
C MET B 585 8.61 -5.47 -14.14
N GLU B 586 7.34 -5.70 -13.74
CA GLU B 586 6.47 -4.63 -13.28
C GLU B 586 7.03 -3.94 -12.05
N LYS B 587 7.67 -4.71 -11.15
CA LYS B 587 8.23 -4.20 -9.90
C LYS B 587 9.62 -3.57 -10.01
N GLU B 588 10.28 -3.71 -11.16
CA GLU B 588 11.62 -3.16 -11.33
C GLU B 588 11.71 -1.66 -11.01
N ASP B 589 12.67 -1.28 -10.18
CA ASP B 589 12.95 0.10 -9.80
C ASP B 589 14.46 0.19 -9.71
N PRO B 590 15.11 0.70 -10.76
CA PRO B 590 16.58 0.75 -10.76
C PRO B 590 17.22 1.50 -9.61
N ASP B 591 16.56 2.57 -9.08
CA ASP B 591 17.15 3.33 -7.97
C ASP B 591 16.64 2.92 -6.60
N ASN B 592 16.18 1.67 -6.45
CA ASN B 592 15.75 1.07 -5.17
C ASN B 592 16.41 -0.31 -5.16
N TRP B 593 17.46 -0.49 -4.33
CA TRP B 593 18.24 -1.72 -4.21
C TRP B 593 17.40 -3.00 -4.04
N GLU B 594 16.23 -2.88 -3.40
CA GLU B 594 15.37 -4.03 -3.19
C GLU B 594 14.72 -4.52 -4.47
N PHE B 595 14.43 -3.60 -5.41
CA PHE B 595 13.73 -3.96 -6.62
C PHE B 595 14.54 -3.83 -7.90
N VAL B 596 15.87 -4.03 -7.80
CA VAL B 596 16.71 -4.05 -8.99
C VAL B 596 16.55 -5.44 -9.65
N VAL B 597 16.56 -5.47 -10.96
CA VAL B 597 16.40 -6.70 -11.73
C VAL B 597 17.72 -7.04 -12.41
N ASP B 598 18.14 -8.32 -12.26
CA ASP B 598 19.37 -8.80 -12.87
C ASP B 598 19.31 -8.64 -14.39
N PRO B 599 20.31 -7.98 -14.99
CA PRO B 599 20.29 -7.76 -16.44
C PRO B 599 20.19 -9.04 -17.27
N LYS B 600 20.81 -10.15 -16.85
CA LYS B 600 20.71 -11.42 -17.57
C LYS B 600 19.26 -11.94 -17.51
N LEU B 601 18.59 -11.76 -16.36
CA LEU B 601 17.20 -12.17 -16.20
C LEU B 601 16.26 -11.28 -17.04
N LYS B 602 16.51 -9.96 -17.06
CA LYS B 602 15.70 -9.03 -17.87
C LYS B 602 15.80 -9.36 -19.36
N ALA B 603 17.01 -9.74 -19.83
CA ALA B 603 17.24 -10.14 -21.22
C ALA B 603 16.51 -11.44 -21.55
N VAL B 604 16.52 -12.41 -20.62
CA VAL B 604 15.80 -13.68 -20.79
C VAL B 604 14.31 -13.40 -20.98
N TYR B 605 13.75 -12.51 -20.17
CA TYR B 605 12.35 -12.09 -20.26
C TYR B 605 12.06 -11.43 -21.63
N GLU B 606 12.91 -10.49 -22.06
CA GLU B 606 12.73 -9.78 -23.32
C GLU B 606 12.77 -10.70 -24.53
N ARG B 607 13.71 -11.64 -24.55
CA ARG B 607 13.82 -12.61 -25.65
C ARG B 607 12.89 -13.81 -25.51
N LYS B 608 12.19 -13.96 -24.36
CA LYS B 608 11.32 -15.10 -24.05
C LYS B 608 12.12 -16.41 -24.15
N ASP B 609 13.37 -16.37 -23.65
CA ASP B 609 14.26 -17.52 -23.70
C ASP B 609 13.95 -18.39 -22.50
N PHE B 610 12.72 -18.92 -22.46
CA PHE B 610 12.19 -19.72 -21.36
C PHE B 610 12.34 -21.22 -21.51
N GLY B 611 12.81 -21.70 -22.68
CA GLY B 611 13.02 -23.11 -22.96
C GLY B 611 11.82 -23.98 -22.64
N ARG B 612 12.08 -25.06 -21.90
CA ARG B 612 11.05 -26.00 -21.43
C ARG B 612 10.43 -25.57 -20.06
N TYR B 613 10.77 -24.37 -19.56
CA TYR B 613 10.34 -23.93 -18.23
C TYR B 613 9.06 -23.12 -18.20
N ALA B 614 8.67 -22.49 -19.32
CA ALA B 614 7.46 -21.69 -19.35
C ALA B 614 6.21 -22.57 -19.38
N ASP B 615 5.04 -22.03 -18.99
CA ASP B 615 3.80 -22.79 -19.04
C ASP B 615 3.26 -22.91 -20.51
N ARG B 616 2.05 -23.49 -20.68
CA ARG B 616 1.43 -23.67 -21.99
C ARG B 616 1.05 -22.32 -22.65
N SER B 617 0.87 -21.25 -21.86
CA SER B 617 0.55 -19.93 -22.43
C SER B 617 1.77 -19.17 -22.96
N GLY B 618 2.98 -19.61 -22.61
CA GLY B 618 4.18 -18.86 -22.97
C GLY B 618 4.63 -17.90 -21.87
N ARG B 619 3.93 -17.88 -20.72
CA ARG B 619 4.33 -17.01 -19.61
C ARG B 619 5.23 -17.79 -18.63
N MET B 620 6.32 -17.15 -18.19
CA MET B 620 7.31 -17.77 -17.32
C MET B 620 6.87 -17.71 -15.86
N PRO B 621 6.59 -18.84 -15.19
CA PRO B 621 6.18 -18.77 -13.77
C PRO B 621 7.32 -18.41 -12.84
N VAL B 622 7.00 -17.86 -11.69
CA VAL B 622 7.99 -17.51 -10.69
C VAL B 622 7.70 -18.23 -9.38
N ALA B 623 6.51 -18.03 -8.84
CA ALA B 623 6.14 -18.55 -7.55
C ALA B 623 4.67 -18.98 -7.56
N PHE B 624 4.29 -19.81 -6.60
CA PHE B 624 2.91 -20.19 -6.43
C PHE B 624 2.59 -20.28 -4.94
N CYS B 625 1.31 -20.31 -4.59
CA CYS B 625 0.92 -20.45 -3.21
C CYS B 625 0.00 -21.65 -3.00
N ALA B 626 -0.02 -22.21 -1.79
CA ALA B 626 -0.81 -23.40 -1.51
C ALA B 626 -1.43 -23.37 -0.10
N THR B 627 -2.51 -24.15 0.11
CA THR B 627 -3.22 -24.23 1.37
C THR B 627 -2.57 -25.21 2.38
N THR B 628 -1.30 -25.53 2.18
CA THR B 628 -0.53 -26.34 3.12
C THR B 628 -0.36 -25.50 4.40
N HIS B 629 -0.17 -26.21 5.52
CA HIS B 629 -0.02 -25.57 6.81
C HIS B 629 1.46 -25.58 7.22
N THR B 630 2.13 -24.42 7.09
CA THR B 630 3.54 -24.29 7.38
C THR B 630 3.79 -23.15 8.39
N THR B 631 5.03 -23.13 8.95
CA THR B 631 5.49 -22.11 9.88
C THR B 631 7.04 -21.99 9.80
N GLY B 632 7.67 -21.11 10.63
CA GLY B 632 9.13 -20.99 10.74
C GLY B 632 9.75 -22.37 10.98
N GLY B 633 10.75 -22.70 10.21
CA GLY B 633 11.32 -24.04 10.19
C GLY B 633 11.03 -24.74 8.87
N ASN B 634 9.96 -24.33 8.17
CA ASN B 634 9.57 -24.88 6.87
C ASN B 634 10.24 -24.19 5.69
N SER B 635 11.10 -23.17 5.93
CA SER B 635 11.87 -22.54 4.85
C SER B 635 12.74 -23.57 4.16
N GLY B 636 12.64 -23.67 2.83
CA GLY B 636 13.42 -24.62 2.04
C GLY B 636 12.75 -25.97 1.84
N SER B 637 11.55 -26.16 2.39
CA SER B 637 10.85 -27.43 2.30
C SER B 637 10.50 -27.81 0.89
N PRO B 638 10.68 -29.11 0.56
CA PRO B 638 10.28 -29.56 -0.78
C PRO B 638 8.74 -29.54 -0.88
N VAL B 639 8.23 -29.06 -2.02
CA VAL B 639 6.82 -29.07 -2.31
C VAL B 639 6.64 -30.12 -3.40
N MET B 640 5.77 -31.09 -3.14
CA MET B 640 5.53 -32.20 -4.02
C MET B 640 4.18 -32.17 -4.66
N ASN B 641 4.15 -32.72 -5.88
CA ASN B 641 3.06 -33.12 -6.76
C ASN B 641 2.24 -34.23 -6.09
N ALA B 642 1.11 -34.64 -6.73
CA ALA B 642 0.35 -35.83 -6.37
C ALA B 642 1.22 -37.10 -6.57
N ASN B 643 2.22 -37.04 -7.47
CA ASN B 643 3.18 -38.11 -7.74
C ASN B 643 4.47 -38.06 -6.91
N GLY B 644 4.60 -37.11 -6.01
CA GLY B 644 5.80 -36.99 -5.18
C GLY B 644 6.97 -36.31 -5.85
N GLU B 645 6.75 -35.74 -7.05
CA GLU B 645 7.80 -35.03 -7.77
C GLU B 645 7.90 -33.60 -7.25
N LEU B 646 9.10 -33.05 -7.22
CA LEU B 646 9.37 -31.71 -6.76
C LEU B 646 8.83 -30.66 -7.73
N ILE B 647 7.88 -29.84 -7.25
CA ILE B 647 7.28 -28.73 -8.01
C ILE B 647 7.69 -27.34 -7.47
N GLY B 648 8.32 -27.28 -6.31
CA GLY B 648 8.75 -26.03 -5.73
C GLY B 648 9.41 -26.16 -4.37
N LEU B 649 9.79 -25.01 -3.81
CA LEU B 649 10.38 -24.92 -2.50
C LEU B 649 9.58 -23.93 -1.73
N ASN B 650 9.19 -24.28 -0.51
CA ASN B 650 8.51 -23.34 0.35
C ASN B 650 9.56 -22.29 0.81
N PHE B 651 9.21 -21.00 0.86
CA PHE B 651 10.16 -19.99 1.34
C PHE B 651 9.55 -18.94 2.24
N ASP B 652 8.23 -18.83 2.28
CA ASP B 652 7.57 -17.84 3.15
C ASP B 652 6.09 -18.21 3.35
N ARG B 653 5.36 -17.40 4.08
CA ARG B 653 3.91 -17.50 4.27
C ARG B 653 3.37 -16.04 4.32
N ASN B 654 2.15 -15.84 3.83
CA ASN B 654 1.58 -14.48 3.79
C ASN B 654 1.24 -14.03 5.22
N TRP B 655 1.32 -12.72 5.49
CA TRP B 655 1.07 -12.16 6.83
C TRP B 655 -0.33 -12.47 7.33
N GLU B 656 -1.31 -12.59 6.41
CA GLU B 656 -2.68 -12.90 6.81
C GLU B 656 -2.80 -14.26 7.48
N GLY B 657 -1.87 -15.18 7.18
CA GLY B 657 -1.87 -16.49 7.77
C GLY B 657 -0.96 -16.70 8.96
N VAL B 658 -0.28 -15.63 9.50
CA VAL B 658 0.64 -15.85 10.64
C VAL B 658 -0.12 -16.29 11.93
N GLY B 659 -1.38 -15.91 12.07
CA GLY B 659 -2.23 -16.38 13.16
C GLY B 659 -2.52 -17.88 13.09
N GLY B 660 -2.14 -18.52 11.97
CA GLY B 660 -2.23 -19.95 11.69
C GLY B 660 -1.43 -20.80 12.64
N ASP B 661 -0.45 -20.22 13.37
CA ASP B 661 0.27 -20.96 14.40
C ASP B 661 -0.67 -21.29 15.58
N ILE B 662 -1.76 -20.54 15.76
CA ILE B 662 -2.74 -20.78 16.82
C ILE B 662 -3.99 -21.42 16.18
N GLN B 663 -4.45 -20.88 15.06
CA GLN B 663 -5.63 -21.39 14.38
C GLN B 663 -5.43 -21.30 12.87
N TYR B 664 -5.38 -22.45 12.17
CA TYR B 664 -5.24 -22.47 10.71
C TYR B 664 -6.37 -21.63 10.04
N LEU B 665 -6.03 -20.80 9.06
CA LEU B 665 -7.02 -19.92 8.42
C LEU B 665 -7.25 -20.34 7.00
N ALA B 666 -8.21 -21.25 6.74
CA ALA B 666 -8.45 -21.81 5.42
C ALA B 666 -8.61 -20.80 4.28
N ASP B 667 -9.28 -19.66 4.55
CA ASP B 667 -9.53 -18.63 3.53
C ASP B 667 -8.43 -17.60 3.36
N TYR B 668 -7.39 -17.63 4.19
CA TYR B 668 -6.32 -16.62 4.08
C TYR B 668 -4.92 -17.18 4.10
N GLN B 669 -4.68 -18.21 4.91
CA GLN B 669 -3.33 -18.74 5.10
C GLN B 669 -2.78 -19.50 3.92
N ARG B 670 -1.62 -19.06 3.40
CA ARG B 670 -0.97 -19.75 2.29
C ARG B 670 0.53 -19.89 2.47
N SER B 671 1.09 -21.01 1.98
CA SER B 671 2.54 -21.20 1.92
C SER B 671 2.97 -20.53 0.60
N ILE B 672 4.05 -19.74 0.62
CA ILE B 672 4.57 -19.03 -0.54
C ILE B 672 5.75 -19.86 -1.05
N ILE B 673 5.68 -20.32 -2.30
CA ILE B 673 6.62 -21.29 -2.83
C ILE B 673 7.29 -20.84 -4.13
N VAL B 674 8.62 -21.04 -4.28
CA VAL B 674 9.29 -20.69 -5.52
C VAL B 674 9.07 -21.88 -6.47
N ASP B 675 8.54 -21.61 -7.68
CA ASP B 675 8.24 -22.63 -8.68
C ASP B 675 9.57 -23.27 -9.10
N ILE B 676 9.63 -24.63 -9.15
CA ILE B 676 10.87 -25.30 -9.52
C ILE B 676 11.29 -24.96 -10.97
N ARG B 677 10.32 -24.63 -11.84
CA ARG B 677 10.62 -24.25 -13.20
C ARG B 677 11.43 -22.93 -13.22
N TYR B 678 11.12 -22.00 -12.30
CA TYR B 678 11.83 -20.74 -12.18
C TYR B 678 13.26 -21.00 -11.65
N VAL B 679 13.42 -21.93 -10.69
CA VAL B 679 14.71 -22.36 -10.14
C VAL B 679 15.60 -22.88 -11.30
N LEU B 680 15.06 -23.78 -12.13
CA LEU B 680 15.80 -24.35 -13.25
C LEU B 680 16.09 -23.32 -14.34
N LEU B 681 15.17 -22.38 -14.59
CA LEU B 681 15.43 -21.29 -15.54
C LEU B 681 16.61 -20.43 -15.03
N VAL B 682 16.69 -20.14 -13.73
CA VAL B 682 17.77 -19.32 -13.19
C VAL B 682 19.13 -20.05 -13.25
N ILE B 683 19.17 -21.33 -12.84
CA ILE B 683 20.39 -22.16 -12.93
C ILE B 683 20.91 -22.20 -14.39
N ASP B 684 19.99 -22.42 -15.33
CA ASP B 684 20.27 -22.53 -16.76
C ASP B 684 20.60 -21.20 -17.49
N LYS B 685 19.70 -20.22 -17.45
CA LYS B 685 19.87 -19.00 -18.23
C LYS B 685 20.56 -17.87 -17.50
N VAL B 686 20.65 -17.93 -16.16
CA VAL B 686 21.36 -16.89 -15.43
C VAL B 686 22.74 -17.41 -15.01
N GLY B 687 22.76 -18.56 -14.35
CA GLY B 687 24.01 -19.16 -13.91
C GLY B 687 24.79 -19.89 -14.98
N GLY B 688 24.09 -20.41 -15.99
CA GLY B 688 24.69 -21.18 -17.06
C GLY B 688 25.37 -22.43 -16.54
N CYS B 689 24.82 -23.00 -15.44
CA CYS B 689 25.40 -24.18 -14.81
C CYS B 689 24.69 -25.46 -15.22
N GLN B 690 24.88 -25.85 -16.49
CA GLN B 690 24.28 -27.03 -17.13
C GLN B 690 24.52 -28.38 -16.41
N ARG B 691 25.68 -28.53 -15.77
CA ARG B 691 26.02 -29.76 -15.08
C ARG B 691 25.01 -30.09 -13.94
N LEU B 692 24.42 -29.05 -13.33
CA LEU B 692 23.44 -29.24 -12.25
C LEU B 692 22.11 -29.74 -12.79
N LEU B 693 21.72 -29.26 -13.97
CA LEU B 693 20.52 -29.72 -14.64
C LEU B 693 20.70 -31.18 -15.05
N ASP B 694 21.86 -31.53 -15.66
CA ASP B 694 22.18 -32.88 -16.12
C ASP B 694 22.21 -33.92 -15.00
N GLU B 695 22.65 -33.54 -13.78
CA GLU B 695 22.70 -34.51 -12.67
C GLU B 695 21.36 -34.73 -11.98
N MET B 696 20.38 -33.85 -12.21
CA MET B 696 19.03 -34.00 -11.67
C MET B 696 18.23 -34.93 -12.58
N ASN B 697 17.25 -35.65 -12.03
CA ASN B 697 16.35 -36.46 -12.83
C ASN B 697 15.10 -35.63 -13.12
N ILE B 698 15.09 -34.98 -14.27
CA ILE B 698 13.99 -34.11 -14.69
C ILE B 698 12.95 -34.89 -15.49
N VAL B 699 11.70 -34.93 -14.99
CA VAL B 699 10.64 -35.68 -15.66
C VAL B 699 9.72 -34.74 -16.45
N PRO B 700 9.42 -35.12 -17.70
CA PRO B 700 8.55 -34.26 -18.54
C PRO B 700 7.10 -34.18 -18.03
#